data_1H0A
# 
_entry.id   1H0A 
# 
_audit_conform.dict_name       mmcif_pdbx.dic 
_audit_conform.dict_version    5.382 
_audit_conform.dict_location   http://mmcif.pdb.org/dictionaries/ascii/mmcif_pdbx.dic 
# 
loop_
_database_2.database_id 
_database_2.database_code 
_database_2.pdbx_database_accession 
_database_2.pdbx_DOI 
PDB   1H0A         pdb_00001h0a 10.2210/pdb1h0a/pdb 
PDBE  EBI-9407     ?            ?                   
WWPDB D_1290009407 ?            ?                   
# 
loop_
_pdbx_database_related.db_name 
_pdbx_database_related.db_id 
_pdbx_database_related.content_type 
_pdbx_database_related.details 
PDB 1EDU unspecified 'CRYSTAL STRUCTURE OF THE ENTH DOMAIN OF RAT EPSIN 1'                                          
PDB 1EYH unspecified 'CRYSTAL STRUCTURE OF THE EPSIN N-TERMINAL HOMOLOGY (ENTH) DOMAIN AT 1.56 ANGSTROM RESOLUTION' 
# 
_pdbx_database_status.status_code                     REL 
_pdbx_database_status.entry_id                        1H0A 
_pdbx_database_status.deposit_site                    PDBE 
_pdbx_database_status.process_site                    PDBE 
_pdbx_database_status.SG_entry                        . 
_pdbx_database_status.recvd_initial_deposition_date   2002-06-12 
_pdbx_database_status.pdb_format_compatible           Y 
_pdbx_database_status.status_code_sf                  REL 
_pdbx_database_status.status_code_mr                  ? 
_pdbx_database_status.status_code_cs                  ? 
_pdbx_database_status.methods_development_category    ? 
_pdbx_database_status.status_code_nmr_data            ? 
# 
loop_
_audit_author.name 
_audit_author.pdbx_ordinal 
'Ford, M.G.J.'  1 
'McMahon, H.T.' 2 
'Evans, P.R.'   3 
# 
_citation.id                        primary 
_citation.title                     'Curvature of Clathrin-Coated Pits Driven by Epsin' 
_citation.journal_abbrev            Nature 
_citation.journal_volume            419 
_citation.page_first                361 
_citation.page_last                 ? 
_citation.year                      2002 
_citation.journal_id_ASTM           NATUAS 
_citation.country                   UK 
_citation.journal_id_ISSN           0028-0836 
_citation.journal_id_CSD            0006 
_citation.book_publisher            ? 
_citation.pdbx_database_id_PubMed   12353027 
_citation.pdbx_database_id_DOI      10.1038/NATURE01020 
# 
loop_
_citation_author.citation_id 
_citation_author.name 
_citation_author.ordinal 
_citation_author.identifier_ORCID 
primary 'Ford, M.G.J.'  1 ? 
primary 'Mills, I.'     2 ? 
primary 'Peter, B.'     3 ? 
primary 'Vallis, Y.'    4 ? 
primary 'Praefcke, G.'  5 ? 
primary 'Evans, P.R.'   6 ? 
primary 'Mcmahon, H.T.' 7 ? 
# 
_cell.entry_id           1H0A 
_cell.length_a           41.209 
_cell.length_b           95.823 
_cell.length_c           118.151 
_cell.angle_alpha        90.00 
_cell.angle_beta         90.00 
_cell.angle_gamma        90.00 
_cell.Z_PDB              8 
_cell.pdbx_unique_axis   ? 
# 
_symmetry.entry_id                         1H0A 
_symmetry.space_group_name_H-M             'I 2 2 2' 
_symmetry.pdbx_full_space_group_name_H-M   ? 
_symmetry.cell_setting                     ? 
_symmetry.Int_Tables_number                23 
# 
loop_
_entity.id 
_entity.type 
_entity.src_method 
_entity.pdbx_description 
_entity.formula_weight 
_entity.pdbx_number_of_molecules 
_entity.pdbx_ec 
_entity.pdbx_mutation 
_entity.pdbx_fragment 
_entity.details 
1 polymer     man EPSIN                             18416.010 1   ? ? 'ENTH DOMAIN, RESIDUES 1-158' ? 
2 non-polymer syn '1,4-DIETHYLENE DIOXIDE'          88.105    5   ? ? ?                             ? 
3 non-polymer syn D-MYO-INOSITOL-1,4,5-TRIPHOSPHATE 420.096   1   ? ? ?                             ? 
4 water       nat water                             18.015    204 ? ? ?                             ? 
# 
_entity_poly.entity_id                      1 
_entity_poly.type                           'polypeptide(L)' 
_entity_poly.nstd_linkage                   no 
_entity_poly.nstd_monomer                   no 
_entity_poly.pdbx_seq_one_letter_code       
;MSTSSLRRQMKNIVHNYSEAEIKVREATSNDPWGPSSSLMSEIADLTYNVVAFSEIMSMIWKRLNDHGKNWRHVYKAMTL
MEYLIKTGSERVSQQCKENMYAVQTLKDFQYVDRDGKDQGVNVREKAKQLVALLRDEDRLREERAHALKTKEKLAQTA
;
_entity_poly.pdbx_seq_one_letter_code_can   
;MSTSSLRRQMKNIVHNYSEAEIKVREATSNDPWGPSSSLMSEIADLTYNVVAFSEIMSMIWKRLNDHGKNWRHVYKAMTL
MEYLIKTGSERVSQQCKENMYAVQTLKDFQYVDRDGKDQGVNVREKAKQLVALLRDEDRLREERAHALKTKEKLAQTA
;
_entity_poly.pdbx_strand_id                 A 
_entity_poly.pdbx_target_identifier         ? 
# 
loop_
_entity_poly_seq.entity_id 
_entity_poly_seq.num 
_entity_poly_seq.mon_id 
_entity_poly_seq.hetero 
1 1   MET n 
1 2   SER n 
1 3   THR n 
1 4   SER n 
1 5   SER n 
1 6   LEU n 
1 7   ARG n 
1 8   ARG n 
1 9   GLN n 
1 10  MET n 
1 11  LYS n 
1 12  ASN n 
1 13  ILE n 
1 14  VAL n 
1 15  HIS n 
1 16  ASN n 
1 17  TYR n 
1 18  SER n 
1 19  GLU n 
1 20  ALA n 
1 21  GLU n 
1 22  ILE n 
1 23  LYS n 
1 24  VAL n 
1 25  ARG n 
1 26  GLU n 
1 27  ALA n 
1 28  THR n 
1 29  SER n 
1 30  ASN n 
1 31  ASP n 
1 32  PRO n 
1 33  TRP n 
1 34  GLY n 
1 35  PRO n 
1 36  SER n 
1 37  SER n 
1 38  SER n 
1 39  LEU n 
1 40  MET n 
1 41  SER n 
1 42  GLU n 
1 43  ILE n 
1 44  ALA n 
1 45  ASP n 
1 46  LEU n 
1 47  THR n 
1 48  TYR n 
1 49  ASN n 
1 50  VAL n 
1 51  VAL n 
1 52  ALA n 
1 53  PHE n 
1 54  SER n 
1 55  GLU n 
1 56  ILE n 
1 57  MET n 
1 58  SER n 
1 59  MET n 
1 60  ILE n 
1 61  TRP n 
1 62  LYS n 
1 63  ARG n 
1 64  LEU n 
1 65  ASN n 
1 66  ASP n 
1 67  HIS n 
1 68  GLY n 
1 69  LYS n 
1 70  ASN n 
1 71  TRP n 
1 72  ARG n 
1 73  HIS n 
1 74  VAL n 
1 75  TYR n 
1 76  LYS n 
1 77  ALA n 
1 78  MET n 
1 79  THR n 
1 80  LEU n 
1 81  MET n 
1 82  GLU n 
1 83  TYR n 
1 84  LEU n 
1 85  ILE n 
1 86  LYS n 
1 87  THR n 
1 88  GLY n 
1 89  SER n 
1 90  GLU n 
1 91  ARG n 
1 92  VAL n 
1 93  SER n 
1 94  GLN n 
1 95  GLN n 
1 96  CYS n 
1 97  LYS n 
1 98  GLU n 
1 99  ASN n 
1 100 MET n 
1 101 TYR n 
1 102 ALA n 
1 103 VAL n 
1 104 GLN n 
1 105 THR n 
1 106 LEU n 
1 107 LYS n 
1 108 ASP n 
1 109 PHE n 
1 110 GLN n 
1 111 TYR n 
1 112 VAL n 
1 113 ASP n 
1 114 ARG n 
1 115 ASP n 
1 116 GLY n 
1 117 LYS n 
1 118 ASP n 
1 119 GLN n 
1 120 GLY n 
1 121 VAL n 
1 122 ASN n 
1 123 VAL n 
1 124 ARG n 
1 125 GLU n 
1 126 LYS n 
1 127 ALA n 
1 128 LYS n 
1 129 GLN n 
1 130 LEU n 
1 131 VAL n 
1 132 ALA n 
1 133 LEU n 
1 134 LEU n 
1 135 ARG n 
1 136 ASP n 
1 137 GLU n 
1 138 ASP n 
1 139 ARG n 
1 140 LEU n 
1 141 ARG n 
1 142 GLU n 
1 143 GLU n 
1 144 ARG n 
1 145 ALA n 
1 146 HIS n 
1 147 ALA n 
1 148 LEU n 
1 149 LYS n 
1 150 THR n 
1 151 LYS n 
1 152 GLU n 
1 153 LYS n 
1 154 LEU n 
1 155 ALA n 
1 156 GLN n 
1 157 THR n 
1 158 ALA n 
# 
_entity_src_gen.entity_id                          1 
_entity_src_gen.pdbx_src_id                        1 
_entity_src_gen.pdbx_alt_source_flag               sample 
_entity_src_gen.pdbx_seq_type                      ? 
_entity_src_gen.pdbx_beg_seq_num                   ? 
_entity_src_gen.pdbx_end_seq_num                   ? 
_entity_src_gen.gene_src_common_name               RAT 
_entity_src_gen.gene_src_genus                     ? 
_entity_src_gen.pdbx_gene_src_gene                 ? 
_entity_src_gen.gene_src_species                   ? 
_entity_src_gen.gene_src_strain                    ? 
_entity_src_gen.gene_src_tissue                    ? 
_entity_src_gen.gene_src_tissue_fraction           ? 
_entity_src_gen.gene_src_details                   ? 
_entity_src_gen.pdbx_gene_src_fragment             ? 
_entity_src_gen.pdbx_gene_src_scientific_name      'RATTUS NORVEGICUS' 
_entity_src_gen.pdbx_gene_src_ncbi_taxonomy_id     10116 
_entity_src_gen.pdbx_gene_src_variant              ? 
_entity_src_gen.pdbx_gene_src_cell_line            ? 
_entity_src_gen.pdbx_gene_src_atcc                 ? 
_entity_src_gen.pdbx_gene_src_organ                ? 
_entity_src_gen.pdbx_gene_src_organelle            ? 
_entity_src_gen.pdbx_gene_src_cell                 ? 
_entity_src_gen.pdbx_gene_src_cellular_location    ? 
_entity_src_gen.host_org_common_name               ? 
_entity_src_gen.pdbx_host_org_scientific_name      'ESCHERICHIA COLI' 
_entity_src_gen.pdbx_host_org_ncbi_taxonomy_id     511693 
_entity_src_gen.host_org_genus                     ? 
_entity_src_gen.pdbx_host_org_gene                 ? 
_entity_src_gen.pdbx_host_org_organ                ? 
_entity_src_gen.host_org_species                   ? 
_entity_src_gen.pdbx_host_org_tissue               ? 
_entity_src_gen.pdbx_host_org_tissue_fraction      ? 
_entity_src_gen.pdbx_host_org_strain               BL21 
_entity_src_gen.pdbx_host_org_variant              'CODON PLUS' 
_entity_src_gen.pdbx_host_org_cell_line            ? 
_entity_src_gen.pdbx_host_org_atcc                 ? 
_entity_src_gen.pdbx_host_org_culture_collection   ? 
_entity_src_gen.pdbx_host_org_cell                 ? 
_entity_src_gen.pdbx_host_org_organelle            ? 
_entity_src_gen.pdbx_host_org_cellular_location    ? 
_entity_src_gen.pdbx_host_org_vector_type          ? 
_entity_src_gen.pdbx_host_org_vector               ? 
_entity_src_gen.host_org_details                   ? 
_entity_src_gen.expression_system_id               ? 
_entity_src_gen.plasmid_name                       PGEX-4T2 
_entity_src_gen.plasmid_details                    ? 
_entity_src_gen.pdbx_description                   ? 
# 
_struct_ref.id                         1 
_struct_ref.db_name                    UNP 
_struct_ref.db_code                    O88339 
_struct_ref.entity_id                  1 
_struct_ref.pdbx_seq_one_letter_code   ? 
_struct_ref.pdbx_align_begin           ? 
_struct_ref.pdbx_db_accession          O88339 
_struct_ref.pdbx_db_isoform            ? 
# 
_struct_ref_seq.align_id                      1 
_struct_ref_seq.ref_id                        1 
_struct_ref_seq.pdbx_PDB_id_code              1H0A 
_struct_ref_seq.pdbx_strand_id                A 
_struct_ref_seq.seq_align_beg                 1 
_struct_ref_seq.pdbx_seq_align_beg_ins_code   ? 
_struct_ref_seq.seq_align_end                 158 
_struct_ref_seq.pdbx_seq_align_end_ins_code   ? 
_struct_ref_seq.pdbx_db_accession             O88339 
_struct_ref_seq.db_align_beg                  1 
_struct_ref_seq.pdbx_db_align_beg_ins_code    ? 
_struct_ref_seq.db_align_end                  158 
_struct_ref_seq.pdbx_db_align_end_ins_code    ? 
_struct_ref_seq.pdbx_auth_seq_align_beg       1 
_struct_ref_seq.pdbx_auth_seq_align_end       158 
# 
loop_
_chem_comp.id 
_chem_comp.type 
_chem_comp.mon_nstd_flag 
_chem_comp.name 
_chem_comp.pdbx_synonyms 
_chem_comp.formula 
_chem_comp.formula_weight 
ALA 'L-peptide linking' y ALANINE                           ? 'C3 H7 N O2'     89.093  
ARG 'L-peptide linking' y ARGININE                          ? 'C6 H15 N4 O2 1' 175.209 
ASN 'L-peptide linking' y ASPARAGINE                        ? 'C4 H8 N2 O3'    132.118 
ASP 'L-peptide linking' y 'ASPARTIC ACID'                   ? 'C4 H7 N O4'     133.103 
CYS 'L-peptide linking' y CYSTEINE                          ? 'C3 H7 N O2 S'   121.158 
DIO non-polymer         . '1,4-DIETHYLENE DIOXIDE'          ? 'C4 H8 O2'       88.105  
GLN 'L-peptide linking' y GLUTAMINE                         ? 'C5 H10 N2 O3'   146.144 
GLU 'L-peptide linking' y 'GLUTAMIC ACID'                   ? 'C5 H9 N O4'     147.129 
GLY 'peptide linking'   y GLYCINE                           ? 'C2 H5 N O2'     75.067  
HIS 'L-peptide linking' y HISTIDINE                         ? 'C6 H10 N3 O2 1' 156.162 
HOH non-polymer         . WATER                             ? 'H2 O'           18.015  
I3P non-polymer         . D-MYO-INOSITOL-1,4,5-TRIPHOSPHATE ? 'C6 H15 O15 P3'  420.096 
ILE 'L-peptide linking' y ISOLEUCINE                        ? 'C6 H13 N O2'    131.173 
LEU 'L-peptide linking' y LEUCINE                           ? 'C6 H13 N O2'    131.173 
LYS 'L-peptide linking' y LYSINE                            ? 'C6 H15 N2 O2 1' 147.195 
MET 'L-peptide linking' y METHIONINE                        ? 'C5 H11 N O2 S'  149.211 
PHE 'L-peptide linking' y PHENYLALANINE                     ? 'C9 H11 N O2'    165.189 
PRO 'L-peptide linking' y PROLINE                           ? 'C5 H9 N O2'     115.130 
SER 'L-peptide linking' y SERINE                            ? 'C3 H7 N O3'     105.093 
THR 'L-peptide linking' y THREONINE                         ? 'C4 H9 N O3'     119.119 
TRP 'L-peptide linking' y TRYPTOPHAN                        ? 'C11 H12 N2 O2'  204.225 
TYR 'L-peptide linking' y TYROSINE                          ? 'C9 H11 N O3'    181.189 
VAL 'L-peptide linking' y VALINE                            ? 'C5 H11 N O2'    117.146 
# 
_exptl.entry_id          1H0A 
_exptl.method            'X-RAY DIFFRACTION' 
_exptl.crystals_number   1 
# 
_exptl_crystal.id                    1 
_exptl_crystal.density_meas          ? 
_exptl_crystal.density_Matthews      3.3 
_exptl_crystal.density_percent_sol   62.8 
_exptl_crystal.description           ? 
# 
_exptl_crystal_grow.crystal_id      1 
_exptl_crystal_grow.method          ? 
_exptl_crystal_grow.temp            ? 
_exptl_crystal_grow.temp_details    ? 
_exptl_crystal_grow.pH              7.40 
_exptl_crystal_grow.pdbx_pH_range   ? 
_exptl_crystal_grow.pdbx_details    '35-38% DIOXANE, pH 7.40' 
# 
_diffrn.id                     1 
_diffrn.ambient_temp           100.0 
_diffrn.ambient_temp_details   ? 
_diffrn.crystal_id             1 
# 
_diffrn_detector.diffrn_id              1 
_diffrn_detector.detector               CCD 
_diffrn_detector.type                   'ADSC CCD' 
_diffrn_detector.pdbx_collection_date   2001-11-15 
_diffrn_detector.details                'BENT MIRROR' 
# 
_diffrn_radiation.diffrn_id                        1 
_diffrn_radiation.wavelength_id                    1 
_diffrn_radiation.pdbx_monochromatic_or_laue_m_l   M 
_diffrn_radiation.monochromator                    SI 
_diffrn_radiation.pdbx_diffrn_protocol             'SINGLE WAVELENGTH' 
_diffrn_radiation.pdbx_scattering_type             x-ray 
# 
_diffrn_radiation_wavelength.id           1 
_diffrn_radiation_wavelength.wavelength   0.98 
_diffrn_radiation_wavelength.wt           1.0 
# 
_diffrn_source.diffrn_id                   1 
_diffrn_source.source                      SYNCHROTRON 
_diffrn_source.type                        'ESRF BEAMLINE ID29' 
_diffrn_source.pdbx_synchrotron_site       ESRF 
_diffrn_source.pdbx_synchrotron_beamline   ID29 
_diffrn_source.pdbx_wavelength             0.98 
_diffrn_source.pdbx_wavelength_list        ? 
# 
_reflns.pdbx_diffrn_id               1 
_reflns.pdbx_ordinal                 1 
_reflns.entry_id                     1H0A 
_reflns.observed_criterion_sigma_I   6.000 
_reflns.observed_criterion_sigma_F   ? 
_reflns.d_resolution_low             74.540 
_reflns.d_resolution_high            1.700 
_reflns.number_obs                   24504 
_reflns.number_all                   ? 
_reflns.percent_possible_obs         97.6 
_reflns.pdbx_Rmerge_I_obs            0.09300 
_reflns.pdbx_Rsym_value              ? 
_reflns.pdbx_netI_over_sigmaI        5.9798 
_reflns.B_iso_Wilson_estimate        ? 
_reflns.pdbx_redundancy              5.880 
# 
_reflns_shell.pdbx_diffrn_id         1 
_reflns_shell.pdbx_ordinal           1 
_reflns_shell.d_res_high             1.70 
_reflns_shell.d_res_low              1.79 
_reflns_shell.percent_possible_all   88.5 
_reflns_shell.Rmerge_I_obs           0.55800 
_reflns_shell.pdbx_Rsym_value        ? 
_reflns_shell.meanI_over_sigI_obs    1.330 
_reflns_shell.pdbx_redundancy        2.70 
# 
_refine.pdbx_refine_id                           'X-RAY DIFFRACTION' 
_refine.entry_id                                 1H0A 
_refine.pdbx_diffrn_id                           1 
_refine.pdbx_TLS_residual_ADP_flag               ? 
_refine.ls_number_reflns_obs                     22928 
_refine.ls_number_reflns_all                     ? 
_refine.pdbx_ls_sigma_I                          ? 
_refine.pdbx_ls_sigma_F                          ? 
_refine.pdbx_data_cutoff_high_absF               ? 
_refine.pdbx_data_cutoff_low_absF                ? 
_refine.pdbx_data_cutoff_high_rms_absF           ? 
_refine.ls_d_res_low                             74.54 
_refine.ls_d_res_high                            1.70 
_refine.ls_percent_reflns_obs                    97.4 
_refine.ls_R_factor_obs                          0.189 
_refine.ls_R_factor_all                          ? 
_refine.ls_R_factor_R_work                       0.185 
_refine.ls_R_factor_R_free                       0.228 
_refine.ls_R_factor_R_free_error                 ? 
_refine.ls_R_factor_R_free_error_details         ? 
_refine.ls_percent_reflns_R_free                 10.000 
_refine.ls_number_reflns_R_free                  2559 
_refine.ls_number_parameters                     ? 
_refine.ls_number_restraints                     ? 
_refine.occupancy_min                            ? 
_refine.occupancy_max                            ? 
_refine.correlation_coeff_Fo_to_Fc               0.965 
_refine.correlation_coeff_Fo_to_Fc_free          0.944 
_refine.B_iso_mean                               28.99 
_refine.aniso_B[1][1]                            -1.83000 
_refine.aniso_B[2][2]                            3.14000 
_refine.aniso_B[3][3]                            -1.32000 
_refine.aniso_B[1][2]                            0.00000 
_refine.aniso_B[1][3]                            0.00000 
_refine.aniso_B[2][3]                            0.00000 
_refine.solvent_model_details                    'BABINET MODEL WITH MASK' 
_refine.solvent_model_param_ksol                 ? 
_refine.solvent_model_param_bsol                 ? 
_refine.pdbx_solvent_vdw_probe_radii             1.40 
_refine.pdbx_solvent_ion_probe_radii             0.80 
_refine.pdbx_solvent_shrinkage_radii             0.80 
_refine.pdbx_ls_cross_valid_method               THROUGHOUT 
_refine.details                                  
;HYDROGENS HAVE BEEN ADDED IN THE RIDING POSITIONS CRYSTALLISATION CONDITIONS CONTAINED A 3-FOLD MOLAR EXCESS OF INS(1,4,5)P3 OVER THE EPSIN ENTH
;
_refine.pdbx_starting_model                      'PDB ENTRY 1EDU' 
_refine.pdbx_method_to_determine_struct          'MOLECULAR REPLACEMENT' 
_refine.pdbx_isotropic_thermal_model             ? 
_refine.pdbx_stereochemistry_target_values       'MAXIMUM LIKELIHOOD' 
_refine.pdbx_stereochem_target_val_spec_case     ? 
_refine.pdbx_R_Free_selection_details            RANDOM 
_refine.pdbx_overall_ESU_R                       0.103 
_refine.pdbx_overall_ESU_R_Free                  0.107 
_refine.overall_SU_ML                            0.083 
_refine.pdbx_overall_phase_error                 ? 
_refine.overall_SU_B                             2.725 
_refine.overall_SU_R_Cruickshank_DPI             ? 
_refine.pdbx_overall_SU_R_free_Cruickshank_DPI   ? 
_refine.pdbx_overall_SU_R_Blow_DPI               ? 
_refine.pdbx_overall_SU_R_free_Blow_DPI          ? 
# 
_refine_hist.pdbx_refine_id                   'X-RAY DIFFRACTION' 
_refine_hist.cycle_id                         LAST 
_refine_hist.pdbx_number_atoms_protein        1286 
_refine_hist.pdbx_number_atoms_nucleic_acid   0 
_refine_hist.pdbx_number_atoms_ligand         54 
_refine_hist.number_atoms_solvent             204 
_refine_hist.number_atoms_total               1544 
_refine_hist.d_res_high                       1.70 
_refine_hist.d_res_low                        74.54 
# 
loop_
_refine_ls_restr.type 
_refine_ls_restr.dev_ideal 
_refine_ls_restr.dev_ideal_target 
_refine_ls_restr.weight 
_refine_ls_restr.number 
_refine_ls_restr.pdbx_refine_id 
_refine_ls_restr.pdbx_restraint_function 
r_bond_refined_d             ?     ?     ? ?    'X-RAY DIFFRACTION' ? 
r_bond_other_d               ?     ?     ? ?    'X-RAY DIFFRACTION' ? 
r_angle_refined_deg          ?     ?     ? ?    'X-RAY DIFFRACTION' ? 
r_angle_other_deg            ?     ?     ? ?    'X-RAY DIFFRACTION' ? 
r_dihedral_angle_1_deg       ?     ?     ? ?    'X-RAY DIFFRACTION' ? 
r_dihedral_angle_2_deg       ?     ?     ? ?    'X-RAY DIFFRACTION' ? 
r_dihedral_angle_3_deg       ?     ?     ? ?    'X-RAY DIFFRACTION' ? 
r_dihedral_angle_4_deg       ?     ?     ? ?    'X-RAY DIFFRACTION' ? 
r_chiral_restr               ?     ?     ? ?    'X-RAY DIFFRACTION' ? 
r_gen_planes_refined         ?     ?     ? ?    'X-RAY DIFFRACTION' ? 
r_gen_planes_other           ?     ?     ? ?    'X-RAY DIFFRACTION' ? 
r_nbd_refined                ?     ?     ? ?    'X-RAY DIFFRACTION' ? 
r_nbd_other                  ?     ?     ? ?    'X-RAY DIFFRACTION' ? 
r_nbtor_refined              ?     ?     ? ?    'X-RAY DIFFRACTION' ? 
r_nbtor_other                ?     ?     ? ?    'X-RAY DIFFRACTION' ? 
r_xyhbond_nbd_refined        ?     ?     ? ?    'X-RAY DIFFRACTION' ? 
r_xyhbond_nbd_other          ?     ?     ? ?    'X-RAY DIFFRACTION' ? 
r_metal_ion_refined          ?     ?     ? ?    'X-RAY DIFFRACTION' ? 
r_metal_ion_other            ?     ?     ? ?    'X-RAY DIFFRACTION' ? 
r_symmetry_vdw_refined       ?     ?     ? ?    'X-RAY DIFFRACTION' ? 
r_symmetry_vdw_other         ?     ?     ? ?    'X-RAY DIFFRACTION' ? 
r_symmetry_hbond_refined     ?     ?     ? ?    'X-RAY DIFFRACTION' ? 
r_symmetry_hbond_other       ?     ?     ? ?    'X-RAY DIFFRACTION' ? 
r_symmetry_metal_ion_refined ?     ?     ? ?    'X-RAY DIFFRACTION' ? 
r_symmetry_metal_ion_other   ?     ?     ? ?    'X-RAY DIFFRACTION' ? 
r_mcbond_it                  1.593 1.500 ? 801  'X-RAY DIFFRACTION' ? 
r_mcbond_other               ?     ?     ? ?    'X-RAY DIFFRACTION' ? 
r_mcangle_it                 2.693 2.000 ? 1311 'X-RAY DIFFRACTION' ? 
r_mcangle_other              ?     ?     ? ?    'X-RAY DIFFRACTION' ? 
r_scbond_it                  3.716 3.000 ? 629  'X-RAY DIFFRACTION' ? 
r_scbond_other               ?     ?     ? ?    'X-RAY DIFFRACTION' ? 
r_scangle_it                 5.748 4.500 ? 610  'X-RAY DIFFRACTION' ? 
r_scangle_other              ?     ?     ? ?    'X-RAY DIFFRACTION' ? 
r_long_range_B_refined       ?     ?     ? ?    'X-RAY DIFFRACTION' ? 
r_long_range_B_other         ?     ?     ? ?    'X-RAY DIFFRACTION' ? 
r_rigid_bond_restr           ?     ?     ? ?    'X-RAY DIFFRACTION' ? 
r_sphericity_free            ?     ?     ? ?    'X-RAY DIFFRACTION' ? 
r_sphericity_bonded          ?     ?     ? ?    'X-RAY DIFFRACTION' ? 
# 
_refine_ls_shell.pdbx_refine_id                   'X-RAY DIFFRACTION' 
_refine_ls_shell.pdbx_total_number_of_bins_used   20 
_refine_ls_shell.d_res_high                       1.70 
_refine_ls_shell.d_res_low                        1.75 
_refine_ls_shell.number_reflns_R_work             1406 
_refine_ls_shell.R_factor_R_work                  0.3210 
_refine_ls_shell.percent_reflns_obs               ? 
_refine_ls_shell.R_factor_R_free                  0.3250 
_refine_ls_shell.R_factor_R_free_error            ? 
_refine_ls_shell.percent_reflns_R_free            ? 
_refine_ls_shell.number_reflns_R_free             162 
_refine_ls_shell.number_reflns_all                ? 
_refine_ls_shell.R_factor_all                     ? 
# 
_struct.entry_id                  1H0A 
_struct.title                     'Epsin ENTH bound to Ins(1,4,5)P3' 
_struct.pdbx_model_details        ? 
_struct.pdbx_CASP_flag            ? 
_struct.pdbx_model_type_details   ? 
# 
_struct_keywords.entry_id        1H0A 
_struct_keywords.pdbx_keywords   ENDOCYTOSIS 
_struct_keywords.text            
'ENDOCYTOSIS, EPSIN, ENTH, CLATHRIN, TRISKELION, COATED VESICLES, ALPHA-ALPHA SUPERHELIX, INS(1, 4, 5)P3' 
# 
loop_
_struct_asym.id 
_struct_asym.pdbx_blank_PDB_chainid_flag 
_struct_asym.pdbx_modified 
_struct_asym.entity_id 
_struct_asym.details 
A N N 1 ? 
B N N 2 ? 
C N N 2 ? 
D N N 2 ? 
E N N 2 ? 
F N N 2 ? 
G N N 3 ? 
H N N 4 ? 
# 
_struct_biol.id   1 
# 
loop_
_struct_conf.conf_type_id 
_struct_conf.id 
_struct_conf.pdbx_PDB_helix_id 
_struct_conf.beg_label_comp_id 
_struct_conf.beg_label_asym_id 
_struct_conf.beg_label_seq_id 
_struct_conf.pdbx_beg_PDB_ins_code 
_struct_conf.end_label_comp_id 
_struct_conf.end_label_asym_id 
_struct_conf.end_label_seq_id 
_struct_conf.pdbx_end_PDB_ins_code 
_struct_conf.beg_auth_comp_id 
_struct_conf.beg_auth_asym_id 
_struct_conf.beg_auth_seq_id 
_struct_conf.end_auth_comp_id 
_struct_conf.end_auth_asym_id 
_struct_conf.end_auth_seq_id 
_struct_conf.pdbx_PDB_helix_class 
_struct_conf.details 
_struct_conf.pdbx_PDB_helix_length 
HELX_P HELX_P1  1  MET A 1   ? ASN A 16  ? MET A 1   ASN A 16  1 ? 16 
HELX_P HELX_P2  2  SER A 18  ? THR A 28  ? SER A 18  THR A 28  1 ? 11 
HELX_P HELX_P3  3  SER A 36  ? THR A 47  ? SER A 36  THR A 47  1 ? 12 
HELX_P HELX_P4  4  ASN A 49  ? ASN A 65  ? ASN A 49  ASN A 65  1 ? 17 
HELX_P HELX_P5  5  HIS A 67  ? LYS A 69  ? HIS A 67  LYS A 69  5 ? 3  
HELX_P HELX_P6  6  ASN A 70  ? GLY A 88  ? ASN A 70  GLY A 88  1 ? 19 
HELX_P HELX_P7  7  GLU A 90  ? ASN A 99  ? GLU A 90  ASN A 99  1 ? 10 
HELX_P HELX_P8  8  ASN A 99  ? LEU A 106 ? ASN A 99  LEU A 106 1 ? 8  
HELX_P HELX_P9  9  LYS A 107 ? PHE A 109 ? LYS A 107 PHE A 109 5 ? 3  
HELX_P HELX_P10 10 GLY A 120 ? ARG A 135 ? GLY A 120 ARG A 135 1 ? 16 
HELX_P HELX_P11 11 ASP A 136 ? THR A 157 ? ASP A 136 THR A 157 1 ? 22 
# 
_struct_conf_type.id          HELX_P 
_struct_conf_type.criteria    ? 
_struct_conf_type.reference   ? 
# 
loop_
_struct_site.id 
_struct_site.pdbx_evidence_code 
_struct_site.pdbx_auth_asym_id 
_struct_site.pdbx_auth_comp_id 
_struct_site.pdbx_auth_seq_id 
_struct_site.pdbx_auth_ins_code 
_struct_site.pdbx_num_residues 
_struct_site.details 
AC1 Software ? ? ? ? 4  'BINDING SITE FOR RESIDUE DIO A1159' 
AC2 Software ? ? ? ? 5  'BINDING SITE FOR RESIDUE DIO A1160' 
AC3 Software ? ? ? ? 8  'BINDING SITE FOR RESIDUE DIO A1161' 
AC4 Software ? ? ? ? 2  'BINDING SITE FOR RESIDUE DIO A1162' 
AC5 Software ? ? ? ? 7  'BINDING SITE FOR RESIDUE DIO A1163' 
AC6 Software ? ? ? ? 22 'BINDING SITE FOR RESIDUE I3P A1164' 
# 
loop_
_struct_site_gen.id 
_struct_site_gen.site_id 
_struct_site_gen.pdbx_num_res 
_struct_site_gen.label_comp_id 
_struct_site_gen.label_asym_id 
_struct_site_gen.label_seq_id 
_struct_site_gen.pdbx_auth_ins_code 
_struct_site_gen.auth_comp_id 
_struct_site_gen.auth_asym_id 
_struct_site_gen.auth_seq_id 
_struct_site_gen.label_atom_id 
_struct_site_gen.label_alt_id 
_struct_site_gen.symmetry 
_struct_site_gen.details 
1  AC1 4  MET A 57  ? MET A 57   . ? 1_555 ? 
2  AC1 4  TRP A 61  ? TRP A 61   . ? 1_555 ? 
3  AC1 4  LEU A 64  ? LEU A 64   . ? 1_555 ? 
4  AC1 4  MET A 81  ? MET A 81   . ? 1_555 ? 
5  AC2 5  ARG A 72  ? ARG A 72   . ? 1_555 ? 
6  AC2 5  TYR A 75  ? TYR A 75   . ? 1_555 ? 
7  AC2 5  LYS A 76  ? LYS A 76   . ? 1_555 ? 
8  AC2 5  ARG A 141 ? ARG A 141  . ? 1_555 ? 
9  AC2 5  HOH H .   ? HOH A 2111 . ? 1_555 ? 
10 AC3 8  LYS A 86  ? LYS A 86   . ? 1_555 ? 
11 AC3 8  THR A 87  ? THR A 87   . ? 1_555 ? 
12 AC3 8  GLU A 125 ? GLU A 125  . ? 1_555 ? 
13 AC3 8  ARG A 144 ? ARG A 144  . ? 1_555 ? 
14 AC3 8  ALA A 147 ? ALA A 147  . ? 1_555 ? 
15 AC3 8  LEU A 148 ? LEU A 148  . ? 1_555 ? 
16 AC3 8  LYS A 151 ? LYS A 151  . ? 1_555 ? 
17 AC3 8  HOH H .   ? HOH A 2159 . ? 1_555 ? 
18 AC4 2  GLN A 110 ? GLN A 110  . ? 1_555 ? 
19 AC4 2  ARG A 124 ? ARG A 124  . ? 1_555 ? 
20 AC5 7  ARG A 91  ? ARG A 91   . ? 1_555 ? 
21 AC5 7  GLN A 94  ? GLN A 94   . ? 1_555 ? 
22 AC5 7  GLN A 95  ? GLN A 95   . ? 1_555 ? 
23 AC5 7  GLU A 98  ? GLU A 98   . ? 1_555 ? 
24 AC5 7  GLU A 143 ? GLU A 143  . ? 1_555 ? 
25 AC5 7  HIS A 146 ? HIS A 146  . ? 1_555 ? 
26 AC5 7  HOH H .   ? HOH A 2130 . ? 1_555 ? 
27 AC6 22 ARG A 7   ? ARG A 7    . ? 1_555 ? 
28 AC6 22 ARG A 8   ? ARG A 8    . ? 1_555 ? 
29 AC6 22 LYS A 11  ? LYS A 11   . ? 1_555 ? 
30 AC6 22 HIS A 15  ? HIS A 15   . ? 1_555 ? 
31 AC6 22 ARG A 25  ? ARG A 25   . ? 1_555 ? 
32 AC6 22 SER A 29  ? SER A 29   . ? 1_555 ? 
33 AC6 22 ASN A 30  ? ASN A 30   . ? 1_555 ? 
34 AC6 22 ARG A 63  ? ARG A 63   . ? 1_555 ? 
35 AC6 22 LYS A 69  ? LYS A 69   . ? 1_555 ? 
36 AC6 22 HIS A 73  ? HIS A 73   . ? 1_555 ? 
37 AC6 22 HOH H .   ? HOH A 2011 . ? 1_555 ? 
38 AC6 22 HOH H .   ? HOH A 2101 . ? 1_555 ? 
39 AC6 22 HOH H .   ? HOH A 2106 . ? 1_555 ? 
40 AC6 22 HOH H .   ? HOH A 2109 . ? 1_555 ? 
41 AC6 22 HOH H .   ? HOH A 2194 . ? 1_555 ? 
42 AC6 22 HOH H .   ? HOH A 2195 . ? 1_555 ? 
43 AC6 22 HOH H .   ? HOH A 2196 . ? 1_555 ? 
44 AC6 22 HOH H .   ? HOH A 2197 . ? 1_555 ? 
45 AC6 22 HOH H .   ? HOH A 2199 . ? 1_555 ? 
46 AC6 22 HOH H .   ? HOH A 2200 . ? 1_555 ? 
47 AC6 22 HOH H .   ? HOH A 2203 . ? 1_555 ? 
48 AC6 22 HOH H .   ? HOH A 2204 . ? 1_555 ? 
# 
_atom_sites.entry_id                    1H0A 
_atom_sites.fract_transf_matrix[1][1]   0.01662514 
_atom_sites.fract_transf_matrix[1][2]   0.00212456 
_atom_sites.fract_transf_matrix[1][3]   -0.01754792 
_atom_sites.fract_transf_matrix[2][1]   0.00733323 
_atom_sites.fract_transf_matrix[2][2]   0.00190098 
_atom_sites.fract_transf_matrix[2][3]   0.00717775 
_atom_sites.fract_transf_matrix[3][1]   0.00162461 
_atom_sites.fract_transf_matrix[3][2]   -0.00828934 
_atom_sites.fract_transf_matrix[3][3]   0.00053557 
_atom_sites.fract_transf_vector[1]      0.451392 
_atom_sites.fract_transf_vector[2]      0.303149 
_atom_sites.fract_transf_vector[3]      0.163527 
# 
loop_
_atom_type.symbol 
C 
N 
O 
P 
S 
# 
loop_
_atom_site.group_PDB 
_atom_site.id 
_atom_site.type_symbol 
_atom_site.label_atom_id 
_atom_site.label_alt_id 
_atom_site.label_comp_id 
_atom_site.label_asym_id 
_atom_site.label_entity_id 
_atom_site.label_seq_id 
_atom_site.pdbx_PDB_ins_code 
_atom_site.Cartn_x 
_atom_site.Cartn_y 
_atom_site.Cartn_z 
_atom_site.occupancy 
_atom_site.B_iso_or_equiv 
_atom_site.pdbx_formal_charge 
_atom_site.auth_seq_id 
_atom_site.auth_comp_id 
_atom_site.auth_asym_id 
_atom_site.auth_atom_id 
_atom_site.pdbx_PDB_model_num 
ATOM   1    N N     . MET A 1 1   ? 14.595  14.604  -0.016  1.00 57.88  ? 1    MET A N     1 
ATOM   2    C CA    . MET A 1 1   ? 15.736  14.108  0.825   1.00 57.68  ? 1    MET A CA    1 
ATOM   3    C C     . MET A 1 1   ? 15.353  14.007  2.376   1.00 56.88  ? 1    MET A C     1 
ATOM   4    O O     . MET A 1 1   ? 14.438  13.206  2.818   1.00 55.29  ? 1    MET A O     1 
ATOM   5    C CB    A MET A 1 1   ? 16.973  14.995  0.598   0.50 58.31  ? 1    MET A CB    1 
ATOM   6    C CB    B MET A 1 1   ? 16.953  15.030  0.577   0.50 58.42  ? 1    MET A CB    1 
ATOM   7    C CG    A MET A 1 1   ? 18.280  14.497  1.267   0.50 59.03  ? 1    MET A CG    1 
ATOM   8    C CG    B MET A 1 1   ? 18.320  14.376  0.718   0.50 59.81  ? 1    MET A CG    1 
ATOM   9    S SD    A MET A 1 1   ? 19.705  15.599  1.151   0.50 61.11  ? 1    MET A SD    1 
ATOM   10   S SD    B MET A 1 1   ? 18.505  12.974  -0.395  0.50 61.58  ? 1    MET A SD    1 
ATOM   11   C CE    A MET A 1 1   ? 18.907  17.196  0.538   0.50 58.10  ? 1    MET A CE    1 
ATOM   12   C CE    B MET A 1 1   ? 19.207  13.663  -1.854  0.50 60.33  ? 1    MET A CE    1 
ATOM   13   N N     . SER A 1 2   ? 16.035  14.796  3.223   1.00 55.17  ? 2    SER A N     1 
ATOM   14   C CA    . SER A 1 2   ? 15.763  14.779  4.656   1.00 53.77  ? 2    SER A CA    1 
ATOM   15   C C     . SER A 1 2   ? 14.825  15.908  4.769   1.00 51.13  ? 2    SER A C     1 
ATOM   16   O O     . SER A 1 2   ? 14.121  16.052  5.759   1.00 51.58  ? 2    SER A O     1 
ATOM   17   C CB    . SER A 1 2   ? 17.005  15.071  5.468   1.00 55.23  ? 2    SER A CB    1 
ATOM   18   O OG    . SER A 1 2   ? 18.044  14.283  4.941   1.00 58.53  ? 2    SER A OG    1 
ATOM   19   N N     . THR A 1 3   ? 14.886  16.729  3.719   1.00 47.50  ? 3    THR A N     1 
ATOM   20   C CA    . THR A 1 3   ? 14.028  17.840  3.501   1.00 45.09  ? 3    THR A CA    1 
ATOM   21   C C     . THR A 1 3   ? 12.612  17.307  3.146   1.00 40.82  ? 3    THR A C     1 
ATOM   22   O O     . THR A 1 3   ? 11.654  17.818  3.698   1.00 37.66  ? 3    THR A O     1 
ATOM   23   C CB    . THR A 1 3   ? 14.671  18.777  2.437   1.00 46.43  ? 3    THR A CB    1 
ATOM   24   O OG1   . THR A 1 3   ? 14.132  20.099  2.556   1.00 50.36  ? 3    THR A OG1   1 
ATOM   25   C CG2   . THR A 1 3   ? 14.350  18.345  1.047   1.00 44.63  ? 3    THR A CG2   1 
ATOM   26   N N     . SER A 1 4   ? 12.489  16.275  2.280   1.00 37.55  ? 4    SER A N     1 
ATOM   27   C CA    . SER A 1 4   ? 11.148  15.708  2.032   1.00 33.69  ? 4    SER A CA    1 
ATOM   28   C C     . SER A 1 4   ? 10.690  15.103  3.327   1.00 29.96  ? 4    SER A C     1 
ATOM   29   O O     . SER A 1 4   ? 9.550   15.301  3.685   1.00 28.39  ? 4    SER A O     1 
ATOM   30   C CB    . SER A 1 4   ? 11.082  14.675  0.833   1.00 34.53  ? 4    SER A CB    1 
ATOM   31   O OG    . SER A 1 4   ? 11.698  13.397  1.168   1.00 34.06  ? 4    SER A OG    1 
ATOM   32   N N     . SER A 1 5   ? 11.564  14.384  4.039   1.00 27.32  ? 5    SER A N     1 
ATOM   33   C CA    . SER A 1 5   ? 11.264  13.825  5.357   1.00 26.43  ? 5    SER A CA    1 
ATOM   34   C C     . SER A 1 5   ? 10.833  14.818  6.395   1.00 24.72  ? 5    SER A C     1 
ATOM   35   O O     . SER A 1 5   ? 9.837   14.649  7.116   1.00 23.63  ? 5    SER A O     1 
ATOM   36   C CB    . SER A 1 5   ? 12.473  13.061  5.836   1.00 28.76  ? 5    SER A CB    1 
ATOM   37   O OG    . SER A 1 5   ? 12.161  12.472  7.056   1.00 34.73  ? 5    SER A OG    1 
ATOM   38   N N     . LEU A 1 6   ? 11.519  15.963  6.399   1.00 25.12  ? 6    LEU A N     1 
ATOM   39   C CA    . LEU A 1 6   ? 11.172  17.033  7.296   1.00 26.25  ? 6    LEU A CA    1 
ATOM   40   C C     . LEU A 1 6   ? 9.776   17.566  7.064   1.00 20.66  ? 6    LEU A C     1 
ATOM   41   O O     . LEU A 1 6   ? 9.038   17.751  8.035   1.00 21.36  ? 6    LEU A O     1 
ATOM   42   C CB    . LEU A 1 6   ? 12.126  18.244  7.087   1.00 27.43  ? 6    LEU A CB    1 
ATOM   43   C CG    . LEU A 1 6   ? 13.191  18.456  8.153   1.00 35.44  ? 6    LEU A CG    1 
ATOM   44   C CD1   . LEU A 1 6   ? 13.848  19.851  7.892   1.00 41.19  ? 6    LEU A CD1   1 
ATOM   45   C CD2   . LEU A 1 6   ? 12.474  18.516  9.438   1.00 40.11  ? 6    LEU A CD2   1 
ATOM   46   N N     . ARG A 1 7   ? 9.420   17.830  5.799   1.00 22.43  ? 7    ARG A N     1 
ATOM   47   C CA    . ARG A 1 7   ? 8.106   18.338  5.505   1.00 24.20  ? 7    ARG A CA    1 
ATOM   48   C C     . ARG A 1 7   ? 7.019   17.319  5.880   1.00 22.73  ? 7    ARG A C     1 
ATOM   49   O O     . ARG A 1 7   ? 5.951   17.730  6.276   1.00 20.32  ? 7    ARG A O     1 
ATOM   50   C CB    . ARG A 1 7   ? 7.938   18.649  3.989   1.00 23.72  ? 7    ARG A CB    1 
ATOM   51   C CG    . ARG A 1 7   ? 8.578   19.886  3.511   1.00 30.77  ? 7    ARG A CG    1 
ATOM   52   C CD    . ARG A 1 7   ? 8.264   20.217  2.133   1.00 30.26  ? 7    ARG A CD    1 
ATOM   53   N NE    . ARG A 1 7   ? 6.903   20.667  1.995   1.00 31.75  ? 7    ARG A NE    1 
ATOM   54   C CZ    . ARG A 1 7   ? 6.237   20.562  0.826   1.00 30.72  ? 7    ARG A CZ    1 
ATOM   55   N NH1   . ARG A 1 7   ? 6.855   19.979  -0.190  1.00 30.66  ? 7    ARG A NH1   1 
ATOM   56   N NH2   . ARG A 1 7   ? 4.992   20.941  0.674   1.00 34.25  ? 7    ARG A NH2   1 
ATOM   57   N N     . ARG A 1 8   ? 7.306   16.060  5.578   1.00 23.95  ? 8    ARG A N     1 
ATOM   58   C CA    . ARG A 1 8   ? 6.390   14.940  5.917   1.00 23.71  ? 8    ARG A CA    1 
ATOM   59   C C     . ARG A 1 8   ? 6.063   14.894  7.414   1.00 23.10  ? 8    ARG A C     1 
ATOM   60   O O     . ARG A 1 8   ? 4.897   14.856  7.811   1.00 21.10  ? 8    ARG A O     1 
ATOM   61   C CB    . ARG A 1 8   ? 6.958   13.623  5.361   1.00 23.51  ? 8    ARG A CB    1 
ATOM   62   C CG    . ARG A 1 8   ? 6.122   12.380  5.516   1.00 28.71  ? 8    ARG A CG    1 
ATOM   63   C CD    . ARG A 1 8   ? 6.815   11.076  4.942   1.00 20.77  ? 8    ARG A CD    1 
ATOM   64   N NE    . ARG A 1 8   ? 7.306   11.374  3.699   1.00 23.22  ? 8    ARG A NE    1 
ATOM   65   C CZ    . ARG A 1 8   ? 8.562   11.239  3.286   1.00 23.98  ? 8    ARG A CZ    1 
ATOM   66   N NH1   . ARG A 1 8   ? 9.477   10.609  4.008   1.00 25.64  ? 8    ARG A NH1   1 
ATOM   67   N NH2   . ARG A 1 8   ? 8.850   11.768  2.125   1.00 24.52  ? 8    ARG A NH2   1 
ATOM   68   N N     . GLN A 1 9   ? 7.121   15.056  8.232   1.00 22.12  ? 9    GLN A N     1 
ATOM   69   C CA    . GLN A 1 9   ? 6.970   15.102  9.666   1.00 25.72  ? 9    GLN A CA    1 
ATOM   70   C C     . GLN A 1 9   ? 6.234   16.312  10.202  1.00 24.82  ? 9    GLN A C     1 
ATOM   71   O O     . GLN A 1 9   ? 5.429   16.210  11.099  1.00 24.67  ? 9    GLN A O     1 
ATOM   72   C CB    . GLN A 1 9   ? 8.340   15.063  10.283  1.00 26.21  ? 9    GLN A CB    1 
ATOM   73   C CG    . GLN A 1 9   ? 8.977   13.786  10.106  1.00 31.20  ? 9    GLN A CG    1 
ATOM   74   C CD    . GLN A 1 9   ? 10.327  13.807  10.762  1.00 36.14  ? 9    GLN A CD    1 
ATOM   75   O OE1   . GLN A 1 9   ? 10.399  14.012  11.973  1.00 40.38  ? 9    GLN A OE1   1 
ATOM   76   N NE2   . GLN A 1 9   ? 11.374  13.867  9.957   1.00 38.81  ? 9    GLN A NE2   1 
ATOM   77   N N     . MET A 1 10  ? 6.495   17.480  9.626   1.00 24.88  ? 10   MET A N     1 
ATOM   78   C CA    . MET A 1 10  ? 5.724   18.656  9.994   1.00 27.18  ? 10   MET A CA    1 
ATOM   79   C C     . MET A 1 10  ? 4.261   18.480  9.697   1.00 25.60  ? 10   MET A C     1 
ATOM   80   O O     . MET A 1 10  ? 3.421   18.850  10.502  1.00 26.06  ? 10   MET A O     1 
ATOM   81   C CB    A MET A 1 10  ? 6.217   19.886  9.254   0.50 27.47  ? 10   MET A CB    1 
ATOM   82   C CB    B MET A 1 10  ? 6.322   19.964  9.396   0.50 28.30  ? 10   MET A CB    1 
ATOM   83   C CG    A MET A 1 10  ? 7.496   20.426  9.800   0.50 29.56  ? 10   MET A CG    1 
ATOM   84   C CG    B MET A 1 10  ? 7.186   20.852  10.446  0.50 32.68  ? 10   MET A CG    1 
ATOM   85   S SD    A MET A 1 10  ? 8.149   21.711  8.764   0.50 34.87  ? 10   MET A SD    1 
ATOM   86   S SD    B MET A 1 10  ? 6.346   20.848  12.035  0.50 43.25  ? 10   MET A SD    1 
ATOM   87   C CE    A MET A 1 10  ? 7.134   22.758  8.914   0.50 29.68  ? 10   MET A CE    1 
ATOM   88   C CE    B MET A 1 10  ? 5.503   22.512  12.059  0.50 42.07  ? 10   MET A CE    1 
ATOM   89   N N     . LYS A 1 11  ? 3.967   17.907  8.533   1.00 23.97  ? 11   LYS A N     1 
ATOM   90   C CA    . LYS A 1 11  ? 2.585   17.591  8.166   1.00 22.86  ? 11   LYS A CA    1 
ATOM   91   C C     . LYS A 1 11  ? 1.963   16.646  9.217   1.00 20.50  ? 11   LYS A C     1 
ATOM   92   O O     . LYS A 1 11  ? 0.760   16.814  9.618   1.00 23.17  ? 11   LYS A O     1 
ATOM   93   C CB    . LYS A 1 11  ? 2.440   17.068  6.691   1.00 22.34  ? 11   LYS A CB    1 
ATOM   94   C CG    . LYS A 1 11  ? 1.019   16.842  6.323   1.00 21.54  ? 11   LYS A CG    1 
ATOM   95   C CD    . LYS A 1 11  ? 0.805   16.392  4.862   1.00 24.91  ? 11   LYS A CD    1 
ATOM   96   C CE    . LYS A 1 11  ? -0.633  16.265  4.517   1.00 23.97  ? 11   LYS A CE    1 
ATOM   97   N NZ    . LYS A 1 11  ? -0.979  16.510  3.058   1.00 24.28  ? 11   LYS A NZ    1 
ATOM   98   N N     . ASN A 1 12  ? 2.720   15.648  9.638   1.00 21.66  ? 12   ASN A N     1 
ATOM   99   C CA    . ASN A 1 12  ? 2.285   14.709  10.648  1.00 19.92  ? 12   ASN A CA    1 
ATOM   100  C C     . ASN A 1 12  ? 1.915   15.373  11.925  1.00 22.03  ? 12   ASN A C     1 
ATOM   101  O O     . ASN A 1 12  ? 0.906   15.088  12.575  1.00 22.59  ? 12   ASN A O     1 
ATOM   102  C CB    . ASN A 1 12  ? 3.365   13.696  10.853  1.00 19.95  ? 12   ASN A CB    1 
ATOM   103  C CG    . ASN A 1 12  ? 3.461   12.691  9.604   1.00 20.91  ? 12   ASN A CG    1 
ATOM   104  O OD1   . ASN A 1 12  ? 2.623   12.820  8.711   1.00 22.30  ? 12   ASN A OD1   1 
ATOM   105  N ND2   . ASN A 1 12  ? 4.496   11.933  9.504   1.00 20.60  ? 12   ASN A ND2   1 
ATOM   106  N N     . ILE A 1 13  ? 2.809   16.285  12.310  1.00 24.53  ? 13   ILE A N     1 
ATOM   107  C CA    . ILE A 1 13  ? 2.549   17.051  13.552  1.00 26.57  ? 13   ILE A CA    1 
ATOM   108  C C     . ILE A 1 13  ? 1.336   17.929  13.379  1.00 25.94  ? 13   ILE A C     1 
ATOM   109  O O     . ILE A 1 13  ? 0.436   17.867  14.219  1.00 32.38  ? 13   ILE A O     1 
ATOM   110  C CB    . ILE A 1 13  ? 3.806   17.830  13.991  1.00 26.83  ? 13   ILE A CB    1 
ATOM   111  C CG1   . ILE A 1 13  ? 4.871   16.892  14.378  1.00 30.76  ? 13   ILE A CG1   1 
ATOM   112  C CG2   . ILE A 1 13  ? 3.456   18.816  15.204  1.00 30.32  ? 13   ILE A CG2   1 
ATOM   113  C CD1   . ILE A 1 13  ? 6.209   17.625  14.583  1.00 36.85  ? 13   ILE A CD1   1 
ATOM   114  N N     . VAL A 1 14  ? 1.192   18.656  12.281  1.00 29.53  ? 14   VAL A N     1 
ATOM   115  C CA    . VAL A 1 14  ? 0.040   19.538  12.115  1.00 30.81  ? 14   VAL A CA    1 
ATOM   116  C C     . VAL A 1 14  ? -1.281  18.749  12.210  1.00 32.46  ? 14   VAL A C     1 
ATOM   117  O O     . VAL A 1 14  ? -2.287  19.175  12.793  1.00 29.55  ? 14   VAL A O     1 
ATOM   118  C CB    . VAL A 1 14  ? 0.126   20.216  10.727  1.00 32.49  ? 14   VAL A CB    1 
ATOM   119  C CG1   . VAL A 1 14  ? -1.195  20.782  10.275  1.00 35.80  ? 14   VAL A CG1   1 
ATOM   120  C CG2   . VAL A 1 14  ? 1.016   21.303  10.681  1.00 35.45  ? 14   VAL A CG2   1 
ATOM   121  N N     . HIS A 1 15  ? -1.341  17.615  11.525  1.00 30.05  ? 15   HIS A N     1 
ATOM   122  C CA    . HIS A 1 15  ? -2.569  16.854  11.475  1.00 28.90  ? 15   HIS A CA    1 
ATOM   123  C C     . HIS A 1 15  ? -2.783  15.964  12.667  1.00 28.90  ? 15   HIS A C     1 
ATOM   124  O O     . HIS A 1 15  ? -3.814  15.265  12.744  1.00 30.17  ? 15   HIS A O     1 
ATOM   125  C CB    . HIS A 1 15  ? -2.517  16.058  10.165  1.00 28.14  ? 15   HIS A CB    1 
ATOM   126  C CG    . HIS A 1 15  ? -2.823  16.873  8.941   1.00 29.18  ? 15   HIS A CG    1 
ATOM   127  N ND1   . HIS A 1 15  ? -4.048  16.827  8.306   1.00 30.46  ? 15   HIS A ND1   1 
ATOM   128  C CD2   . HIS A 1 15  ? -2.077  17.745  8.233   1.00 25.68  ? 15   HIS A CD2   1 
ATOM   129  C CE1   . HIS A 1 15  ? -4.040  17.621  7.254   1.00 33.13  ? 15   HIS A CE1   1 
ATOM   130  N NE2   . HIS A 1 15  ? -2.853  18.191  7.182   1.00 29.22  ? 15   HIS A NE2   1 
ATOM   131  N N     . ASN A 1 16  ? -1.802  15.842  13.534  1.00 27.96  ? 16   ASN A N     1 
ATOM   132  C CA    . ASN A 1 16  ? -1.872  14.955  14.688  1.00 28.12  ? 16   ASN A CA    1 
ATOM   133  C C     . ASN A 1 16  ? -2.160  13.479  14.255  1.00 26.97  ? 16   ASN A C     1 
ATOM   134  O O     . ASN A 1 16  ? -2.930  12.764  14.876  1.00 26.81  ? 16   ASN A O     1 
ATOM   135  C CB    . ASN A 1 16  ? -2.950  15.395  15.662  1.00 29.42  ? 16   ASN A CB    1 
ATOM   136  C CG    . ASN A 1 16  ? -2.803  14.711  16.980  1.00 31.97  ? 16   ASN A CG    1 
ATOM   137  O OD1   . ASN A 1 16  ? -3.806  14.351  17.635  1.00 42.85  ? 16   ASN A OD1   1 
ATOM   138  N ND2   . ASN A 1 16  ? -1.576  14.555  17.411  1.00 37.46  ? 16   ASN A ND2   1 
ATOM   139  N N     . TYR A 1 17  ? -1.474  13.048  13.212  1.00 25.43  ? 17   TYR A N     1 
ATOM   140  C CA    . TYR A 1 17  ? -1.635  11.707  12.706  1.00 24.50  ? 17   TYR A CA    1 
ATOM   141  C C     . TYR A 1 17  ? -1.129  10.713  13.730  1.00 24.38  ? 17   TYR A C     1 
ATOM   142  O O     . TYR A 1 17  ? -0.085  10.901  14.424  1.00 26.52  ? 17   TYR A O     1 
ATOM   143  C CB    . TYR A 1 17  ? -0.887  11.477  11.395  1.00 21.58  ? 17   TYR A CB    1 
ATOM   144  C CG    . TYR A 1 17  ? -1.582  12.120  10.135  1.00 23.59  ? 17   TYR A CG    1 
ATOM   145  C CD1   . TYR A 1 17  ? -0.778  12.676  9.128   1.00 22.08  ? 17   TYR A CD1   1 
ATOM   146  C CD2   . TYR A 1 17  ? -2.940  12.197  10.016  1.00 22.82  ? 17   TYR A CD2   1 
ATOM   147  C CE1   . TYR A 1 17  ? -1.325  13.294  8.027   1.00 22.01  ? 17   TYR A CE1   1 
ATOM   148  C CE2   . TYR A 1 17  ? -3.515  12.808  8.904   1.00 22.41  ? 17   TYR A CE2   1 
ATOM   149  C CZ    . TYR A 1 17  ? -2.678  13.356  7.912   1.00 24.52  ? 17   TYR A CZ    1 
ATOM   150  O OH    . TYR A 1 17  ? -3.161  13.935  6.734   1.00 29.40  ? 17   TYR A OH    1 
ATOM   151  N N     . SER A 1 18  ? -1.813  9.539   13.709  1.00 24.30  ? 18   SER A N     1 
ATOM   152  C CA    . SER A 1 18  ? -1.365  8.420   14.551  1.00 23.55  ? 18   SER A CA    1 
ATOM   153  C C     . SER A 1 18  ? -0.128  7.743   14.055  1.00 22.76  ? 18   SER A C     1 
ATOM   154  O O     . SER A 1 18  ? 0.346   7.924   12.915  1.00 22.62  ? 18   SER A O     1 
ATOM   155  C CB    . SER A 1 18  ? -2.495  7.385   14.650  1.00 25.06  ? 18   SER A CB    1 
ATOM   156  O OG    . SER A 1 18  ? -2.625  6.716   13.388  1.00 25.03  ? 18   SER A OG    1 
ATOM   157  N N     . GLU A 1 19  ? 0.394   6.869   14.872  1.00 23.26  ? 19   GLU A N     1 
ATOM   158  C CA    . GLU A 1 19  ? 1.539   6.131   14.508  1.00 24.33  ? 19   GLU A CA    1 
ATOM   159  C C     . GLU A 1 19  ? 1.268   5.269   13.224  1.00 23.66  ? 19   GLU A C     1 
ATOM   160  O O     . GLU A 1 19  ? 2.112   5.205   12.319  1.00 21.84  ? 19   GLU A O     1 
ATOM   161  C CB    A GLU A 1 19  ? 2.128   5.307   15.668  0.50 27.14  ? 19   GLU A CB    1 
ATOM   162  C CB    B GLU A 1 19  ? 1.918   5.182   15.684  0.50 27.07  ? 19   GLU A CB    1 
ATOM   163  C CG    A GLU A 1 19  ? 2.827   6.153   16.737  0.50 30.43  ? 19   GLU A CG    1 
ATOM   164  C CG    B GLU A 1 19  ? 2.986   4.124   15.380  0.50 29.63  ? 19   GLU A CG    1 
ATOM   165  C CD    A GLU A 1 19  ? 3.802   7.182   16.160  0.50 35.34  ? 19   GLU A CD    1 
ATOM   166  C CD    B GLU A 1 19  ? 2.979   2.893   16.316  0.50 36.84  ? 19   GLU A CD    1 
ATOM   167  O OE1   A GLU A 1 19  ? 4.729   6.799   15.405  0.50 36.31  ? 19   GLU A OE1   1 
ATOM   168  O OE1   B GLU A 1 19  ? 2.474   2.967   17.458  0.50 40.80  ? 19   GLU A OE1   1 
ATOM   169  O OE2   A GLU A 1 19  ? 3.652   8.388   16.480  0.50 39.87  ? 19   GLU A OE2   1 
ATOM   170  O OE2   B GLU A 1 19  ? 3.488   1.831   15.916  0.50 38.67  ? 19   GLU A OE2   1 
ATOM   171  N N     . ALA A 1 20  ? 0.063   4.723   13.151  1.00 23.05  ? 20   ALA A N     1 
ATOM   172  C CA    . ALA A 1 20  ? -0.225  3.864   12.005  1.00 23.47  ? 20   ALA A CA    1 
ATOM   173  C C     . ALA A 1 20  ? -0.332  4.759   10.743  1.00 23.30  ? 20   ALA A C     1 
ATOM   174  O O     . ALA A 1 20  ? 0.151   4.362   9.672   1.00 22.52  ? 20   ALA A O     1 
ATOM   175  C CB    . ALA A 1 20  ? -1.537  3.134   12.212  1.00 24.75  ? 20   ALA A CB    1 
ATOM   176  N N     . GLU A 1 21  ? -0.965  5.936   10.900  1.00 22.45  ? 21   GLU A N     1 
ATOM   177  C CA    . GLU A 1 21  ? -1.089  6.903   9.768   1.00 22.18  ? 21   GLU A CA    1 
ATOM   178  C C     . GLU A 1 21  ? 0.264   7.434   9.285   1.00 22.05  ? 21   GLU A C     1 
ATOM   179  O O     . GLU A 1 21  ? 0.526   7.497   8.051   1.00 20.78  ? 21   GLU A O     1 
ATOM   180  C CB    . GLU A 1 21  ? -2.112  7.987   10.045  1.00 24.42  ? 21   GLU A CB    1 
ATOM   181  C CG    . GLU A 1 21  ? -3.540  7.527   10.196  1.00 23.90  ? 21   GLU A CG    1 
ATOM   182  C CD    . GLU A 1 21  ? -4.399  8.596   10.812  1.00 29.58  ? 21   GLU A CD    1 
ATOM   183  O OE1   . GLU A 1 21  ? -3.959  9.328   11.770  1.00 22.87  ? 21   GLU A OE1   1 
ATOM   184  O OE2   . GLU A 1 21  ? -5.493  8.875   10.267  1.00 26.00  ? 21   GLU A OE2   1 
ATOM   185  N N     . ILE A 1 22  ? 1.171   7.668   10.255  1.00 23.71  ? 22   ILE A N     1 
ATOM   186  C CA    . ILE A 1 22  ? 2.549   8.101   9.968   1.00 23.09  ? 22   ILE A CA    1 
ATOM   187  C C     . ILE A 1 22  ? 3.326   7.042   9.179   1.00 23.19  ? 22   ILE A C     1 
ATOM   188  O O     . ILE A 1 22  ? 4.011   7.331   8.189   1.00 21.13  ? 22   ILE A O     1 
ATOM   189  C CB    . ILE A 1 22  ? 3.278   8.510   11.287  1.00 24.36  ? 22   ILE A CB    1 
ATOM   190  C CG1   . ILE A 1 22  ? 2.650   9.789   11.824  1.00 24.66  ? 22   ILE A CG1   1 
ATOM   191  C CG2   . ILE A 1 22  ? 4.807   8.592   11.093  1.00 25.82  ? 22   ILE A CG2   1 
ATOM   192  C CD1   . ILE A 1 22  ? 2.965   10.042  13.265  1.00 30.29  ? 22   ILE A CD1   1 
ATOM   193  N N     . LYS A 1 23  ? 3.175   5.778   9.591   1.00 23.06  ? 23   LYS A N     1 
ATOM   194  C CA    . LYS A 1 23  ? 3.844   4.659   8.940   1.00 23.70  ? 23   LYS A CA    1 
ATOM   195  C C     . LYS A 1 23  ? 3.331   4.441   7.488   1.00 20.70  ? 23   LYS A C     1 
ATOM   196  O O     . LYS A 1 23  ? 4.099   4.310   6.533   1.00 19.39  ? 23   LYS A O     1 
ATOM   197  C CB    . LYS A 1 23  ? 3.664   3.373   9.797   1.00 24.84  ? 23   LYS A CB    1 
ATOM   198  C CG    . LYS A 1 23  ? 4.532   3.352   11.006  1.00 26.97  ? 23   LYS A CG    1 
ATOM   199  C CD    . LYS A 1 23  ? 4.476   2.038   11.775  1.00 32.40  ? 23   LYS A CD    1 
ATOM   200  C CE    . LYS A 1 23  ? 5.162   2.164   13.202  1.00 37.39  ? 23   LYS A CE    1 
ATOM   201  N NZ    . LYS A 1 23  ? 6.607   2.241   13.163  1.00 36.47  ? 23   LYS A NZ    1 
ATOM   202  N N     . VAL A 1 24  ? 2.011   4.497   7.339   1.00 22.60  ? 24   VAL A N     1 
ATOM   203  C CA    . VAL A 1 24  ? 1.451   4.330   6.031   1.00 20.63  ? 24   VAL A CA    1 
ATOM   204  C C     . VAL A 1 24  ? 1.928   5.475   5.100   1.00 21.51  ? 24   VAL A C     1 
ATOM   205  O O     . VAL A 1 24  ? 2.209   5.270   3.929   1.00 21.21  ? 24   VAL A O     1 
ATOM   206  C CB    . VAL A 1 24  ? -0.101  4.284   6.020   1.00 21.82  ? 24   VAL A CB    1 
ATOM   207  C CG1   . VAL A 1 24  ? -0.697  4.529   4.652   1.00 22.76  ? 24   VAL A CG1   1 
ATOM   208  C CG2   . VAL A 1 24  ? -0.599  3.021   6.677   1.00 20.83  ? 24   VAL A CG2   1 
ATOM   209  N N     . ARG A 1 25  ? 1.984   6.705   5.640   1.00 20.44  ? 25   ARG A N     1 
ATOM   210  C CA    . ARG A 1 25  ? 2.501   7.847   4.876   1.00 20.41  ? 25   ARG A CA    1 
ATOM   211  C C     . ARG A 1 25  ? 3.883   7.724   4.441   1.00 18.54  ? 25   ARG A C     1 
ATOM   212  O O     . ARG A 1 25  ? 4.284   8.064   3.345   1.00 19.06  ? 25   ARG A O     1 
ATOM   213  C CB    . ARG A 1 25  ? 2.202   9.220   5.570   1.00 17.87  ? 25   ARG A CB    1 
ATOM   214  C CG    . ARG A 1 25  ? 0.720   9.743   5.358   1.00 16.24  ? 25   ARG A CG    1 
ATOM   215  C CD    . ARG A 1 25  ? 0.229   10.777  6.388   1.00 18.52  ? 25   ARG A CD    1 
ATOM   216  N NE    . ARG A 1 25  ? 1.316   11.798  6.463   1.00 17.99  ? 25   ARG A NE    1 
ATOM   217  C CZ    . ARG A 1 25  ? 1.622   12.671  5.518   1.00 23.50  ? 25   ARG A CZ    1 
ATOM   218  N NH1   . ARG A 1 25  ? 0.976   12.738  4.383   1.00 23.31  ? 25   ARG A NH1   1 
ATOM   219  N NH2   . ARG A 1 25  ? 2.601   13.556  5.700   1.00 22.42  ? 25   ARG A NH2   1 
ATOM   220  N N     . GLU A 1 26  ? 4.731   7.164   5.332   1.00 18.82  ? 26   GLU A N     1 
ATOM   221  C CA    . GLU A 1 26  ? 6.068   6.940   4.960   1.00 19.51  ? 26   GLU A CA    1 
ATOM   222  C C     . GLU A 1 26  ? 6.238   5.876   3.894   1.00 20.64  ? 26   GLU A C     1 
ATOM   223  O O     . GLU A 1 26  ? 6.919   6.049   2.896   1.00 21.29  ? 26   GLU A O     1 
ATOM   224  C CB    . GLU A 1 26  ? 6.843   6.573   6.227   1.00 20.29  ? 26   GLU A CB    1 
ATOM   225  C CG    . GLU A 1 26  ? 8.288   6.232   6.023   1.00 22.26  ? 26   GLU A CG    1 
ATOM   226  C CD    . GLU A 1 26  ? 9.140   7.409   5.511   1.00 27.83  ? 26   GLU A CD    1 
ATOM   227  O OE1   . GLU A 1 26  ? 10.049  7.151   4.650   1.00 29.79  ? 26   GLU A OE1   1 
ATOM   228  O OE2   . GLU A 1 26  ? 8.884   8.550   6.007   1.00 27.61  ? 26   GLU A OE2   1 
ATOM   229  N N     . ALA A 1 27  ? 5.485   4.792   4.037   1.00 22.55  ? 27   ALA A N     1 
ATOM   230  C CA    . ALA A 1 27  ? 5.556   3.737   3.083   1.00 20.06  ? 27   ALA A CA    1 
ATOM   231  C C     . ALA A 1 27  ? 5.035   4.121   1.737   1.00 21.90  ? 27   ALA A C     1 
ATOM   232  O O     . ALA A 1 27  ? 5.283   3.374   0.796   1.00 26.13  ? 27   ALA A O     1 
ATOM   233  C CB    . ALA A 1 27  ? 4.661   2.567   3.633   1.00 21.78  ? 27   ALA A CB    1 
ATOM   234  N N     . THR A 1 28  ? 4.165   5.096   1.625   1.00 21.55  ? 28   THR A N     1 
ATOM   235  C CA    . THR A 1 28  ? 3.571   5.504   0.396   1.00 20.40  ? 28   THR A CA    1 
ATOM   236  C C     . THR A 1 28  ? 4.002   6.849   -0.140  1.00 20.15  ? 28   THR A C     1 
ATOM   237  O O     . THR A 1 28  ? 3.288   7.505   -0.919  1.00 20.45  ? 28   THR A O     1 
ATOM   238  C CB    . THR A 1 28  ? 2.028   5.372   0.489   1.00 22.24  ? 28   THR A CB    1 
ATOM   239  O OG1   . THR A 1 28  ? 1.498   6.299   1.488   1.00 20.09  ? 28   THR A OG1   1 
ATOM   240  C CG2   . THR A 1 28  ? 1.630   3.959   0.902   1.00 23.72  ? 28   THR A CG2   1 
ATOM   241  N N     . SER A 1 29  ? 5.134   7.325   0.343   1.00 22.33  ? 29   SER A N     1 
ATOM   242  C CA    . SER A 1 29  ? 5.608   8.656   -0.026  1.00 23.46  ? 29   SER A CA    1 
ATOM   243  C C     . SER A 1 29  ? 5.995   8.774   -1.532  1.00 24.69  ? 29   SER A C     1 
ATOM   244  O O     . SER A 1 29  ? 6.211   7.750   -2.256  1.00 22.43  ? 29   SER A O     1 
ATOM   245  C CB    . SER A 1 29  ? 6.784   8.987   0.847   1.00 22.72  ? 29   SER A CB    1 
ATOM   246  O OG    . SER A 1 29  ? 7.978   8.335   0.423   1.00 22.54  ? 29   SER A OG    1 
ATOM   247  N N     . ASN A 1 30  ? 6.190   10.044  -1.988  1.00 25.41  ? 30   ASN A N     1 
ATOM   248  C CA    . ASN A 1 30  ? 6.715   10.364  -3.284  1.00 25.97  ? 30   ASN A CA    1 
ATOM   249  C C     . ASN A 1 30  ? 8.190   10.057  -3.412  1.00 25.90  ? 30   ASN A C     1 
ATOM   250  O O     . ASN A 1 30  ? 8.773   10.238  -4.478  1.00 27.80  ? 30   ASN A O     1 
ATOM   251  C CB    . ASN A 1 30  ? 6.431   11.836  -3.686  1.00 26.15  ? 30   ASN A CB    1 
ATOM   252  C CG    . ASN A 1 30  ? 5.113   12.065  -4.201  1.00 27.37  ? 30   ASN A CG    1 
ATOM   253  O OD1   . ASN A 1 30  ? 4.504   11.122  -4.784  1.00 20.96  ? 30   ASN A OD1   1 
ATOM   254  N ND2   . ASN A 1 30  ? 4.619   13.298  -4.082  1.00 24.94  ? 30   ASN A ND2   1 
ATOM   255  N N     . ASP A 1 31  ? 8.842   9.517   -2.406  1.00 25.08  ? 31   ASP A N     1 
ATOM   256  C CA    . ASP A 1 31  ? 10.257  9.214   -2.569  1.00 26.52  ? 31   ASP A CA    1 
ATOM   257  C C     . ASP A 1 31  ? 10.465  8.092   -3.599  1.00 29.89  ? 31   ASP A C     1 
ATOM   258  O O     . ASP A 1 31  ? 9.689   7.151   -3.612  1.00 26.89  ? 31   ASP A O     1 
ATOM   259  C CB    . ASP A 1 31  ? 10.935  8.811   -1.289  1.00 24.73  ? 31   ASP A CB    1 
ATOM   260  C CG    . ASP A 1 31  ? 11.064  10.018  -0.222  1.00 28.93  ? 31   ASP A CG    1 
ATOM   261  O OD1   . ASP A 1 31  ? 11.081  11.240  -0.570  1.00 29.93  ? 31   ASP A OD1   1 
ATOM   262  O OD2   . ASP A 1 31  ? 11.151  9.773   0.987   1.00 30.56  ? 31   ASP A OD2   1 
ATOM   263  N N     . PRO A 1 32  ? 11.521  8.173   -4.391  1.00 33.58  ? 32   PRO A N     1 
ATOM   264  C CA    . PRO A 1 32  ? 11.754  7.193   -5.461  1.00 37.25  ? 32   PRO A CA    1 
ATOM   265  C C     . PRO A 1 32  ? 12.372  5.919   -4.984  1.00 39.42  ? 32   PRO A C     1 
ATOM   266  O O     . PRO A 1 32  ? 12.962  5.321   -5.858  1.00 41.41  ? 32   PRO A O     1 
ATOM   267  C CB    . PRO A 1 32  ? 12.694  7.951   -6.415  1.00 36.99  ? 32   PRO A CB    1 
ATOM   268  C CG    . PRO A 1 32  ? 13.498  8.829   -5.496  1.00 36.26  ? 32   PRO A CG    1 
ATOM   269  C CD    . PRO A 1 32  ? 12.528  9.256   -4.423  1.00 34.59  ? 32   PRO A CD    1 
ATOM   270  N N     . TRP A 1 33  ? 12.301  5.561   -3.685  1.00 40.97  ? 33   TRP A N     1 
ATOM   271  C CA    . TRP A 1 33  ? 12.685  4.259   -3.171  1.00 41.54  ? 33   TRP A CA    1 
ATOM   272  C C     . TRP A 1 33  ? 11.450  3.556   -2.537  1.00 43.27  ? 33   TRP A C     1 
ATOM   273  O O     . TRP A 1 33  ? 10.467  4.192   -2.052  1.00 40.90  ? 33   TRP A O     1 
ATOM   274  C CB    . TRP A 1 33  ? 13.879  4.318   -2.215  1.00 41.39  ? 33   TRP A CB    1 
ATOM   275  C CG    . TRP A 1 33  ? 13.780  5.264   -1.104  1.00 43.96  ? 33   TRP A CG    1 
ATOM   276  C CD1   . TRP A 1 33  ? 13.372  4.989   0.161   1.00 45.92  ? 33   TRP A CD1   1 
ATOM   277  C CD2   . TRP A 1 33  ? 14.194  6.629   -1.102  1.00 44.78  ? 33   TRP A CD2   1 
ATOM   278  N NE1   . TRP A 1 33  ? 13.430  6.120   0.937   1.00 47.67  ? 33   TRP A NE1   1 
ATOM   279  C CE2   . TRP A 1 33  ? 13.950  7.142   0.195   1.00 47.53  ? 33   TRP A CE2   1 
ATOM   280  C CE3   . TRP A 1 33  ? 14.756  7.475   -2.058  1.00 47.04  ? 33   TRP A CE3   1 
ATOM   281  C CZ2   . TRP A 1 33  ? 14.251  8.467   0.564   1.00 47.69  ? 33   TRP A CZ2   1 
ATOM   282  C CZ3   . TRP A 1 33  ? 15.028  8.824   -1.691  1.00 48.39  ? 33   TRP A CZ3   1 
ATOM   283  C CH2   . TRP A 1 33  ? 14.772  9.289   -0.401  1.00 47.47  ? 33   TRP A CH2   1 
ATOM   284  N N     . GLY A 1 34  ? 11.533  2.229   -2.542  1.00 43.77  ? 34   GLY A N     1 
ATOM   285  C CA    . GLY A 1 34  ? 10.342  1.425   -2.409  1.00 44.61  ? 34   GLY A CA    1 
ATOM   286  C C     . GLY A 1 34  ? 10.001  1.398   -1.015  1.00 43.21  ? 34   GLY A C     1 
ATOM   287  O O     . GLY A 1 34  ? 10.903  1.710   -0.201  1.00 45.38  ? 34   GLY A O     1 
ATOM   288  N N     . PRO A 1 35  ? 8.732   1.019   -0.713  1.00 43.77  ? 35   PRO A N     1 
ATOM   289  C CA    . PRO A 1 35  ? 8.322   0.881   0.673   1.00 42.84  ? 35   PRO A CA    1 
ATOM   290  C C     . PRO A 1 35  ? 9.259   -0.151  1.237   1.00 43.39  ? 35   PRO A C     1 
ATOM   291  O O     . PRO A 1 35  ? 9.541   -1.211  0.631   1.00 43.33  ? 35   PRO A O     1 
ATOM   292  C CB    . PRO A 1 35  ? 6.883   0.353   0.610   1.00 43.54  ? 35   PRO A CB    1 
ATOM   293  C CG    . PRO A 1 35  ? 6.436   0.503   -0.946  1.00 45.28  ? 35   PRO A CG    1 
ATOM   294  C CD    . PRO A 1 35  ? 7.682   0.623   -1.681  1.00 43.16  ? 35   PRO A CD    1 
ATOM   295  N N     . SER A 1 36  ? 9.849   0.202   2.345   1.00 41.96  ? 36   SER A N     1 
ATOM   296  C CA    . SER A 1 36  ? 10.691  -0.717  3.034   1.00 41.70  ? 36   SER A CA    1 
ATOM   297  C C     . SER A 1 36  ? 9.914   -1.974  3.572   1.00 43.83  ? 36   SER A C     1 
ATOM   298  O O     . SER A 1 36  ? 8.909   -1.837  4.312   1.00 42.60  ? 36   SER A O     1 
ATOM   299  C CB    . SER A 1 36  ? 11.227  0.017   4.222   1.00 39.77  ? 36   SER A CB    1 
ATOM   300  O OG    . SER A 1 36  ? 11.595  -0.894  5.224   1.00 44.13  ? 36   SER A OG    1 
ATOM   301  N N     . SER A 1 37  ? 10.357  -3.167  3.171   1.00 44.82  ? 37   SER A N     1 
ATOM   302  C CA    . SER A 1 37  ? 9.861   -4.445  3.738   1.00 45.46  ? 37   SER A CA    1 
ATOM   303  C C     . SER A 1 37  ? 9.639   -4.493  5.305   1.00 43.25  ? 37   SER A C     1 
ATOM   304  O O     . SER A 1 37  ? 8.557   -4.894  5.747   1.00 44.38  ? 37   SER A O     1 
ATOM   305  C CB    . SER A 1 37  ? 10.764  -5.601  3.290   1.00 46.03  ? 37   SER A CB    1 
ATOM   306  O OG    . SER A 1 37  ? 10.102  -6.320  2.273   1.00 51.14  ? 37   SER A OG    1 
ATOM   307  N N     . SER A 1 38  ? 10.569  -4.041  6.141   1.00 40.78  ? 38   SER A N     1 
ATOM   308  C CA    . SER A 1 38  ? 10.299  -4.025  7.587   1.00 38.55  ? 38   SER A CA    1 
ATOM   309  C C     . SER A 1 38  ? 9.242   -3.011  8.178   1.00 37.85  ? 38   SER A C     1 
ATOM   310  O O     . SER A 1 38  ? 8.675   -3.174  9.335   1.00 34.49  ? 38   SER A O     1 
ATOM   311  C CB    A SER A 1 38  ? 11.561  -3.725  8.349   0.50 38.93  ? 38   SER A CB    1 
ATOM   312  C CB    B SER A 1 38  ? 11.595  -3.707  8.264   0.50 38.60  ? 38   SER A CB    1 
ATOM   313  O OG    A SER A 1 38  ? 11.201  -3.509  9.712   0.50 41.02  ? 38   SER A OG    1 
ATOM   314  O OG    B SER A 1 38  ? 12.144  -2.605  7.593   0.50 38.16  ? 38   SER A OG    1 
ATOM   315  N N     . LEU A 1 39  ? 9.144   -1.872  7.478   1.00 34.60  ? 39   LEU A N     1 
ATOM   316  C CA    . LEU A 1 39  ? 8.193   -0.847  7.880   1.00 31.29  ? 39   LEU A CA    1 
ATOM   317  C C     . LEU A 1 39  ? 6.856   -1.489  7.587   1.00 29.92  ? 39   LEU A C     1 
ATOM   318  O O     . LEU A 1 39  ? 5.899   -1.365  8.323   1.00 30.44  ? 39   LEU A O     1 
ATOM   319  C CB    . LEU A 1 39  ? 8.416   0.411   7.021   1.00 31.12  ? 39   LEU A CB    1 
ATOM   320  C CG    . LEU A 1 39  ? 7.272   1.412   7.132   1.00 29.65  ? 39   LEU A CG    1 
ATOM   321  C CD1   . LEU A 1 39  ? 7.112   1.941   8.605   1.00 30.08  ? 39   LEU A CD1   1 
ATOM   322  C CD2   . LEU A 1 39  ? 7.558   2.515   6.211   1.00 30.56  ? 39   LEU A CD2   1 
ATOM   323  N N     . MET A 1 40  ? 6.834   -2.159  6.473   1.00 29.59  ? 40   MET A N     1 
ATOM   324  C CA    . MET A 1 40  ? 5.607   -2.767  5.950   1.00 30.01  ? 40   MET A CA    1 
ATOM   325  C C     . MET A 1 40  ? 5.112   -3.895  6.886   1.00 31.39  ? 40   MET A C     1 
ATOM   326  O O     . MET A 1 40  ? 3.943   -4.056  7.146   1.00 27.15  ? 40   MET A O     1 
ATOM   327  C CB    . MET A 1 40  ? 5.795   -3.154  4.443   1.00 32.56  ? 40   MET A CB    1 
ATOM   328  C CG    . MET A 1 40  ? 5.566   -1.935  3.329   1.00 23.12  ? 40   MET A CG    1 
ATOM   329  S SD    . MET A 1 40  ? 5.042   -2.787  1.649   1.00 34.89  ? 40   MET A SD    1 
ATOM   330  C CE    . MET A 1 40  ? 6.472   -3.784  1.265   1.00 40.98  ? 40   MET A CE    1 
ATOM   331  N N     . SER A 1 41  ? 6.060   -4.593  7.489   1.00 31.76  ? 41   SER A N     1 
ATOM   332  C CA    . SER A 1 41  ? 5.763   -5.600  8.492   1.00 32.53  ? 41   SER A CA    1 
ATOM   333  C C     . SER A 1 41  ? 5.190   -4.987  9.743   1.00 31.37  ? 41   SER A C     1 
ATOM   334  O O     . SER A 1 41  ? 4.264   -5.528  10.379  1.00 27.66  ? 41   SER A O     1 
ATOM   335  C CB    . SER A 1 41  ? 7.059   -6.382  8.760   1.00 34.74  ? 41   SER A CB    1 
ATOM   336  O OG    . SER A 1 41  ? 6.804   -7.371  9.736   1.00 41.02  ? 41   SER A OG    1 
ATOM   337  N N     . GLU A 1 42  ? 5.723   -3.802  10.167  1.00 29.59  ? 42   GLU A N     1 
ATOM   338  C CA    . GLU A 1 42  ? 5.088   -3.112  11.248  1.00 27.47  ? 42   GLU A CA    1 
ATOM   339  C C     . GLU A 1 42  ? 3.640   -2.685  10.987  1.00 24.58  ? 42   GLU A C     1 
ATOM   340  O O     . GLU A 1 42  ? 2.837   -2.686  11.910  1.00 25.59  ? 42   GLU A O     1 
ATOM   341  C CB    . GLU A 1 42  ? 5.892   -1.858  11.694  1.00 28.60  ? 42   GLU A CB    1 
ATOM   342  C CG    . GLU A 1 42  ? 7.292   -2.155  12.196  1.00 34.15  ? 42   GLU A CG    1 
ATOM   343  C CD    . GLU A 1 42  ? 8.169   -0.916  12.292  1.00 33.08  ? 42   GLU A CD    1 
ATOM   344  O OE1   A GLU A 1 42  ? 7.605   0.192   12.592  0.50 28.08  ? 42   GLU A OE1   1 
ATOM   345  O OE1   B GLU A 1 42  ? 8.883   -0.845  13.367  0.50 36.65  ? 42   GLU A OE1   1 
ATOM   346  O OE2   A GLU A 1 42  ? 9.384   -1.066  11.957  0.50 35.23  ? 42   GLU A OE2   1 
ATOM   347  O OE2   B GLU A 1 42  ? 8.151   -0.044  11.373  0.50 29.34  ? 42   GLU A OE2   1 
ATOM   348  N N     . ILE A 1 43  ? 3.313   -2.304  9.733   1.00 23.39  ? 43   ILE A N     1 
ATOM   349  C CA    . ILE A 1 43  ? 1.949   -1.880  9.351   1.00 21.97  ? 43   ILE A CA    1 
ATOM   350  C C     . ILE A 1 43  ? 1.061   -3.146  9.406   1.00 20.19  ? 43   ILE A C     1 
ATOM   351  O O     . ILE A 1 43  ? 0.015   -3.124  10.017  1.00 19.69  ? 43   ILE A O     1 
ATOM   352  C CB    . ILE A 1 43  ? 1.988   -1.253  7.975   1.00 21.24  ? 43   ILE A CB    1 
ATOM   353  C CG1   . ILE A 1 43  ? 2.802   0.095   8.067   1.00 23.46  ? 43   ILE A CG1   1 
ATOM   354  C CG2   . ILE A 1 43  ? 0.618   -0.942  7.588   1.00 17.93  ? 43   ILE A CG2   1 
ATOM   355  C CD1   . ILE A 1 43  ? 3.101   0.752   6.804   1.00 23.18  ? 43   ILE A CD1   1 
ATOM   356  N N     . ALA A 1 44  ? 1.620   -4.225  8.883   1.00 23.22  ? 44   ALA A N     1 
ATOM   357  C CA    . ALA A 1 44  ? 0.872   -5.555  8.954   1.00 25.67  ? 44   ALA A CA    1 
ATOM   358  C C     . ALA A 1 44  ? 0.471   -5.914  10.415  1.00 26.28  ? 44   ALA A C     1 
ATOM   359  O O     . ALA A 1 44  ? -0.684  -6.266  10.760  1.00 24.59  ? 44   ALA A O     1 
ATOM   360  C CB    . ALA A 1 44  ? 1.677   -6.659  8.292   1.00 24.64  ? 44   ALA A CB    1 
ATOM   361  N N     . ASP A 1 45  ? 1.416   -5.770  11.329  1.00 26.64  ? 45   ASP A N     1 
ATOM   362  C CA    . ASP A 1 45  ? 1.077   -6.005  12.722  1.00 28.73  ? 45   ASP A CA    1 
ATOM   363  C C     . ASP A 1 45  ? 0.001   -5.144  13.289  1.00 27.96  ? 45   ASP A C     1 
ATOM   364  O O     . ASP A 1 45  ? -0.793  -5.611  14.103  1.00 27.65  ? 45   ASP A O     1 
ATOM   365  C CB    . ASP A 1 45  ? 2.274   -5.769  13.624  1.00 30.93  ? 45   ASP A CB    1 
ATOM   366  C CG    . ASP A 1 45  ? 3.320   -6.765  13.458  1.00 37.17  ? 45   ASP A CG    1 
ATOM   367  O OD1   . ASP A 1 45  ? 3.108   -7.689  12.668  1.00 34.82  ? 45   ASP A OD1   1 
ATOM   368  O OD2   . ASP A 1 45  ? 4.497   -6.621  13.870  1.00 39.36  ? 45   ASP A OD2   1 
ATOM   369  N N     . LEU A 1 46  ? -0.093  -3.889  12.820  1.00 26.50  ? 46   LEU A N     1 
ATOM   370  C CA    . LEU A 1 46  ? -1.094  -2.964  13.264  1.00 25.88  ? 46   LEU A CA    1 
ATOM   371  C C     . LEU A 1 46  ? -2.471  -3.239  12.690  1.00 23.59  ? 46   LEU A C     1 
ATOM   372  O O     . LEU A 1 46  ? -3.450  -2.700  13.190  1.00 25.99  ? 46   LEU A O     1 
ATOM   373  C CB    . LEU A 1 46  ? -0.674  -1.479  12.986  1.00 25.60  ? 46   LEU A CB    1 
ATOM   374  C CG    . LEU A 1 46  ? 0.483   -0.986  13.888  1.00 27.23  ? 46   LEU A CG    1 
ATOM   375  C CD1   . LEU A 1 46  ? 1.097   0.243   13.228  1.00 26.44  ? 46   LEU A CD1   1 
ATOM   376  C CD2   . LEU A 1 46  ? -0.089  -0.687  15.236  1.00 30.18  ? 46   LEU A CD2   1 
ATOM   377  N N     . THR A 1 47  ? -2.632  -4.109  11.666  1.00 25.77  ? 47   THR A N     1 
ATOM   378  C CA    . THR A 1 47  ? -3.940  -4.348  11.115  1.00 25.48  ? 47   THR A CA    1 
ATOM   379  C C     . THR A 1 47  ? -4.883  -5.152  11.975  1.00 26.87  ? 47   THR A C     1 
ATOM   380  O O     . THR A 1 47  ? -6.044  -5.315  11.610  1.00 26.08  ? 47   THR A O     1 
ATOM   381  C CB    . THR A 1 47  ? -3.892  -5.002  9.650   1.00 26.12  ? 47   THR A CB    1 
ATOM   382  O OG1   . THR A 1 47  ? -3.199  -6.252  9.728   1.00 26.69  ? 47   THR A OG1   1 
ATOM   383  C CG2   . THR A 1 47  ? -3.094  -4.142  8.728   1.00 25.55  ? 47   THR A CG2   1 
ATOM   384  N N     . TYR A 1 48  ? -4.374  -5.708  13.030  1.00 28.39  ? 48   TYR A N     1 
ATOM   385  C CA    . TYR A 1 48  ? -5.157  -6.418  14.044  1.00 30.03  ? 48   TYR A CA    1 
ATOM   386  C C     . TYR A 1 48  ? -5.757  -5.601  15.162  1.00 32.95  ? 48   TYR A C     1 
ATOM   387  O O     . TYR A 1 48  ? -6.308  -6.141  16.122  1.00 36.20  ? 48   TYR A O     1 
ATOM   388  C CB    . TYR A 1 48  ? -4.226  -7.447  14.686  1.00 29.18  ? 48   TYR A CB    1 
ATOM   389  C CG    . TYR A 1 48  ? -3.817  -8.507  13.715  1.00 28.92  ? 48   TYR A CG    1 
ATOM   390  C CD1   . TYR A 1 48  ? -2.625  -8.408  13.013  1.00 27.27  ? 48   TYR A CD1   1 
ATOM   391  C CD2   . TYR A 1 48  ? -4.637  -9.599  13.473  1.00 30.81  ? 48   TYR A CD2   1 
ATOM   392  C CE1   . TYR A 1 48  ? -2.225  -9.390  12.082  1.00 25.88  ? 48   TYR A CE1   1 
ATOM   393  C CE2   . TYR A 1 48  ? -4.234  -10.589 12.543  1.00 23.51  ? 48   TYR A CE2   1 
ATOM   394  C CZ    . TYR A 1 48  ? -3.071  -10.480 11.832  1.00 25.82  ? 48   TYR A CZ    1 
ATOM   395  O OH    . TYR A 1 48  ? -2.687  -11.471 10.912  1.00 27.77  ? 48   TYR A OH    1 
ATOM   396  N N     . ASN A 1 49  ? -5.544  -4.294  15.145  1.00 32.28  ? 49   ASN A N     1 
ATOM   397  C CA    . ASN A 1 49  ? -6.200  -3.403  16.059  1.00 30.38  ? 49   ASN A CA    1 
ATOM   398  C C     . ASN A 1 49  ? -7.318  -2.699  15.333  1.00 28.81  ? 49   ASN A C     1 
ATOM   399  O O     . ASN A 1 49  ? -7.115  -2.180  14.233  1.00 26.97  ? 49   ASN A O     1 
ATOM   400  C CB    . ASN A 1 49  ? -5.136  -2.375  16.532  1.00 30.36  ? 49   ASN A CB    1 
ATOM   401  C CG    . ASN A 1 49  ? -5.729  -1.335  17.375  1.00 30.20  ? 49   ASN A CG    1 
ATOM   402  O OD1   . ASN A 1 49  ? -6.484  -0.464  16.902  1.00 32.53  ? 49   ASN A OD1   1 
ATOM   403  N ND2   . ASN A 1 49  ? -5.611  -1.571  18.689  1.00 37.58  ? 49   ASN A ND2   1 
ATOM   404  N N     . VAL A 1 50  ? -8.516  -2.632  15.873  1.00 28.28  ? 50   VAL A N     1 
ATOM   405  C CA    . VAL A 1 50  ? -9.615  -2.035  15.080  1.00 26.73  ? 50   VAL A CA    1 
ATOM   406  C C     . VAL A 1 50  ? -9.448  -0.532  14.745  1.00 28.73  ? 50   VAL A C     1 
ATOM   407  O O     . VAL A 1 50  ? -9.909  0.018   13.705  1.00 27.68  ? 50   VAL A O     1 
ATOM   408  C CB    A VAL A 1 50  ? -10.936 -2.408  15.761  0.50 29.91  ? 50   VAL A CB    1 
ATOM   409  C CB    B VAL A 1 50  ? -11.069 -2.081  15.689  0.50 29.07  ? 50   VAL A CB    1 
ATOM   410  C CG1   A VAL A 1 50  ? -12.103 -1.791  15.121  0.50 30.22  ? 50   VAL A CG1   1 
ATOM   411  C CG1   B VAL A 1 50  ? -11.602 -3.495  15.772  0.50 28.17  ? 50   VAL A CG1   1 
ATOM   412  C CG2   A VAL A 1 50  ? -11.124 -3.928  15.728  0.50 30.02  ? 50   VAL A CG2   1 
ATOM   413  C CG2   B VAL A 1 50  ? -11.179 -1.336  17.077  0.50 25.43  ? 50   VAL A CG2   1 
ATOM   414  N N     . VAL A 1 51  ? -8.853  0.212   15.660  1.00 26.73  ? 51   VAL A N     1 
ATOM   415  C CA    . VAL A 1 51  ? -8.668  1.615   15.351  1.00 25.87  ? 51   VAL A CA    1 
ATOM   416  C C     . VAL A 1 51  ? -7.576  1.813   14.234  1.00 21.54  ? 51   VAL A C     1 
ATOM   417  O O     . VAL A 1 51  ? -7.813  2.536   13.293  1.00 21.26  ? 51   VAL A O     1 
ATOM   418  C CB    . VAL A 1 51  ? -8.257  2.372   16.622  1.00 27.43  ? 51   VAL A CB    1 
ATOM   419  C CG1   . VAL A 1 51  ? -8.009  3.822   16.261  1.00 28.82  ? 51   VAL A CG1   1 
ATOM   420  C CG2   . VAL A 1 51  ? -9.366  2.265   17.663  1.00 30.74  ? 51   VAL A CG2   1 
ATOM   421  N N     . ALA A 1 52  ? -6.414  1.168   14.409  1.00 21.03  ? 52   ALA A N     1 
ATOM   422  C CA    . ALA A 1 52  ? -5.322  1.237   13.480  1.00 20.43  ? 52   ALA A CA    1 
ATOM   423  C C     . ALA A 1 52  ? -5.700  0.644   12.115  1.00 21.50  ? 52   ALA A C     1 
ATOM   424  O O     . ALA A 1 52  ? -5.425  1.236   11.078  1.00 20.90  ? 52   ALA A O     1 
ATOM   425  C CB    . ALA A 1 52  ? -4.096  0.544   14.023  1.00 21.93  ? 52   ALA A CB    1 
ATOM   426  N N     . PHE A 1 53  ? -6.535  -0.419  12.165  1.00 21.04  ? 53   PHE A N     1 
ATOM   427  C CA    . PHE A 1 53  ? -7.017  -0.974  10.849  1.00 21.45  ? 53   PHE A CA    1 
ATOM   428  C C     . PHE A 1 53  ? -7.858  0.054   10.111  1.00 20.76  ? 53   PHE A C     1 
ATOM   429  O O     . PHE A 1 53  ? -7.700  0.276   8.909   1.00 20.55  ? 53   PHE A O     1 
ATOM   430  C CB    . PHE A 1 53  ? -7.910  -2.216  11.104  1.00 22.08  ? 53   PHE A CB    1 
ATOM   431  C CG    . PHE A 1 53  ? -8.597  -2.739  9.848   1.00 21.20  ? 53   PHE A CG    1 
ATOM   432  C CD1   . PHE A 1 53  ? -7.951  -3.654  9.046   1.00 23.66  ? 53   PHE A CD1   1 
ATOM   433  C CD2   . PHE A 1 53  ? -9.837  -2.291  9.504   1.00 25.17  ? 53   PHE A CD2   1 
ATOM   434  C CE1   . PHE A 1 53  ? -8.561  -4.123  7.888   1.00 23.10  ? 53   PHE A CE1   1 
ATOM   435  C CE2   . PHE A 1 53  ? -10.548 -2.762  8.325   1.00 24.89  ? 53   PHE A CE2   1 
ATOM   436  C CZ    . PHE A 1 53  ? -9.883  -3.660  7.501   1.00 22.41  ? 53   PHE A CZ    1 
ATOM   437  N N     . SER A 1 54  ? -8.764  0.772   10.792  1.00 23.47  ? 54   SER A N     1 
ATOM   438  C CA    . SER A 1 54  ? -9.558  1.791   10.152  1.00 22.50  ? 54   SER A CA    1 
ATOM   439  C C     . SER A 1 54  ? -8.700  2.994   9.589   1.00 21.86  ? 54   SER A C     1 
ATOM   440  O O     . SER A 1 54  ? -8.902  3.515   8.476   1.00 22.18  ? 54   SER A O     1 
ATOM   441  C CB    . SER A 1 54  ? -10.606 2.330   11.125  1.00 23.76  ? 54   SER A CB    1 
ATOM   442  O OG    . SER A 1 54  ? -11.375 3.303   10.518  1.00 28.74  ? 54   SER A OG    1 
ATOM   443  N N     . GLU A 1 55  ? -7.720  3.339   10.373  1.00 23.17  ? 55   GLU A N     1 
ATOM   444  C CA    . GLU A 1 55  ? -6.816  4.421   10.009  1.00 22.05  ? 55   GLU A CA    1 
ATOM   445  C C     . GLU A 1 55  ? -5.967  4.049   8.760   1.00 21.37  ? 55   GLU A C     1 
ATOM   446  O O     . GLU A 1 55  ? -5.758  4.858   7.864   1.00 20.12  ? 55   GLU A O     1 
ATOM   447  C CB    . GLU A 1 55  ? -5.876  4.707   11.189  1.00 23.66  ? 55   GLU A CB    1 
ATOM   448  C CG    . GLU A 1 55  ? -6.648  5.431   12.271  1.00 25.93  ? 55   GLU A CG    1 
ATOM   449  C CD    . GLU A 1 55  ? -5.821  5.676   13.522  1.00 26.47  ? 55   GLU A CD    1 
ATOM   450  O OE1   . GLU A 1 55  ? -4.733  5.146   13.719  1.00 27.19  ? 55   GLU A OE1   1 
ATOM   451  O OE2   . GLU A 1 55  ? -6.381  6.434   14.375  1.00 28.74  ? 55   GLU A OE2   1 
ATOM   452  N N     . ILE A 1 56  ? -5.409  2.855   8.784   1.00 20.72  ? 56   ILE A N     1 
ATOM   453  C CA    . ILE A 1 56  ? -4.625  2.330   7.678   1.00 20.08  ? 56   ILE A CA    1 
ATOM   454  C C     . ILE A 1 56  ? -5.427  2.282   6.370   1.00 21.62  ? 56   ILE A C     1 
ATOM   455  O O     . ILE A 1 56  ? -4.978  2.745   5.319   1.00 19.58  ? 56   ILE A O     1 
ATOM   456  C CB    . ILE A 1 56  ? -3.984  0.982   8.048   1.00 20.13  ? 56   ILE A CB    1 
ATOM   457  C CG1   . ILE A 1 56  ? -2.953  1.078   9.132   1.00 21.39  ? 56   ILE A CG1   1 
ATOM   458  C CG2   . ILE A 1 56  ? -3.416  0.189   6.805   1.00 20.53  ? 56   ILE A CG2   1 
ATOM   459  C CD1   . ILE A 1 56  ? -2.627  -0.189  9.881   1.00 21.62  ? 56   ILE A CD1   1 
ATOM   460  N N     . MET A 1 57  ? -6.636  1.711   6.414   1.00 23.09  ? 57   MET A N     1 
ATOM   461  C CA    . MET A 1 57  ? -7.407  1.576   5.208   1.00 24.79  ? 57   MET A CA    1 
ATOM   462  C C     . MET A 1 57  ? -7.855  2.902   4.676   1.00 23.03  ? 57   MET A C     1 
ATOM   463  O O     . MET A 1 57  ? -7.792  3.126   3.504   1.00 23.48  ? 57   MET A O     1 
ATOM   464  C CB    . MET A 1 57  ? -8.634  0.627   5.434   1.00 26.01  ? 57   MET A CB    1 
ATOM   465  C CG    . MET A 1 57  ? -8.175  -0.758  5.951   1.00 27.57  ? 57   MET A CG    1 
ATOM   466  S SD    . MET A 1 57  ? -6.949  -1.708  4.822   1.00 31.72  ? 57   MET A SD    1 
ATOM   467  C CE    . MET A 1 57  ? -7.840  -1.558  3.703   1.00 32.07  ? 57   MET A CE    1 
ATOM   468  N N     . SER A 1 58  ? -8.118  3.874   5.576   1.00 23.66  ? 58   SER A N     1 
ATOM   469  C CA    . SER A 1 58  ? -8.531  5.170   5.192   1.00 22.80  ? 58   SER A CA    1 
ATOM   470  C C     . SER A 1 58  ? -7.357  5.934   4.528   1.00 21.24  ? 58   SER A C     1 
ATOM   471  O O     . SER A 1 58  ? -7.548  6.617   3.570   1.00 23.27  ? 58   SER A O     1 
ATOM   472  C CB    . SER A 1 58  ? -9.112  5.936   6.384   1.00 22.97  ? 58   SER A CB    1 
ATOM   473  O OG    . SER A 1 58  ? -9.610  7.152   5.860   1.00 33.63  ? 58   SER A OG    1 
ATOM   474  N N     . MET A 1 59  ? -6.170  5.840   5.095   1.00 20.89  ? 59   MET A N     1 
ATOM   475  C CA    . MET A 1 59  ? -5.019  6.500   4.496   1.00 22.68  ? 59   MET A CA    1 
ATOM   476  C C     . MET A 1 59  ? -4.604  5.869   3.148   1.00 23.12  ? 59   MET A C     1 
ATOM   477  O O     . MET A 1 59  ? -4.255  6.577   2.195   1.00 21.87  ? 59   MET A O     1 
ATOM   478  C CB    . MET A 1 59  ? -3.822  6.471   5.417   1.00 22.20  ? 59   MET A CB    1 
ATOM   479  C CG    . MET A 1 59  ? -2.628  7.344   4.991   1.00 25.32  ? 59   MET A CG    1 
ATOM   480  S SD    . MET A 1 59  ? -3.117  9.146   4.883   1.00 26.96  ? 59   MET A SD    1 
ATOM   481  C CE    . MET A 1 59  ? -3.358  9.595   6.637   1.00 28.66  ? 59   MET A CE    1 
ATOM   482  N N     . ILE A 1 60  ? -4.763  4.538   3.048   1.00 22.65  ? 60   ILE A N     1 
ATOM   483  C CA    . ILE A 1 60  ? -4.485  3.888   1.758   1.00 23.53  ? 60   ILE A CA    1 
ATOM   484  C C     . ILE A 1 60  ? -5.417  4.446   0.722   1.00 23.31  ? 60   ILE A C     1 
ATOM   485  O O     . ILE A 1 60  ? -4.988  4.745   -0.390  1.00 23.72  ? 60   ILE A O     1 
ATOM   486  C CB    . ILE A 1 60  ? -4.599  2.368   1.867   1.00 23.51  ? 60   ILE A CB    1 
ATOM   487  C CG1   . ILE A 1 60  ? -3.363  1.904   2.628   1.00 22.22  ? 60   ILE A CG1   1 
ATOM   488  C CG2   . ILE A 1 60  ? -4.566  1.693   0.449   1.00 26.90  ? 60   ILE A CG2   1 
ATOM   489  C CD1   . ILE A 1 60  ? -3.350  0.426   3.059   1.00 23.88  ? 60   ILE A CD1   1 
ATOM   490  N N     . TRP A 1 61  ? -6.717  4.479   1.054   1.00 23.57  ? 61   TRP A N     1 
ATOM   491  C CA    . TRP A 1 61  ? -7.740  5.095   0.152   1.00 25.79  ? 61   TRP A CA    1 
ATOM   492  C C     . TRP A 1 61  ? -7.414  6.481   -0.294  1.00 24.57  ? 61   TRP A C     1 
ATOM   493  O O     . TRP A 1 61  ? -7.410  6.729   -1.527  1.00 26.25  ? 61   TRP A O     1 
ATOM   494  C CB    A TRP A 1 61  ? -9.173  5.024   0.703   0.50 27.10  ? 61   TRP A CB    1 
ATOM   495  C CB    B TRP A 1 61  ? -9.192  5.002   0.762   0.50 26.93  ? 61   TRP A CB    1 
ATOM   496  C CG    A TRP A 1 61  ? -10.148 5.549   -0.289  0.50 33.88  ? 61   TRP A CG    1 
ATOM   497  C CG    B TRP A 1 61  ? -10.377 5.686   -0.021  0.50 32.95  ? 61   TRP A CG    1 
ATOM   498  C CD1   A TRP A 1 61  ? -10.727 4.846   -1.336  0.50 39.74  ? 61   TRP A CD1   1 
ATOM   499  C CD1   B TRP A 1 61  ? -10.715 7.024   -0.036  0.50 38.60  ? 61   TRP A CD1   1 
ATOM   500  C CD2   A TRP A 1 61  ? -10.666 6.893   -0.381  0.50 40.99  ? 61   TRP A CD2   1 
ATOM   501  C CD2   B TRP A 1 61  ? -11.396 5.032   -0.835  0.50 39.67  ? 61   TRP A CD2   1 
ATOM   502  N NE1   A TRP A 1 61  ? -11.563 5.676   -2.051  0.50 41.33  ? 61   TRP A NE1   1 
ATOM   503  N NE1   B TRP A 1 61  ? -11.820 7.243   -0.833  0.50 40.60  ? 61   TRP A NE1   1 
ATOM   504  C CE2   A TRP A 1 61  ? -11.553 6.929   -1.491  0.50 41.08  ? 61   TRP A CE2   1 
ATOM   505  C CE2   B TRP A 1 61  ? -12.262 6.046   -1.334  0.50 40.61  ? 61   TRP A CE2   1 
ATOM   506  C CE3   A TRP A 1 61  ? -10.485 8.071   0.374   0.50 44.29  ? 61   TRP A CE3   1 
ATOM   507  C CE3   B TRP A 1 61  ? -11.637 3.705   -1.220  0.50 39.34  ? 61   TRP A CE3   1 
ATOM   508  C CZ2   A TRP A 1 61  ? -12.235 8.084   -1.866  0.50 42.63  ? 61   TRP A CZ2   1 
ATOM   509  C CZ2   B TRP A 1 61  ? -13.350 5.760   -2.181  0.50 41.87  ? 61   TRP A CZ2   1 
ATOM   510  C CZ3   A TRP A 1 61  ? -11.161 9.223   -0.001  0.50 45.34  ? 61   TRP A CZ3   1 
ATOM   511  C CZ3   B TRP A 1 61  ? -12.706 3.425   -2.063  0.50 39.14  ? 61   TRP A CZ3   1 
ATOM   512  C CH2   A TRP A 1 61  ? -12.033 9.218   -1.112  0.50 44.21  ? 61   TRP A CH2   1 
ATOM   513  C CH2   B TRP A 1 61  ? -13.553 4.438   -2.529  0.50 39.61  ? 61   TRP A CH2   1 
ATOM   514  N N     . LYS A 1 62  ? -7.003  7.351   0.644   1.00 24.87  ? 62   LYS A N     1 
ATOM   515  C CA    . LYS A 1 62  ? -6.598  8.668   0.314   1.00 25.82  ? 62   LYS A CA    1 
ATOM   516  C C     . LYS A 1 62  ? -5.473  8.700   -0.679  1.00 23.69  ? 62   LYS A C     1 
ATOM   517  O O     . LYS A 1 62  ? -5.511  9.470   -1.669  1.00 25.44  ? 62   LYS A O     1 
ATOM   518  C CB    . LYS A 1 62  ? -6.185  9.480   1.579   1.00 27.10  ? 62   LYS A CB    1 
ATOM   519  C CG    . LYS A 1 62  ? -7.370  9.908   2.526   1.00 35.56  ? 62   LYS A CG    1 
ATOM   520  C CD    . LYS A 1 62  ? -6.848  10.785  3.762   1.00 42.23  ? 62   LYS A CD    1 
ATOM   521  C CE    . LYS A 1 62  ? -7.904  11.041  4.956   1.00 46.74  ? 62   LYS A CE    1 
ATOM   522  N NZ    . LYS A 1 62  ? -7.241  11.443  6.401   1.00 45.24  ? 62   LYS A NZ    1 
ATOM   523  N N     . ARG A 1 63  ? -4.437  7.900   -0.447  1.00 20.06  ? 63   ARG A N     1 
ATOM   524  C CA    . ARG A 1 63  ? -3.291  7.878   -1.298  1.00 19.05  ? 63   ARG A CA    1 
ATOM   525  C C     . ARG A 1 63  ? -3.591  7.341   -2.719  1.00 21.99  ? 63   ARG A C     1 
ATOM   526  O O     . ARG A 1 63  ? -3.081  7.894   -3.736  1.00 22.35  ? 63   ARG A O     1 
ATOM   527  C CB    . ARG A 1 63  ? -2.120  7.089   -0.665  1.00 20.28  ? 63   ARG A CB    1 
ATOM   528  C CG    . ARG A 1 63  ? -1.500  7.817   0.417   1.00 24.38  ? 63   ARG A CG    1 
ATOM   529  C CD    . ARG A 1 63  ? -0.397  8.633   -0.138  1.00 24.91  ? 63   ARG A CD    1 
ATOM   530  N NE    . ARG A 1 63  ? -0.071  9.900   0.489   1.00 30.00  ? 63   ARG A NE    1 
ATOM   531  C CZ    . ARG A 1 63  ? 1.012   10.121  1.093   1.00 31.26  ? 63   ARG A CZ    1 
ATOM   532  N NH1   . ARG A 1 63  ? 1.795   9.155   1.419   1.00 31.43  ? 63   ARG A NH1   1 
ATOM   533  N NH2   . ARG A 1 63  ? 1.250   11.316  1.478   1.00 28.64  ? 63   ARG A NH2   1 
ATOM   534  N N     . LEU A 1 64  ? -4.539  6.415   -2.731  1.00 22.29  ? 64   LEU A N     1 
ATOM   535  C CA    . LEU A 1 64  ? -4.961  5.808   -3.958  1.00 26.65  ? 64   LEU A CA    1 
ATOM   536  C C     . LEU A 1 64  ? -5.703  6.807   -4.852  1.00 27.91  ? 64   LEU A C     1 
ATOM   537  O O     . LEU A 1 64  ? -5.732  6.613   -6.074  1.00 29.73  ? 64   LEU A O     1 
ATOM   538  C CB    . LEU A 1 64  ? -5.870  4.597   -3.719  1.00 25.85  ? 64   LEU A CB    1 
ATOM   539  C CG    . LEU A 1 64  ? -5.200  3.301   -3.383  1.00 30.54  ? 64   LEU A CG    1 
ATOM   540  C CD1   . LEU A 1 64  ? -6.345  2.326   -3.180  1.00 33.41  ? 64   LEU A CD1   1 
ATOM   541  C CD2   . LEU A 1 64  ? -4.325  2.829   -4.571  1.00 27.78  ? 64   LEU A CD2   1 
ATOM   542  N N     . ASN A 1 65  ? -6.222  7.889   -4.254  1.00 28.09  ? 65   ASN A N     1 
ATOM   543  C CA    . ASN A 1 65  ? -6.977  8.918   -4.957  1.00 31.39  ? 65   ASN A CA    1 
ATOM   544  C C     . ASN A 1 65  ? -6.201  10.067  -5.428  1.00 29.52  ? 65   ASN A C     1 
ATOM   545  O O     . ASN A 1 65  ? -6.745  11.030  -5.909  1.00 28.56  ? 65   ASN A O     1 
ATOM   546  C CB    . ASN A 1 65  ? -8.051  9.486   -4.020  1.00 33.60  ? 65   ASN A CB    1 
ATOM   547  C CG    . ASN A 1 65  ? -9.313  8.899   -4.272  1.00 38.27  ? 65   ASN A CG    1 
ATOM   548  O OD1   . ASN A 1 65  ? -10.053 9.339   -5.183  1.00 41.84  ? 65   ASN A OD1   1 
ATOM   549  N ND2   . ASN A 1 65  ? -9.565  7.785   -3.588  1.00 45.72  ? 65   ASN A ND2   1 
ATOM   550  N N     . ASP A 1 66  ? -4.889  9.993   -5.290  1.00 28.46  ? 66   ASP A N     1 
ATOM   551  C CA    . ASP A 1 66  ? -4.026  11.064  -5.744  1.00 27.67  ? 66   ASP A CA    1 
ATOM   552  C C     . ASP A 1 66  ? -3.878  11.069  -7.287  1.00 29.05  ? 66   ASP A C     1 
ATOM   553  O O     . ASP A 1 66  ? -4.387  10.172  -8.008  1.00 28.36  ? 66   ASP A O     1 
ATOM   554  C CB    A ASP A 1 66  ? -2.672  11.015  -5.073  0.50 26.95  ? 66   ASP A CB    1 
ATOM   555  C CB    B ASP A 1 66  ? -2.652  11.002  -5.060  0.50 27.49  ? 66   ASP A CB    1 
ATOM   556  C CG    A ASP A 1 66  ? -2.209  12.386  -4.651  0.50 23.10  ? 66   ASP A CG    1 
ATOM   557  C CG    B ASP A 1 66  ? -2.578  11.853  -3.788  0.50 27.27  ? 66   ASP A CG    1 
ATOM   558  O OD1   A ASP A 1 66  ? -2.556  13.397  -5.369  0.50 21.17  ? 66   ASP A OD1   1 
ATOM   559  O OD1   B ASP A 1 66  ? -3.388  12.734  -3.535  0.50 23.33  ? 66   ASP A OD1   1 
ATOM   560  O OD2   A ASP A 1 66  ? -1.526  12.486  -3.606  0.50 19.23  ? 66   ASP A OD2   1 
ATOM   561  O OD2   B ASP A 1 66  ? -1.741  11.687  -2.930  0.50 23.38  ? 66   ASP A OD2   1 
ATOM   562  N N     . HIS A 1 67  ? -3.239  12.092  -7.810  1.00 31.62  ? 67   HIS A N     1 
ATOM   563  C CA    . HIS A 1 67  ? -3.225  12.323  -9.254  1.00 32.23  ? 67   HIS A CA    1 
ATOM   564  C C     . HIS A 1 67  ? -1.926  12.876  -9.766  1.00 31.14  ? 67   HIS A C     1 
ATOM   565  O O     . HIS A 1 67  ? -1.065  13.363  -9.003  1.00 29.06  ? 67   HIS A O     1 
ATOM   566  C CB    A HIS A 1 67  ? -4.363  13.287  -9.757  0.50 33.86  ? 67   HIS A CB    1 
ATOM   567  C CB    B HIS A 1 67  ? -4.360  13.326  -9.599  0.50 34.41  ? 67   HIS A CB    1 
ATOM   568  C CG    A HIS A 1 67  ? -5.751  12.942  -9.306  0.50 36.25  ? 67   HIS A CG    1 
ATOM   569  C CG    B HIS A 1 67  ? -4.189  14.700  -8.995  0.50 38.99  ? 67   HIS A CG    1 
ATOM   570  N ND1   A HIS A 1 67  ? -6.855  13.038  -10.138 0.50 40.51  ? 67   HIS A ND1   1 
ATOM   571  N ND1   B HIS A 1 67  ? -5.271  15.500  -8.702  0.50 45.71  ? 67   HIS A ND1   1 
ATOM   572  C CD2   A HIS A 1 67  ? -6.239  12.602  -8.089  0.50 38.99  ? 67   HIS A CD2   1 
ATOM   573  C CD2   B HIS A 1 67  ? -3.091  15.443  -8.685  0.50 44.17  ? 67   HIS A CD2   1 
ATOM   574  C CE1   A HIS A 1 67  ? -7.945  12.733  -9.457  0.50 38.45  ? 67   HIS A CE1   1 
ATOM   575  C CE1   B HIS A 1 67  ? -4.860  16.666  -8.244  0.50 46.43  ? 67   HIS A CE1   1 
ATOM   576  N NE2   A HIS A 1 67  ? -7.597  12.449  -8.217  0.50 38.73  ? 67   HIS A NE2   1 
ATOM   577  N NE2   B HIS A 1 67  ? -3.538  16.648  -8.193  0.50 46.75  ? 67   HIS A NE2   1 
ATOM   578  N N     . GLY A 1 68  ? -1.692  12.739  -11.073 1.00 28.80  ? 68   GLY A N     1 
ATOM   579  C CA    . GLY A 1 68  ? -0.605  13.450  -11.700 1.00 28.70  ? 68   GLY A CA    1 
ATOM   580  C C     . GLY A 1 68  ? 0.741   13.247  -11.188 1.00 28.33  ? 68   GLY A C     1 
ATOM   581  O O     . GLY A 1 68  ? 1.159   12.098  -11.086 1.00 26.00  ? 68   GLY A O     1 
ATOM   582  N N     . LYS A 1 69  ? 1.415   14.329  -10.795 1.00 28.03  ? 69   LYS A N     1 
ATOM   583  C CA    . LYS A 1 69  ? 2.778   14.179  -10.374 1.00 28.11  ? 69   LYS A CA    1 
ATOM   584  C C     . LYS A 1 69  ? 2.958   13.397  -9.050  1.00 24.82  ? 69   LYS A C     1 
ATOM   585  O O     . LYS A 1 69  ? 4.052   13.084  -8.726  1.00 26.31  ? 69   LYS A O     1 
ATOM   586  C CB    . LYS A 1 69  ? 3.408   15.559  -10.219 1.00 30.87  ? 69   LYS A CB    1 
ATOM   587  C CG    . LYS A 1 69  ? 2.656   16.443  -9.253  1.00 33.70  ? 69   LYS A CG    1 
ATOM   588  C CD    . LYS A 1 69  ? 3.358   16.405  -7.970  1.00 37.87  ? 69   LYS A CD    1 
ATOM   589  C CE    . LYS A 1 69  ? 2.877   17.528  -7.060  1.00 40.29  ? 69   LYS A CE    1 
ATOM   590  N NZ    . LYS A 1 69  ? 3.263   17.306  -5.630  1.00 31.06  ? 69   LYS A NZ    1 
ATOM   591  N N     . ASN A 1 70  ? 1.883   13.149  -8.330  1.00 25.28  ? 70   ASN A N     1 
ATOM   592  C CA    . ASN A 1 70  ? 1.891   12.356  -7.104  1.00 22.73  ? 70   ASN A CA    1 
ATOM   593  C C     . ASN A 1 70  ? 1.580   10.848  -7.439  1.00 22.23  ? 70   ASN A C     1 
ATOM   594  O O     . ASN A 1 70  ? 1.103   10.113  -6.563  1.00 22.40  ? 70   ASN A O     1 
ATOM   595  C CB    . ASN A 1 70  ? 0.830   12.890  -6.142  1.00 21.65  ? 70   ASN A CB    1 
ATOM   596  C CG    . ASN A 1 70  ? 1.213   14.236  -5.512  1.00 21.05  ? 70   ASN A CG    1 
ATOM   597  O OD1   . ASN A 1 70  ? 2.378   14.537  -5.320  1.00 26.51  ? 70   ASN A OD1   1 
ATOM   598  N ND2   . ASN A 1 70  ? 0.175   14.995  -5.117  1.00 28.29  ? 70   ASN A ND2   1 
ATOM   599  N N     . TRP A 1 71  ? 1.837   10.416  -8.678  1.00 22.69  ? 71   TRP A N     1 
ATOM   600  C CA    . TRP A 1 71  ? 1.510   9.024   -9.090  1.00 22.65  ? 71   TRP A CA    1 
ATOM   601  C C     . TRP A 1 71  ? 2.129   7.952   -8.194  1.00 22.73  ? 71   TRP A C     1 
ATOM   602  O O     . TRP A 1 71  ? 1.515   6.896   -8.027  1.00 22.19  ? 71   TRP A O     1 
ATOM   603  C CB    . TRP A 1 71  ? 1.869   8.777   -10.578 1.00 22.64  ? 71   TRP A CB    1 
ATOM   604  C CG    . TRP A 1 71  ? 3.338   8.754   -10.805 1.00 23.18  ? 71   TRP A CG    1 
ATOM   605  C CD1   . TRP A 1 71  ? 4.121   9.813   -11.181 1.00 25.56  ? 71   TRP A CD1   1 
ATOM   606  C CD2   . TRP A 1 71  ? 4.199   7.630   -10.701 1.00 23.81  ? 71   TRP A CD2   1 
ATOM   607  N NE1   . TRP A 1 71  ? 5.428   9.429   -11.230 1.00 28.87  ? 71   TRP A NE1   1 
ATOM   608  C CE2   . TRP A 1 71  ? 5.498   8.075   -11.061 1.00 24.77  ? 71   TRP A CE2   1 
ATOM   609  C CE3   . TRP A 1 71  ? 3.993   6.236   -10.511 1.00 22.97  ? 71   TRP A CE3   1 
ATOM   610  C CZ2   . TRP A 1 71  ? 6.621   7.212   -11.080 1.00 28.29  ? 71   TRP A CZ2   1 
ATOM   611  C CZ3   . TRP A 1 71  ? 5.127   5.397   -10.508 1.00 25.51  ? 71   TRP A CZ3   1 
ATOM   612  C CH2   . TRP A 1 71  ? 6.384   5.890   -10.840 1.00 26.49  ? 71   TRP A CH2   1 
ATOM   613  N N     . ARG A 1 72  ? 3.290   8.256   -7.588  1.00 19.74  ? 72   ARG A N     1 
ATOM   614  C CA    . ARG A 1 72  ? 4.022   7.305   -6.733  1.00 23.30  ? 72   ARG A CA    1 
ATOM   615  C C     . ARG A 1 72  ? 3.255   7.023   -5.428  1.00 22.58  ? 72   ARG A C     1 
ATOM   616  O O     . ARG A 1 72  ? 3.346   5.904   -4.891  1.00 19.14  ? 72   ARG A O     1 
ATOM   617  C CB    . ARG A 1 72  ? 5.410   7.728   -6.391  1.00 24.13  ? 72   ARG A CB    1 
ATOM   618  C CG    . ARG A 1 72  ? 6.485   7.692   -7.503  1.00 25.03  ? 72   ARG A CG    1 
ATOM   619  C CD    . ARG A 1 72  ? 7.818   8.135   -7.019  1.00 32.35  ? 72   ARG A CD    1 
ATOM   620  N NE    . ARG A 1 72  ? 8.669   8.509   -8.151  1.00 41.79  ? 72   ARG A NE    1 
ATOM   621  C CZ    . ARG A 1 72  ? 9.500   7.661   -8.767  1.00 51.61  ? 72   ARG A CZ    1 
ATOM   622  N NH1   . ARG A 1 72  ? 9.619   6.400   -8.372  1.00 55.41  ? 72   ARG A NH1   1 
ATOM   623  N NH2   . ARG A 1 72  ? 10.240  8.065   -9.792  1.00 54.06  ? 72   ARG A NH2   1 
ATOM   624  N N     . HIS A 1 73  ? 2.411   8.016   -4.990  1.00 22.22  ? 73   HIS A N     1 
ATOM   625  C CA    . HIS A 1 73  ? 1.470   7.815   -3.908  1.00 21.39  ? 73   HIS A CA    1 
ATOM   626  C C     . HIS A 1 73  ? 0.526   6.602   -4.256  1.00 21.97  ? 73   HIS A C     1 
ATOM   627  O O     . HIS A 1 73  ? 0.283   5.776   -3.427  1.00 22.75  ? 73   HIS A O     1 
ATOM   628  C CB    . HIS A 1 73  ? 0.601   9.000   -3.677  1.00 20.42  ? 73   HIS A CB    1 
ATOM   629  C CG    . HIS A 1 73  ? 1.354   10.106  -2.956  1.00 18.12  ? 73   HIS A CG    1 
ATOM   630  N ND1   . HIS A 1 73  ? 0.808   11.351  -2.716  1.00 23.40  ? 73   HIS A ND1   1 
ATOM   631  C CD2   . HIS A 1 73  ? 2.554   10.075  -2.339  1.00 24.38  ? 73   HIS A CD2   1 
ATOM   632  C CE1   . HIS A 1 73  ? 1.721   12.096  -2.062  1.00 23.29  ? 73   HIS A CE1   1 
ATOM   633  N NE2   . HIS A 1 73  ? 2.776   11.340  -1.786  1.00 20.74  ? 73   HIS A NE2   1 
ATOM   634  N N     . VAL A 1 74  ? -0.001  6.651   -5.461  1.00 21.06  ? 74   VAL A N     1 
ATOM   635  C CA    . VAL A 1 74  ? -0.955  5.625   -5.896  1.00 20.81  ? 74   VAL A CA    1 
ATOM   636  C C     . VAL A 1 74  ? -0.287  4.263   -6.087  1.00 21.03  ? 74   VAL A C     1 
ATOM   637  O O     . VAL A 1 74  ? -0.791  3.254   -5.584  1.00 23.02  ? 74   VAL A O     1 
ATOM   638  C CB    . VAL A 1 74  ? -1.646  6.073   -7.172  1.00 20.02  ? 74   VAL A CB    1 
ATOM   639  C CG1   . VAL A 1 74  ? -2.773  5.109   -7.565  1.00 22.71  ? 74   VAL A CG1   1 
ATOM   640  C CG2   . VAL A 1 74  ? -2.216  7.509   -7.024  1.00 21.04  ? 74   VAL A CG2   1 
ATOM   641  N N     . TYR A 1 75  ? 0.851   4.240   -6.750  1.00 21.16  ? 75   TYR A N     1 
ATOM   642  C CA    . TYR A 1 75  ? 1.547   3.030   -7.049  1.00 20.93  ? 75   TYR A CA    1 
ATOM   643  C C     . TYR A 1 75  ? 1.983   2.396   -5.712  1.00 20.78  ? 75   TYR A C     1 
ATOM   644  O O     . TYR A 1 75  ? 1.771   1.237   -5.461  1.00 18.21  ? 75   TYR A O     1 
ATOM   645  C CB    . TYR A 1 75  ? 2.774   3.337   -7.900  1.00 21.99  ? 75   TYR A CB    1 
ATOM   646  C CG    . TYR A 1 75  ? 3.504   2.101   -8.338  1.00 21.10  ? 75   TYR A CG    1 
ATOM   647  C CD1   . TYR A 1 75  ? 3.183   1.525   -9.603  1.00 25.05  ? 75   TYR A CD1   1 
ATOM   648  C CD2   . TYR A 1 75  ? 4.363   1.437   -7.521  1.00 22.05  ? 75   TYR A CD2   1 
ATOM   649  C CE1   . TYR A 1 75  ? 3.752   0.327   -10.041 1.00 22.91  ? 75   TYR A CE1   1 
ATOM   650  C CE2   . TYR A 1 75  ? 4.968   0.220   -7.954  1.00 26.58  ? 75   TYR A CE2   1 
ATOM   651  C CZ    . TYR A 1 75  ? 4.635   -0.328  -9.242  1.00 25.73  ? 75   TYR A CZ    1 
ATOM   652  O OH    . TYR A 1 75  ? 5.239   -1.497  -9.689  1.00 23.20  ? 75   TYR A OH    1 
ATOM   653  N N     . LYS A 1 76  ? 2.611   3.187   -4.800  1.00 20.89  ? 76   LYS A N     1 
ATOM   654  C CA    . LYS A 1 76  ? 3.051   2.621   -3.573  1.00 20.35  ? 76   LYS A CA    1 
ATOM   655  C C     . LYS A 1 76  ? 1.892   2.156   -2.628  1.00 19.22  ? 76   LYS A C     1 
ATOM   656  O O     . LYS A 1 76  ? 2.097   1.252   -1.792  1.00 20.80  ? 76   LYS A O     1 
ATOM   657  C CB    . LYS A 1 76  ? 4.069   3.569   -2.847  1.00 18.98  ? 76   LYS A CB    1 
ATOM   658  C CG    . LYS A 1 76  ? 5.263   3.686   -3.668  1.00 20.65  ? 76   LYS A CG    1 
ATOM   659  C CD    . LYS A 1 76  ? 6.302   4.824   -3.152  1.00 24.96  ? 76   LYS A CD    1 
ATOM   660  C CE    . LYS A 1 76  ? 7.209   4.479   -2.106  1.00 27.07  ? 76   LYS A CE    1 
ATOM   661  N NZ    . LYS A 1 76  ? 8.039   5.755   -1.760  1.00 20.27  ? 76   LYS A NZ    1 
ATOM   662  N N     . ALA A 1 77  ? 0.743   2.834   -2.687  1.00 19.18  ? 77   ALA A N     1 
ATOM   663  C CA    . ALA A 1 77  ? -0.425  2.466   -1.949  1.00 19.65  ? 77   ALA A CA    1 
ATOM   664  C C     . ALA A 1 77  ? -0.915  1.048   -2.405  1.00 18.67  ? 77   ALA A C     1 
ATOM   665  O O     . ALA A 1 77  ? -1.285  0.283   -1.579  1.00 18.15  ? 77   ALA A O     1 
ATOM   666  C CB    . ALA A 1 77  ? -1.558  3.448   -2.164  1.00 19.29  ? 77   ALA A CB    1 
ATOM   667  N N     . MET A 1 78  ? -0.765  0.779   -3.687  1.00 21.54  ? 78   MET A N     1 
ATOM   668  C CA    . MET A 1 78  ? -1.116  -0.533  -4.295  1.00 22.07  ? 78   MET A CA    1 
ATOM   669  C C     . MET A 1 78  ? -0.132  -1.588  -3.837  1.00 21.59  ? 78   MET A C     1 
ATOM   670  O O     . MET A 1 78  ? -0.560  -2.726  -3.414  1.00 21.63  ? 78   MET A O     1 
ATOM   671  C CB    . MET A 1 78  ? -1.272  -0.418  -5.797  1.00 21.59  ? 78   MET A CB    1 
ATOM   672  C CG    . MET A 1 78  ? -2.565  0.289   -6.232  1.00 26.13  ? 78   MET A CG    1 
ATOM   673  S SD    . MET A 1 78  ? -2.875  0.064   -7.974  1.00 27.55  ? 78   MET A SD    1 
ATOM   674  C CE    . MET A 1 78  ? -1.710  0.973   -8.658  1.00 25.03  ? 78   MET A CE    1 
ATOM   675  N N     . THR A 1 79  ? 1.172   -1.276  -3.869  1.00 22.15  ? 79   THR A N     1 
ATOM   676  C CA    . THR A 1 79  ? 2.167   -2.144  -3.344  1.00 23.64  ? 79   THR A CA    1 
ATOM   677  C C     . THR A 1 79  ? 1.969   -2.509  -1.853  1.00 23.07  ? 79   THR A C     1 
ATOM   678  O O     . THR A 1 79  ? 2.163   -3.642  -1.384  1.00 21.75  ? 79   THR A O     1 
ATOM   679  C CB    . THR A 1 79  ? 3.536   -1.504  -3.531  1.00 24.47  ? 79   THR A CB    1 
ATOM   680  O OG1   . THR A 1 79  ? 3.819   -1.434  -4.928  1.00 27.52  ? 79   THR A OG1   1 
ATOM   681  C CG2   . THR A 1 79  ? 4.613   -2.441  -3.052  1.00 28.69  ? 79   THR A CG2   1 
ATOM   682  N N     . LEU A 1 80  ? 1.661   -1.500  -1.046  1.00 23.59  ? 80   LEU A N     1 
ATOM   683  C CA    . LEU A 1 80  ? 1.363   -1.691  0.352   1.00 22.69  ? 80   LEU A CA    1 
ATOM   684  C C     . LEU A 1 80  ? 0.125   -2.610  0.527   1.00 21.66  ? 80   LEU A C     1 
ATOM   685  O O     . LEU A 1 80  ? 0.112   -3.546  1.335   1.00 21.36  ? 80   LEU A O     1 
ATOM   686  C CB    . LEU A 1 80  ? 1.204   -0.346  1.122   1.00 22.69  ? 80   LEU A CB    1 
ATOM   687  C CG    . LEU A 1 80  ? 0.795   -0.501  2.580   1.00 20.71  ? 80   LEU A CG    1 
ATOM   688  C CD1   . LEU A 1 80  ? 1.870   -1.271  3.396   1.00 24.80  ? 80   LEU A CD1   1 
ATOM   689  C CD2   . LEU A 1 80  ? 0.572   0.926   3.236   1.00 21.69  ? 80   LEU A CD2   1 
ATOM   690  N N     . MET A 1 81  ? -0.909  -2.343  -0.242  1.00 21.37  ? 81   MET A N     1 
ATOM   691  C CA    . MET A 1 81  ? -2.125  -3.140  -0.176  1.00 22.60  ? 81   MET A CA    1 
ATOM   692  C C     . MET A 1 81  ? -1.832  -4.584  -0.490  1.00 22.48  ? 81   MET A C     1 
ATOM   693  O O     . MET A 1 81  ? -2.259  -5.477  0.296   1.00 21.75  ? 81   MET A O     1 
ATOM   694  C CB    A MET A 1 81  ? -3.187  -2.705  -1.191  0.50 22.84  ? 81   MET A CB    1 
ATOM   695  C CB    B MET A 1 81  ? -3.218  -2.525  -1.060  0.50 22.69  ? 81   MET A CB    1 
ATOM   696  C CG    A MET A 1 81  ? -4.061  -1.639  -0.768  0.50 25.46  ? 81   MET A CG    1 
ATOM   697  C CG    B MET A 1 81  ? -4.592  -2.956  -0.685  0.50 24.93  ? 81   MET A CG    1 
ATOM   698  S SD    A MET A 1 81  ? -4.776  -0.814  -2.176  0.50 30.33  ? 81   MET A SD    1 
ATOM   699  S SD    B MET A 1 81  ? -5.709  -2.772  -2.060  0.50 33.11  ? 81   MET A SD    1 
ATOM   700  C CE    A MET A 1 81  ? -6.339  -1.944  -2.543  0.50 24.69  ? 81   MET A CE    1 
ATOM   701  C CE    B MET A 1 81  ? -5.437  -1.081  -2.517  0.50 37.04  ? 81   MET A CE    1 
ATOM   702  N N     . GLU A 1 82  ? -1.072  -4.831  -1.568  1.00 23.01  ? 82   GLU A N     1 
ATOM   703  C CA    . GLU A 1 82  ? -0.739  -6.222  -1.950  1.00 22.51  ? 82   GLU A CA    1 
ATOM   704  C C     . GLU A 1 82  ? -0.010  -6.920  -0.806  1.00 23.66  ? 82   GLU A C     1 
ATOM   705  O O     . GLU A 1 82  ? -0.351  -8.055  -0.452  1.00 22.73  ? 82   GLU A O     1 
ATOM   706  C CB    . GLU A 1 82  ? 0.185   -6.351  -3.157  1.00 22.26  ? 82   GLU A CB    1 
ATOM   707  C CG    . GLU A 1 82  ? -0.416  -5.880  -4.410  1.00 28.44  ? 82   GLU A CG    1 
ATOM   708  C CD    . GLU A 1 82  ? 0.414   -6.303  -5.580  1.00 39.45  ? 82   GLU A CD    1 
ATOM   709  O OE1   . GLU A 1 82  ? 1.674   -6.234  -5.499  1.00 50.48  ? 82   GLU A OE1   1 
ATOM   710  O OE2   . GLU A 1 82  ? -0.177  -6.631  -6.596  1.00 40.08  ? 82   GLU A OE2   1 
ATOM   711  N N     . TYR A 1 83  ? 0.911   -6.190  -0.133  1.00 20.69  ? 83   TYR A N     1 
ATOM   712  C CA    . TYR A 1 83  ? 1.611   -6.738  0.965   1.00 20.74  ? 83   TYR A CA    1 
ATOM   713  C C     . TYR A 1 83  ? 0.713   -7.039  2.153   1.00 21.34  ? 83   TYR A C     1 
ATOM   714  O O     . TYR A 1 83  ? 0.929   -8.055  2.793   1.00 24.97  ? 83   TYR A O     1 
ATOM   715  C CB    . TYR A 1 83  ? 2.725   -5.750  1.496   1.00 22.40  ? 83   TYR A CB    1 
ATOM   716  C CG    . TYR A 1 83  ? 3.653   -6.338  2.591   1.00 20.75  ? 83   TYR A CG    1 
ATOM   717  C CD1   . TYR A 1 83  ? 4.809   -7.061  2.274   1.00 27.10  ? 83   TYR A CD1   1 
ATOM   718  C CD2   . TYR A 1 83  ? 3.341   -6.155  3.990   1.00 25.00  ? 83   TYR A CD2   1 
ATOM   719  C CE1   . TYR A 1 83  ? 5.604   -7.606  3.302   1.00 29.96  ? 83   TYR A CE1   1 
ATOM   720  C CE2   . TYR A 1 83  ? 4.086   -6.718  5.006   1.00 25.17  ? 83   TYR A CE2   1 
ATOM   721  C CZ    . TYR A 1 83  ? 5.248   -7.414  4.650   1.00 28.37  ? 83   TYR A CZ    1 
ATOM   722  O OH    . TYR A 1 83  ? 5.994   -7.935  5.681   1.00 37.82  ? 83   TYR A OH    1 
ATOM   723  N N     . LEU A 1 84  ? -0.254  -6.174  2.430   1.00 21.31  ? 84   LEU A N     1 
ATOM   724  C CA    . LEU A 1 84  ? -1.114  -6.312  3.634   1.00 22.11  ? 84   LEU A CA    1 
ATOM   725  C C     . LEU A 1 84  ? -2.097  -7.471  3.340   1.00 22.00  ? 84   LEU A C     1 
ATOM   726  O O     . LEU A 1 84  ? -2.538  -8.217  4.223   1.00 22.14  ? 84   LEU A O     1 
ATOM   727  C CB    . LEU A 1 84  ? -1.881  -5.073  3.931   1.00 22.14  ? 84   LEU A CB    1 
ATOM   728  C CG    . LEU A 1 84  ? -0.941  -3.924  4.431   1.00 20.26  ? 84   LEU A CG    1 
ATOM   729  C CD1   . LEU A 1 84  ? -1.665  -2.747  4.691   1.00 21.77  ? 84   LEU A CD1   1 
ATOM   730  C CD2   . LEU A 1 84  ? -0.124  -4.357  5.616   1.00 22.90  ? 84   LEU A CD2   1 
ATOM   731  N N     . ILE A 1 85  ? -2.414  -7.514  2.099   1.00 23.15  ? 85   ILE A N     1 
ATOM   732  C CA    . ILE A 1 85  ? -3.340  -8.538  1.684   1.00 24.07  ? 85   ILE A CA    1 
ATOM   733  C C     . ILE A 1 85  ? -2.723  -9.953  1.912   1.00 24.50  ? 85   ILE A C     1 
ATOM   734  O O     . ILE A 1 85  ? -3.458  -10.913 2.441   1.00 24.69  ? 85   ILE A O     1 
ATOM   735  C CB    . ILE A 1 85  ? -3.760  -8.313  0.262   1.00 23.94  ? 85   ILE A CB    1 
ATOM   736  C CG1   . ILE A 1 85  ? -4.842  -7.245  0.028   1.00 24.74  ? 85   ILE A CG1   1 
ATOM   737  C CG2   . ILE A 1 85  ? -4.202  -9.656  -0.392  1.00 26.40  ? 85   ILE A CG2   1 
ATOM   738  C CD1   . ILE A 1 85  ? -4.773  -6.758  -1.360  1.00 25.54  ? 85   ILE A CD1   1 
ATOM   739  N N     . LYS A 1 86  ? -1.414  -10.089 1.627   1.00 23.05  ? 86   LYS A N     1 
ATOM   740  C CA    . LYS A 1 86  ? -0.809  -11.358 1.759   1.00 24.24  ? 86   LYS A CA    1 
ATOM   741  C C     . LYS A 1 86  ? -0.334  -11.680 3.156   1.00 24.82  ? 86   LYS A C     1 
ATOM   742  O O     . LYS A 1 86  ? -0.243  -12.867 3.556   1.00 23.87  ? 86   LYS A O     1 
ATOM   743  C CB    . LYS A 1 86  ? 0.346   -11.454 0.753   1.00 26.11  ? 86   LYS A CB    1 
ATOM   744  C CG    . LYS A 1 86  ? -0.031  -11.250 -0.665  1.00 26.60  ? 86   LYS A CG    1 
ATOM   745  C CD    . LYS A 1 86  ? 1.253   -11.222 -1.487  1.00 30.79  ? 86   LYS A CD    1 
ATOM   746  C CE    . LYS A 1 86  ? 1.023   -10.749 -2.808  1.00 35.19  ? 86   LYS A CE    1 
ATOM   747  N NZ    . LYS A 1 86  ? 2.370   -10.684 -3.558  1.00 38.24  ? 86   LYS A NZ    1 
ATOM   748  N N     . THR A 1 87  ? -0.086  -10.642 3.967   1.00 23.57  ? 87   THR A N     1 
ATOM   749  C CA    . THR A 1 87  ? 0.666   -10.854 5.202   1.00 26.66  ? 87   THR A CA    1 
ATOM   750  C C     . THR A 1 87  ? 0.068   -10.290 6.521   1.00 25.04  ? 87   THR A C     1 
ATOM   751  O O     . THR A 1 87  ? 0.538   -10.616 7.611   1.00 27.27  ? 87   THR A O     1 
ATOM   752  C CB    A THR A 1 87  ? 2.094   -10.276 5.043   0.50 27.27  ? 87   THR A CB    1 
ATOM   753  C CB    B THR A 1 87  ? 2.075   -10.258 5.035   0.50 26.98  ? 87   THR A CB    1 
ATOM   754  O OG1   A THR A 1 87  ? 2.042   -8.839  5.068   0.50 31.26  ? 87   THR A OG1   1 
ATOM   755  O OG1   B THR A 1 87  ? 2.475   -10.306 3.668   0.50 30.34  ? 87   THR A OG1   1 
ATOM   756  C CG2   A THR A 1 87  ? 2.753   -10.670 3.692   0.50 29.96  ? 87   THR A CG2   1 
ATOM   757  C CG2   B THR A 1 87  ? 3.118   -11.109 5.763   0.50 28.50  ? 87   THR A CG2   1 
ATOM   758  N N     . GLY A 1 88  ? -0.878  -9.391  6.419   1.00 24.91  ? 88   GLY A N     1 
ATOM   759  C CA    . GLY A 1 88  ? -1.528  -8.889  7.592   1.00 24.41  ? 88   GLY A CA    1 
ATOM   760  C C     . GLY A 1 88  ? -2.791  -9.675  7.873   1.00 25.07  ? 88   GLY A C     1 
ATOM   761  O O     . GLY A 1 88  ? -3.114  -10.794 7.335   1.00 24.41  ? 88   GLY A O     1 
ATOM   762  N N     . SER A 1 89  ? -3.562  -9.068  8.762   1.00 25.87  ? 89   SER A N     1 
ATOM   763  C CA    . SER A 1 89  ? -4.866  -9.620  9.186   1.00 26.18  ? 89   SER A CA    1 
ATOM   764  C C     . SER A 1 89  ? -5.668  -9.973  7.946   1.00 25.92  ? 89   SER A C     1 
ATOM   765  O O     . SER A 1 89  ? -5.620  -9.213  6.963   1.00 23.49  ? 89   SER A O     1 
ATOM   766  C CB    . SER A 1 89  ? -5.660  -8.604  10.021  1.00 26.82  ? 89   SER A CB    1 
ATOM   767  O OG    . SER A 1 89  ? -7.048  -8.906  10.022  1.00 28.53  ? 89   SER A OG    1 
ATOM   768  N N     . GLU A 1 90  ? -6.348  -11.116 7.919   1.00 26.76  ? 90   GLU A N     1 
ATOM   769  C CA    . GLU A 1 90  ? -7.170  -11.378 6.735   1.00 26.05  ? 90   GLU A CA    1 
ATOM   770  C C     . GLU A 1 90  ? -8.280  -10.363 6.424   1.00 26.62  ? 90   GLU A C     1 
ATOM   771  O O     . GLU A 1 90  ? -8.892  -10.430 5.376   1.00 25.24  ? 90   GLU A O     1 
ATOM   772  C CB    . GLU A 1 90  ? -7.787  -12.800 6.693   1.00 26.74  ? 90   GLU A CB    1 
ATOM   773  C CG    . GLU A 1 90  ? -8.900  -12.949 7.698   1.00 26.71  ? 90   GLU A CG    1 
ATOM   774  C CD    . GLU A 1 90  ? -9.423  -14.402 7.792   1.00 35.77  ? 90   GLU A CD    1 
ATOM   775  O OE1   . GLU A 1 90  ? -8.911  -15.357 7.125   1.00 34.90  ? 90   GLU A OE1   1 
ATOM   776  O OE2   . GLU A 1 90  ? -10.370 -14.520 8.597   1.00 35.62  ? 90   GLU A OE2   1 
ATOM   777  N N     . ARG A 1 91  ? -8.682  -9.574  7.428   1.00 25.27  ? 91   ARG A N     1 
ATOM   778  C CA    . ARG A 1 91  ? -9.646  -8.494  7.232   1.00 24.17  ? 91   ARG A CA    1 
ATOM   779  C C     . ARG A 1 91  ? -9.297  -7.479  6.113   1.00 23.27  ? 91   ARG A C     1 
ATOM   780  O O     . ARG A 1 91  ? -10.152 -6.861  5.521   1.00 21.74  ? 91   ARG A O     1 
ATOM   781  C CB    . ARG A 1 91  ? -9.832  -7.759  8.623   1.00 23.64  ? 91   ARG A CB    1 
ATOM   782  C CG    . ARG A 1 91  ? -10.955 -6.905  8.772   1.00 27.06  ? 91   ARG A CG    1 
ATOM   783  C CD    . ARG A 1 91  ? -11.022 -6.219  10.205  1.00 26.21  ? 91   ARG A CD    1 
ATOM   784  N NE    . ARG A 1 91  ? -12.288 -5.508  10.255  1.00 27.96  ? 91   ARG A NE    1 
ATOM   785  C CZ    . ARG A 1 91  ? -12.569 -4.527  11.085  1.00 28.78  ? 91   ARG A CZ    1 
ATOM   786  N NH1   . ARG A 1 91  ? -11.624 -4.124  11.912  1.00 32.07  ? 91   ARG A NH1   1 
ATOM   787  N NH2   . ARG A 1 91  ? -13.735 -3.916  11.020  1.00 30.46  ? 91   ARG A NH2   1 
ATOM   788  N N     . VAL A 1 92  ? -8.006  -7.268  5.858   1.00 23.88  ? 92   VAL A N     1 
ATOM   789  C CA    . VAL A 1 92  ? -7.591  -6.365  4.801   1.00 24.23  ? 92   VAL A CA    1 
ATOM   790  C C     . VAL A 1 92  ? -8.072  -6.915  3.464   1.00 23.64  ? 92   VAL A C     1 
ATOM   791  O O     . VAL A 1 92  ? -8.684  -6.190  2.740   1.00 23.58  ? 92   VAL A O     1 
ATOM   792  C CB    . VAL A 1 92  ? -6.079  -6.209  4.749   1.00 26.35  ? 92   VAL A CB    1 
ATOM   793  C CG1   . VAL A 1 92  ? -5.676  -5.320  3.567   1.00 24.07  ? 92   VAL A CG1   1 
ATOM   794  C CG2   . VAL A 1 92  ? -5.515  -5.655  6.098   1.00 26.27  ? 92   VAL A CG2   1 
ATOM   795  N N     . SER A 1 93  ? -7.763  -8.165  3.136   1.00 24.26  ? 93   SER A N     1 
ATOM   796  C CA    . SER A 1 93  ? -8.260  -8.700  1.856   1.00 26.26  ? 93   SER A CA    1 
ATOM   797  C C     . SER A 1 93  ? -9.793  -8.706  1.717   1.00 26.72  ? 93   SER A C     1 
ATOM   798  O O     . SER A 1 93  ? -10.345 -8.365  0.635   1.00 27.89  ? 93   SER A O     1 
ATOM   799  C CB    . SER A 1 93  ? -7.669  -10.080 1.597   1.00 28.08  ? 93   SER A CB    1 
ATOM   800  O OG    . SER A 1 93  ? -8.072  -10.916 2.661   1.00 33.42  ? 93   SER A OG    1 
ATOM   801  N N     . GLN A 1 94  ? -10.492 -8.936  2.823   1.00 26.80  ? 94   GLN A N     1 
ATOM   802  C CA    . GLN A 1 94  ? -11.960 -8.918  2.778   1.00 28.34  ? 94   GLN A CA    1 
ATOM   803  C C     . GLN A 1 94  ? -12.425 -7.539  2.371   1.00 28.09  ? 94   GLN A C     1 
ATOM   804  O O     . GLN A 1 94  ? -13.263 -7.375  1.484   1.00 29.09  ? 94   GLN A O     1 
ATOM   805  C CB    A GLN A 1 94  ? -12.539 -9.499  4.107   0.50 28.72  ? 94   GLN A CB    1 
ATOM   806  C CB    B GLN A 1 94  ? -12.667 -9.276  4.108   0.50 29.21  ? 94   GLN A CB    1 
ATOM   807  C CG    A GLN A 1 94  ? -11.611 -10.448 4.972   0.50 32.20  ? 94   GLN A CG    1 
ATOM   808  C CG    B GLN A 1 94  ? -14.213 -9.570  3.859   0.50 33.39  ? 94   GLN A CG    1 
ATOM   809  C CD    A GLN A 1 94  ? -11.613 -11.970 4.656   0.50 38.12  ? 94   GLN A CD    1 
ATOM   810  C CD    B GLN A 1 94  ? -15.177 -9.398  5.044   0.50 37.72  ? 94   GLN A CD    1 
ATOM   811  O OE1   A GLN A 1 94  ? -10.937 -12.410 3.680   0.50 40.42  ? 94   GLN A OE1   1 
ATOM   812  O OE1   B GLN A 1 94  ? -14.820 -9.630  6.211   0.50 46.02  ? 94   GLN A OE1   1 
ATOM   813  N NE2   A GLN A 1 94  ? -12.298 -12.784 5.531   0.50 32.08  ? 94   GLN A NE2   1 
ATOM   814  N NE2   B GLN A 1 94  ? -16.433 -9.040  4.730   0.50 39.81  ? 94   GLN A NE2   1 
ATOM   815  N N     . GLN A 1 95  ? -11.830 -6.461  2.953   1.00 26.99  ? 95   GLN A N     1 
ATOM   816  C CA    . GLN A 1 95  ? -12.291 -5.162  2.587   1.00 26.82  ? 95   GLN A CA    1 
ATOM   817  C C     . GLN A 1 95  ? -11.892 -4.759  1.199   1.00 27.64  ? 95   GLN A C     1 
ATOM   818  O O     . GLN A 1 95  ? -12.622 -4.097  0.506   1.00 30.69  ? 95   GLN A O     1 
ATOM   819  C CB    . GLN A 1 95  ? -11.811 -4.075  3.628   1.00 27.89  ? 95   GLN A CB    1 
ATOM   820  C CG    . GLN A 1 95  ? -12.378 -2.769  3.326   1.00 31.78  ? 95   GLN A CG    1 
ATOM   821  C CD    . GLN A 1 95  ? -12.056 -1.698  4.387   1.00 37.02  ? 95   GLN A CD    1 
ATOM   822  O OE1   . GLN A 1 95  ? -12.428 -1.866  5.539   1.00 40.14  ? 95   GLN A OE1   1 
ATOM   823  N NE2   . GLN A 1 95  ? -11.398 -0.609  3.967   1.00 37.27  ? 95   GLN A NE2   1 
ATOM   824  N N     . CYS A 1 96  ? -10.703 -5.115  0.781   1.00 28.97  ? 96   CYS A N     1 
ATOM   825  C CA    . CYS A 1 96  ? -10.237 -4.784  -0.556  1.00 30.75  ? 96   CYS A CA    1 
ATOM   826  C C     . CYS A 1 96  ? -11.099 -5.451  -1.631  1.00 31.57  ? 96   CYS A C     1 
ATOM   827  O O     . CYS A 1 96  ? -11.523 -4.764  -2.577  1.00 31.52  ? 96   CYS A O     1 
ATOM   828  C CB    . CYS A 1 96  ? -8.801  -5.198  -0.696  1.00 29.50  ? 96   CYS A CB    1 
ATOM   829  S SG    . CYS A 1 96  ? -7.648  -4.165  0.257   1.00 32.83  ? 96   CYS A SG    1 
ATOM   830  N N     . LYS A 1 97  ? -11.482 -6.711  -1.384  1.00 33.64  ? 97   LYS A N     1 
ATOM   831  C CA    . LYS A 1 97  ? -12.382 -7.476  -2.315  1.00 35.47  ? 97   LYS A CA    1 
ATOM   832  C C     . LYS A 1 97  ? -13.675 -6.727  -2.465  1.00 37.51  ? 97   LYS A C     1 
ATOM   833  O O     . LYS A 1 97  ? -14.138 -6.488  -3.552  1.00 36.67  ? 97   LYS A O     1 
ATOM   834  C CB    . LYS A 1 97  ? -12.762 -8.892  -1.858  1.00 35.48  ? 97   LYS A CB    1 
ATOM   835  C CG    . LYS A 1 97  ? -11.675 -9.930  -1.845  1.00 39.47  ? 97   LYS A CG    1 
ATOM   836  C CD    . LYS A 1 97  ? -12.223 -11.272 -1.365  1.00 45.78  ? 97   LYS A CD    1 
ATOM   837  C CE    . LYS A 1 97  ? -11.457 -11.849 -0.170  1.00 47.49  ? 97   LYS A CE    1 
ATOM   838  N NZ    . LYS A 1 97  ? -11.897 -13.239 0.176   1.00 50.67  ? 97   LYS A NZ    1 
ATOM   839  N N     . GLU A 1 98  ? -14.276 -6.318  -1.351  1.00 38.36  ? 98   GLU A N     1 
ATOM   840  C CA    . GLU A 1 98  ? -15.486 -5.499  -1.449  1.00 39.58  ? 98   GLU A CA    1 
ATOM   841  C C     . GLU A 1 98  ? -15.334 -4.143  -2.157  1.00 40.73  ? 98   GLU A C     1 
ATOM   842  O O     . GLU A 1 98  ? -16.317 -3.587  -2.594  1.00 42.07  ? 98   GLU A O     1 
ATOM   843  C CB    . GLU A 1 98  ? -16.057 -5.241  -0.054  1.00 39.20  ? 98   GLU A CB    1 
ATOM   844  C CG    . GLU A 1 98  ? -16.288 -6.504  0.747   1.00 42.62  ? 98   GLU A CG    1 
ATOM   845  C CD    . GLU A 1 98  ? -17.134 -6.266  2.004   1.00 47.05  ? 98   GLU A CD    1 
ATOM   846  O OE1   . GLU A 1 98  ? -17.752 -5.186  2.139   1.00 51.68  ? 98   GLU A OE1   1 
ATOM   847  O OE2   . GLU A 1 98  ? -17.224 -7.195  2.782   1.00 47.89  ? 98   GLU A OE2   1 
ATOM   848  N N     . ASN A 1 99  ? -14.132 -3.584  -2.262  1.00 41.18  ? 99   ASN A N     1 
ATOM   849  C CA    . ASN A 1 99  ? -13.956 -2.298  -2.951  1.00 43.13  ? 99   ASN A CA    1 
ATOM   850  C C     . ASN A 1 99  ? -13.149 -2.393  -4.239  1.00 43.95  ? 99   ASN A C     1 
ATOM   851  O O     . ASN A 1 99  ? -12.441 -1.469  -4.640  1.00 41.53  ? 99   ASN A O     1 
ATOM   852  C CB    . ASN A 1 99  ? -13.262 -1.340  -1.969  1.00 45.09  ? 99   ASN A CB    1 
ATOM   853  C CG    . ASN A 1 99  ? -14.226 -0.826  -0.914  1.00 46.93  ? 99   ASN A CG    1 
ATOM   854  O OD1   . ASN A 1 99  ? -14.876 0.193   -1.138  1.00 53.35  ? 99   ASN A OD1   1 
ATOM   855  N ND2   . ASN A 1 99  ? -14.433 -1.603  0.158   1.00 51.44  ? 99   ASN A ND2   1 
ATOM   856  N N     . MET A 1 100 ? -13.286 -3.541  -4.895  1.00 45.99  ? 100  MET A N     1 
ATOM   857  C CA    . MET A 1 100 ? -12.517 -3.813  -6.102  1.00 48.02  ? 100  MET A CA    1 
ATOM   858  C C     . MET A 1 100 ? -12.814 -2.820  -7.201  1.00 48.73  ? 100  MET A C     1 
ATOM   859  O O     . MET A 1 100 ? -11.862 -2.376  -7.901  1.00 48.61  ? 100  MET A O     1 
ATOM   860  C CB    . MET A 1 100 ? -12.791 -5.201  -6.600  1.00 49.42  ? 100  MET A CB    1 
ATOM   861  C CG    . MET A 1 100 ? -11.745 -6.152  -6.276  1.00 51.65  ? 100  MET A CG    1 
ATOM   862  S SD    . MET A 1 100 ? -11.928 -7.453  -7.496  1.00 64.28  ? 100  MET A SD    1 
ATOM   863  C CE    . MET A 1 100 ? -12.467 -6.607  -9.002  1.00 61.71  ? 100  MET A CE    1 
ATOM   864  N N     . TYR A 1 101 ? -14.096 -2.453  -7.353  1.00 49.07  ? 101  TYR A N     1 
ATOM   865  C CA    . TYR A 1 101 ? -14.505 -1.410  -8.329  1.00 49.92  ? 101  TYR A CA    1 
ATOM   866  C C     . TYR A 1 101 ? -13.585 -0.167  -8.249  1.00 48.61  ? 101  TYR A C     1 
ATOM   867  O O     . TYR A 1 101 ? -13.157 0.367   -9.257  1.00 50.04  ? 101  TYR A O     1 
ATOM   868  C CB    A TYR A 1 101 ? -15.994 -1.012  -8.243  0.50 50.26  ? 101  TYR A CB    1 
ATOM   869  C CB    B TYR A 1 101 ? -15.968 -0.992  -8.055  0.50 50.73  ? 101  TYR A CB    1 
ATOM   870  C CG    A TYR A 1 101 ? -16.315 0.298   -8.991  0.50 51.44  ? 101  TYR A CG    1 
ATOM   871  C CG    B TYR A 1 101 ? -16.128 -0.223  -6.729  0.50 53.54  ? 101  TYR A CG    1 
ATOM   872  C CD1   A TYR A 1 101 ? -16.730 0.293   -10.324 0.50 51.94  ? 101  TYR A CD1   1 
ATOM   873  C CD1   B TYR A 1 101 ? -15.920 1.159   -6.664  0.50 56.17  ? 101  TYR A CD1   1 
ATOM   874  C CD2   A TYR A 1 101 ? -16.157 1.527   -8.368  0.50 52.49  ? 101  TYR A CD2   1 
ATOM   875  C CD2   B TYR A 1 101 ? -16.428 -0.891  -5.549  0.50 54.48  ? 101  TYR A CD2   1 
ATOM   876  C CE1   A TYR A 1 101 ? -16.996 1.477   -11.001 0.50 52.63  ? 101  TYR A CE1   1 
ATOM   877  C CE1   B TYR A 1 101 ? -16.036 1.844   -5.459  0.50 57.25  ? 101  TYR A CE1   1 
ATOM   878  C CE2   A TYR A 1 101 ? -16.422 2.708   -9.037  0.50 54.16  ? 101  TYR A CE2   1 
ATOM   879  C CE2   B TYR A 1 101 ? -16.538 -0.226  -4.359  0.50 56.45  ? 101  TYR A CE2   1 
ATOM   880  C CZ    A TYR A 1 101 ? -16.847 2.672   -10.347 0.50 54.18  ? 101  TYR A CZ    1 
ATOM   881  C CZ    B TYR A 1 101 ? -16.342 1.135   -4.305  0.50 57.08  ? 101  TYR A CZ    1 
ATOM   882  O OH    A TYR A 1 101 ? -17.103 3.847   -11.011 0.50 57.19  ? 101  TYR A OH    1 
ATOM   883  O OH    B TYR A 1 101 ? -16.455 1.782   -3.089  0.50 59.59  ? 101  TYR A OH    1 
ATOM   884  N N     . ALA A 1 102 ? -13.221 0.283   -7.069  1.00 46.64  ? 102  ALA A N     1 
ATOM   885  C CA    . ALA A 1 102 ? -12.310 1.427   -6.989  1.00 44.91  ? 102  ALA A CA    1 
ATOM   886  C C     . ALA A 1 102 ? -10.875 1.191   -7.506  1.00 43.21  ? 102  ALA A C     1 
ATOM   887  O O     . ALA A 1 102 ? -10.231 2.127   -8.043  1.00 42.63  ? 102  ALA A O     1 
ATOM   888  C CB    . ALA A 1 102 ? -12.236 1.896   -5.544  1.00 46.08  ? 102  ALA A CB    1 
ATOM   889  N N     . VAL A 1 103 ? -10.288 0.011   -7.242  1.00 40.79  ? 103  VAL A N     1 
ATOM   890  C CA    . VAL A 1 103 ? -8.969  -0.275  -7.798  1.00 38.65  ? 103  VAL A CA    1 
ATOM   891  C C     . VAL A 1 103 ? -9.129  -0.403  -9.317  1.00 37.36  ? 103  VAL A C     1 
ATOM   892  O O     . VAL A 1 103 ? -8.246  0.005   -10.070 1.00 35.12  ? 103  VAL A O     1 
ATOM   893  C CB    . VAL A 1 103 ? -8.324  -1.574  -7.235  1.00 39.05  ? 103  VAL A CB    1 
ATOM   894  C CG1   . VAL A 1 103 ? -7.001  -1.863  -7.947  1.00 41.05  ? 103  VAL A CG1   1 
ATOM   895  C CG2   . VAL A 1 103 ? -8.053  -1.471  -5.775  1.00 40.08  ? 103  VAL A CG2   1 
ATOM   896  N N     . GLN A 1 104 ? -10.236 -1.023  -9.764  1.00 36.52  ? 104  GLN A N     1 
ATOM   897  C CA    . GLN A 1 104 ? -10.501 -1.185  -11.197 1.00 36.99  ? 104  GLN A CA    1 
ATOM   898  C C     . GLN A 1 104 ? -10.419 0.190   -11.939 1.00 35.35  ? 104  GLN A C     1 
ATOM   899  O O     . GLN A 1 104 ? -9.841  0.286   -13.052 1.00 35.08  ? 104  GLN A O     1 
ATOM   900  C CB    A GLN A 1 104 ? -11.860 -1.941  -11.460 0.50 37.14  ? 104  GLN A CB    1 
ATOM   901  C CB    B GLN A 1 104 ? -11.870 -1.879  -11.456 0.50 37.65  ? 104  GLN A CB    1 
ATOM   902  C CG    A GLN A 1 104 ? -11.879 -3.431  -11.052 0.50 38.66  ? 104  GLN A CG    1 
ATOM   903  C CG    B GLN A 1 104 ? -12.044 -2.444  -12.886 0.50 41.06  ? 104  GLN A CG    1 
ATOM   904  C CD    A GLN A 1 104 ? -13.107 -4.264  -11.572 0.50 43.11  ? 104  GLN A CD    1 
ATOM   905  C CD    B GLN A 1 104 ? -11.430 -3.823  -13.073 0.50 45.95  ? 104  GLN A CD    1 
ATOM   906  O OE1   A GLN A 1 104 ? -13.023 -5.487  -11.722 0.50 46.43  ? 104  GLN A OE1   1 
ATOM   907  O OE1   B GLN A 1 104 ? -10.970 -4.430  -12.108 0.50 52.24  ? 104  GLN A OE1   1 
ATOM   908  N NE2   A GLN A 1 104 ? -14.218 -3.597  -11.832 0.50 44.94  ? 104  GLN A NE2   1 
ATOM   909  N NE2   B GLN A 1 104 ? -11.419 -4.315  -14.306 0.50 47.48  ? 104  GLN A NE2   1 
ATOM   910  N N     . THR A 1 105 ? -10.914 1.274   -11.335 1.00 33.39  ? 105  THR A N     1 
ATOM   911  C CA    . THR A 1 105 ? -10.880 2.544   -12.055 1.00 33.96  ? 105  THR A CA    1 
ATOM   912  C C     . THR A 1 105 ? -9.426  3.003   -12.316 1.00 32.71  ? 105  THR A C     1 
ATOM   913  O O     . THR A 1 105 ? -9.177  3.755   -13.257 1.00 32.34  ? 105  THR A O     1 
ATOM   914  C CB    . THR A 1 105 ? -11.642 3.694   -11.328 1.00 35.32  ? 105  THR A CB    1 
ATOM   915  O OG1   . THR A 1 105 ? -11.046 3.949   -10.063 1.00 36.20  ? 105  THR A OG1   1 
ATOM   916  C CG2   . THR A 1 105 ? -13.057 3.299   -10.974 1.00 35.57  ? 105  THR A CG2   1 
ATOM   917  N N     . LEU A 1 106 ? -8.454  2.518   -11.532 1.00 29.27  ? 106  LEU A N     1 
ATOM   918  C CA    . LEU A 1 106 ? -7.096  2.950   -11.776 1.00 31.01  ? 106  LEU A CA    1 
ATOM   919  C C     . LEU A 1 106 ? -6.515  2.448   -13.080 1.00 33.18  ? 106  LEU A C     1 
ATOM   920  O O     . LEU A 1 106 ? -5.434  2.866   -13.483 1.00 30.88  ? 106  LEU A O     1 
ATOM   921  C CB    . LEU A 1 106 ? -6.206  2.515   -10.616 1.00 29.97  ? 106  LEU A CB    1 
ATOM   922  C CG    . LEU A 1 106 ? -6.498  3.334   -9.326  1.00 29.63  ? 106  LEU A CG    1 
ATOM   923  C CD1   . LEU A 1 106 ? -5.755  2.784   -8.144  1.00 32.00  ? 106  LEU A CD1   1 
ATOM   924  C CD2   . LEU A 1 106 ? -6.287  4.803   -9.479  1.00 31.53  ? 106  LEU A CD2   1 
ATOM   925  N N     . LYS A 1 107 ? -7.255  1.526   -13.747 1.00 34.62  ? 107  LYS A N     1 
ATOM   926  C CA    . LYS A 1 107 ? -6.818  1.049   -15.079 1.00 38.04  ? 107  LYS A CA    1 
ATOM   927  C C     . LYS A 1 107 ? -6.727  2.154   -16.097 1.00 38.28  ? 107  LYS A C     1 
ATOM   928  O O     . LYS A 1 107 ? -5.985  2.020   -17.065 1.00 41.09  ? 107  LYS A O     1 
ATOM   929  C CB    . LYS A 1 107 ? -7.733  -0.074  -15.616 1.00 39.68  ? 107  LYS A CB    1 
ATOM   930  C CG    . LYS A 1 107 ? -8.969  0.456   -16.372 1.00 42.50  ? 107  LYS A CG    1 
ATOM   931  C CD    . LYS A 1 107 ? -10.094 -0.590  -16.358 1.00 48.73  ? 107  LYS A CD    1 
ATOM   932  C CE    . LYS A 1 107 ? -11.376 -0.054  -16.947 1.00 52.56  ? 107  LYS A CE    1 
ATOM   933  N NZ    . LYS A 1 107 ? -11.184 0.531   -18.315 1.00 56.08  ? 107  LYS A NZ    1 
ATOM   934  N N     . ASP A 1 108 ? -7.462  3.228   -15.875 1.00 38.29  ? 108  ASP A N     1 
ATOM   935  C CA    . ASP A 1 108 ? -7.481  4.378   -16.712 1.00 39.21  ? 108  ASP A CA    1 
ATOM   936  C C     . ASP A 1 108 ? -6.681  5.599   -16.147 1.00 37.03  ? 108  ASP A C     1 
ATOM   937  O O     . ASP A 1 108 ? -6.798  6.665   -16.663 1.00 38.52  ? 108  ASP A O     1 
ATOM   938  C CB    . ASP A 1 108 ? -8.923  4.745   -16.968 1.00 40.52  ? 108  ASP A CB    1 
ATOM   939  C CG    . ASP A 1 108 ? -9.704  3.602   -17.617 1.00 43.93  ? 108  ASP A CG    1 
ATOM   940  O OD1   . ASP A 1 108 ? -9.122  2.929   -18.515 1.00 50.86  ? 108  ASP A OD1   1 
ATOM   941  O OD2   . ASP A 1 108 ? -10.847 3.252   -17.223 1.00 52.23  ? 108  ASP A OD2   1 
ATOM   942  N N     . PHE A 1 109 ? -5.855  5.427   -15.104 1.00 33.61  ? 109  PHE A N     1 
ATOM   943  C CA    . PHE A 1 109 ? -5.006  6.529   -14.587 1.00 30.79  ? 109  PHE A CA    1 
ATOM   944  C C     . PHE A 1 109 ? -4.032  6.960   -15.633 1.00 30.26  ? 109  PHE A C     1 
ATOM   945  O O     . PHE A 1 109 ? -3.334  6.103   -16.232 1.00 29.31  ? 109  PHE A O     1 
ATOM   946  C CB    . PHE A 1 109 ? -4.144  5.971   -13.413 1.00 28.85  ? 109  PHE A CB    1 
ATOM   947  C CG    . PHE A 1 109 ? -3.332  7.015   -12.678 1.00 29.04  ? 109  PHE A CG    1 
ATOM   948  C CD1   . PHE A 1 109 ? -3.825  7.625   -11.525 1.00 28.05  ? 109  PHE A CD1   1 
ATOM   949  C CD2   . PHE A 1 109 ? -2.073  7.336   -13.140 1.00 23.91  ? 109  PHE A CD2   1 
ATOM   950  C CE1   . PHE A 1 109 ? -3.022  8.604   -10.904 1.00 26.41  ? 109  PHE A CE1   1 
ATOM   951  C CE2   . PHE A 1 109 ? -1.326  8.310   -12.542 1.00 26.84  ? 109  PHE A CE2   1 
ATOM   952  C CZ    . PHE A 1 109 ? -1.823  8.908   -11.413 1.00 26.85  ? 109  PHE A CZ    1 
ATOM   953  N N     . GLN A 1 110 ? -3.868  8.259   -15.831 1.00 31.24  ? 110  GLN A N     1 
ATOM   954  C CA    . GLN A 1 110 ? -2.942  8.795   -16.828 1.00 30.38  ? 110  GLN A CA    1 
ATOM   955  C C     . GLN A 1 110 ? -2.057  9.864   -16.244 1.00 29.54  ? 110  GLN A C     1 
ATOM   956  O O     . GLN A 1 110 ? -2.523  10.631  -15.432 1.00 30.06  ? 110  GLN A O     1 
ATOM   957  C CB    . GLN A 1 110 ? -3.735  9.374   -18.047 1.00 31.54  ? 110  GLN A CB    1 
ATOM   958  C CG    . GLN A 1 110 ? -4.550  8.302   -18.796 1.00 34.98  ? 110  GLN A CG    1 
ATOM   959  C CD    . GLN A 1 110 ? -5.110  8.886   -20.139 1.00 42.36  ? 110  GLN A CD    1 
ATOM   960  O OE1   . GLN A 1 110 ? -4.342  9.217   -21.047 1.00 48.01  ? 110  GLN A OE1   1 
ATOM   961  N NE2   . GLN A 1 110 ? -6.418  9.031   -20.221 1.00 46.69  ? 110  GLN A NE2   1 
ATOM   962  N N     . TYR A 1 111 ? -0.772  9.837   -16.594 1.00 30.25  ? 111  TYR A N     1 
ATOM   963  C CA    . TYR A 1 111 ? 0.159   10.909  -16.287 1.00 31.87  ? 111  TYR A CA    1 
ATOM   964  C C     . TYR A 1 111 ? 1.383   10.866  -17.149 1.00 33.15  ? 111  TYR A C     1 
ATOM   965  O O     . TYR A 1 111 ? 2.169   9.851   -17.112 1.00 29.27  ? 111  TYR A O     1 
ATOM   966  C CB    . TYR A 1 111 ? 0.577   10.933  -14.807 1.00 32.46  ? 111  TYR A CB    1 
ATOM   967  C CG    . TYR A 1 111 ? 1.522   12.042  -14.464 1.00 30.06  ? 111  TYR A CG    1 
ATOM   968  C CD1   . TYR A 1 111 ? 1.156   13.342  -14.691 1.00 31.79  ? 111  TYR A CD1   1 
ATOM   969  C CD2   . TYR A 1 111 ? 2.778   11.815  -14.027 1.00 27.09  ? 111  TYR A CD2   1 
ATOM   970  C CE1   . TYR A 1 111 ? 1.997   14.352  -14.428 1.00 29.45  ? 111  TYR A CE1   1 
ATOM   971  C CE2   . TYR A 1 111 ? 3.661   12.839  -13.739 1.00 31.13  ? 111  TYR A CE2   1 
ATOM   972  C CZ    . TYR A 1 111 ? 3.285   14.094  -13.955 1.00 29.54  ? 111  TYR A CZ    1 
ATOM   973  O OH    . TYR A 1 111 ? 4.125   15.121  -13.682 1.00 35.10  ? 111  TYR A OH    1 
ATOM   974  N N     . VAL A 1 112 ? 1.626   11.996  -17.852 1.00 33.65  ? 112  VAL A N     1 
ATOM   975  C CA    . VAL A 1 112 ? 2.851   12.139  -18.652 1.00 34.88  ? 112  VAL A CA    1 
ATOM   976  C C     . VAL A 1 112 ? 3.561   13.336  -18.084 1.00 35.99  ? 112  VAL A C     1 
ATOM   977  O O     . VAL A 1 112 ? 2.947   14.374  -17.938 1.00 36.88  ? 112  VAL A O     1 
ATOM   978  C CB    . VAL A 1 112 ? 2.536   12.304  -20.187 1.00 36.63  ? 112  VAL A CB    1 
ATOM   979  C CG1   . VAL A 1 112 ? 3.791   12.521  -20.943 1.00 37.53  ? 112  VAL A CG1   1 
ATOM   980  C CG2   . VAL A 1 112 ? 1.742   11.044  -20.773 1.00 36.78  ? 112  VAL A CG2   1 
ATOM   981  N N     . ASP A 1 113 ? 4.792   13.145  -17.652 1.00 36.84  ? 113  ASP A N     1 
ATOM   982  C CA    . ASP A 1 113 ? 5.558   14.152  -16.996 1.00 38.58  ? 113  ASP A CA    1 
ATOM   983  C C     . ASP A 1 113 ? 6.078   15.165  -18.023 1.00 40.91  ? 113  ASP A C     1 
ATOM   984  O O     . ASP A 1 113 ? 5.824   15.066  -19.239 1.00 39.70  ? 113  ASP A O     1 
ATOM   985  C CB    . ASP A 1 113 ? 6.640   13.519  -16.134 1.00 38.15  ? 113  ASP A CB    1 
ATOM   986  C CG    . ASP A 1 113 ? 7.813   12.937  -16.912 1.00 40.73  ? 113  ASP A CG    1 
ATOM   987  O OD1   . ASP A 1 113 ? 8.030   13.260  -18.122 1.00 39.85  ? 113  ASP A OD1   1 
ATOM   988  O OD2   . ASP A 1 113 ? 8.623   12.152  -16.341 1.00 40.77  ? 113  ASP A OD2   1 
ATOM   989  N N     . ARG A 1 114 ? 6.796   16.149  -17.532 1.00 44.94  ? 114  ARG A N     1 
ATOM   990  C CA    . ARG A 1 114 ? 7.274   17.206  -18.428 1.00 48.44  ? 114  ARG A CA    1 
ATOM   991  C C     . ARG A 1 114 ? 8.351   16.761  -19.457 1.00 48.39  ? 114  ARG A C     1 
ATOM   992  O O     . ARG A 1 114 ? 8.486   17.405  -20.500 1.00 48.89  ? 114  ARG A O     1 
ATOM   993  C CB    . ARG A 1 114 ? 7.724   18.425  -17.583 1.00 49.67  ? 114  ARG A CB    1 
ATOM   994  C CG    . ARG A 1 114 ? 6.504   19.080  -16.879 1.00 56.79  ? 114  ARG A CG    1 
ATOM   995  C CD    . ARG A 1 114 ? 6.731   20.548  -16.404 1.00 63.89  ? 114  ARG A CD    1 
ATOM   996  N NE    . ARG A 1 114 ? 6.560   20.763  -14.945 1.00 69.29  ? 114  ARG A NE    1 
ATOM   997  C CZ    . ARG A 1 114 ? 5.848   21.738  -14.370 1.00 73.77  ? 114  ARG A CZ    1 
ATOM   998  N NH1   . ARG A 1 114 ? 5.164   22.617  -15.095 1.00 77.14  ? 114  ARG A NH1   1 
ATOM   999  N NH2   . ARG A 1 114 ? 5.791   21.829  -13.041 1.00 76.01  ? 114  ARG A NH2   1 
ATOM   1000 N N     . ASP A 1 115 ? 9.092   15.672  -19.185 1.00 47.30  ? 115  ASP A N     1 
ATOM   1001 C CA    . ASP A 1 115 ? 10.030  15.131  -20.189 1.00 46.46  ? 115  ASP A CA    1 
ATOM   1002 C C     . ASP A 1 115 ? 9.280   14.282  -21.198 1.00 44.69  ? 115  ASP A C     1 
ATOM   1003 O O     . ASP A 1 115 ? 9.891   13.611  -22.013 1.00 43.85  ? 115  ASP A O     1 
ATOM   1004 C CB    . ASP A 1 115 ? 11.136  14.298  -19.541 1.00 47.58  ? 115  ASP A CB    1 
ATOM   1005 C CG    . ASP A 1 115 ? 11.941  15.097  -18.519 1.00 51.58  ? 115  ASP A CG    1 
ATOM   1006 O OD1   . ASP A 1 115 ? 11.711  16.313  -18.429 1.00 54.22  ? 115  ASP A OD1   1 
ATOM   1007 O OD2   . ASP A 1 115 ? 12.838  14.615  -17.787 1.00 58.61  ? 115  ASP A OD2   1 
ATOM   1008 N N     . GLY A 1 116 ? 7.947   14.326  -21.170 1.00 43.64  ? 116  GLY A N     1 
ATOM   1009 C CA    . GLY A 1 116 ? 7.147   13.473  -22.026 1.00 42.59  ? 116  GLY A CA    1 
ATOM   1010 C C     . GLY A 1 116 ? 7.131   11.957  -21.696 1.00 41.15  ? 116  GLY A C     1 
ATOM   1011 O O     . GLY A 1 116 ? 6.618   11.183  -22.505 1.00 41.33  ? 116  GLY A O     1 
ATOM   1012 N N     . LYS A 1 117 ? 7.674   11.528  -20.552 1.00 38.57  ? 117  LYS A N     1 
ATOM   1013 C CA    . LYS A 1 117 ? 7.650   10.115  -20.186 1.00 38.52  ? 117  LYS A CA    1 
ATOM   1014 C C     . LYS A 1 117 ? 6.333   9.730   -19.533 1.00 36.13  ? 117  LYS A C     1 
ATOM   1015 O O     . LYS A 1 117 ? 5.873   10.396  -18.609 1.00 33.35  ? 117  LYS A O     1 
ATOM   1016 C CB    . LYS A 1 117 ? 8.776   9.761   -19.219 1.00 39.50  ? 117  LYS A CB    1 
ATOM   1017 C CG    . LYS A 1 117 ? 10.221  10.024  -19.675 1.00 43.47  ? 117  LYS A CG    1 
ATOM   1018 C CD    . LYS A 1 117 ? 11.215  9.428   -18.626 1.00 47.89  ? 117  LYS A CD    1 
ATOM   1019 C CE    A LYS A 1 117 ? 12.694  9.730   -18.970 0.50 48.63  ? 117  LYS A CE    1 
ATOM   1020 C CE    B LYS A 1 117 ? 12.681  9.871   -18.897 0.50 48.49  ? 117  LYS A CE    1 
ATOM   1021 N NZ    A LYS A 1 117 ? 13.283  8.630   -19.785 0.50 47.78  ? 117  LYS A NZ    1 
ATOM   1022 N NZ    B LYS A 1 117 ? 13.396  10.186  -17.629 0.50 47.46  ? 117  LYS A NZ    1 
ATOM   1023 N N     . ASP A 1 118 ? 5.721   8.642   -20.001 1.00 33.51  ? 118  ASP A N     1 
ATOM   1024 C CA    . ASP A 1 118 ? 4.496   8.162   -19.434 1.00 32.91  ? 118  ASP A CA    1 
ATOM   1025 C C     . ASP A 1 118 ? 4.811   7.449   -18.093 1.00 31.57  ? 118  ASP A C     1 
ATOM   1026 O O     . ASP A 1 118 ? 5.281   6.348   -18.109 1.00 30.85  ? 118  ASP A O     1 
ATOM   1027 C CB    . ASP A 1 118 ? 3.815   7.231   -20.421 1.00 33.45  ? 118  ASP A CB    1 
ATOM   1028 C CG    . ASP A 1 118 ? 2.508   6.721   -19.926 1.00 35.97  ? 118  ASP A CG    1 
ATOM   1029 O OD1   . ASP A 1 118 ? 2.212   6.822   -18.680 1.00 29.07  ? 118  ASP A OD1   1 
ATOM   1030 O OD2   . ASP A 1 118 ? 1.743   6.127   -20.675 1.00 28.56  ? 118  ASP A OD2   1 
ATOM   1031 N N     . GLN A 1 119 ? 4.572   8.116   -16.957 1.00 29.90  ? 119  GLN A N     1 
ATOM   1032 C CA    . GLN A 1 119 ? 4.675   7.515   -15.630 1.00 27.77  ? 119  GLN A CA    1 
ATOM   1033 C C     . GLN A 1 119 ? 3.367   6.800   -15.205 1.00 25.89  ? 119  GLN A C     1 
ATOM   1034 O O     . GLN A 1 119 ? 3.407   5.934   -14.406 1.00 23.97  ? 119  GLN A O     1 
ATOM   1035 C CB    . GLN A 1 119 ? 4.968   8.622   -14.590 1.00 29.94  ? 119  GLN A CB    1 
ATOM   1036 C CG    . GLN A 1 119 ? 6.191   9.347   -14.903 1.00 30.22  ? 119  GLN A CG    1 
ATOM   1037 C CD    . GLN A 1 119 ? 7.472   8.525   -14.799 1.00 36.15  ? 119  GLN A CD    1 
ATOM   1038 O OE1   . GLN A 1 119 ? 7.483   7.333   -14.486 1.00 34.71  ? 119  GLN A OE1   1 
ATOM   1039 N NE2   . GLN A 1 119 ? 8.570   9.184   -15.091 1.00 41.66  ? 119  GLN A NE2   1 
ATOM   1040 N N     . GLY A 1 120 ? 2.233   7.254   -15.685 1.00 22.72  ? 120  GLY A N     1 
ATOM   1041 C CA    . GLY A 1 120 ? 0.944   6.680   -15.395 1.00 23.49  ? 120  GLY A CA    1 
ATOM   1042 C C     . GLY A 1 120 ? 0.718   5.212   -15.795 1.00 22.86  ? 120  GLY A C     1 
ATOM   1043 O O     . GLY A 1 120 ? -0.049  4.492   -15.156 1.00 24.24  ? 120  GLY A O     1 
ATOM   1044 N N     . VAL A 1 121 ? 1.450   4.748   -16.800 1.00 23.37  ? 121  VAL A N     1 
ATOM   1045 C CA    . VAL A 1 121 ? 1.362   3.339   -17.198 1.00 23.70  ? 121  VAL A CA    1 
ATOM   1046 C C     . VAL A 1 121 ? 1.800   2.409   -15.989 1.00 24.37  ? 121  VAL A C     1 
ATOM   1047 O O     . VAL A 1 121 ? 1.386   1.285   -15.835 1.00 21.83  ? 121  VAL A O     1 
ATOM   1048 C CB    . VAL A 1 121 ? 2.224   3.100   -18.447 1.00 23.04  ? 121  VAL A CB    1 
ATOM   1049 C CG1   . VAL A 1 121 ? 3.690   3.219   -18.150 1.00 23.40  ? 121  VAL A CG1   1 
ATOM   1050 C CG2   . VAL A 1 121 ? 1.964   1.682   -18.944 1.00 28.14  ? 121  VAL A CG2   1 
ATOM   1051 N N     . ASN A 1 122 ? 2.667   2.933   -15.130 1.00 22.95  ? 122  ASN A N     1 
ATOM   1052 C CA    . ASN A 1 122 ? 3.077   2.145   -13.941 1.00 24.08  ? 122  ASN A CA    1 
ATOM   1053 C C     . ASN A 1 122 ? 1.816   1.838   -13.064 1.00 23.85  ? 122  ASN A C     1 
ATOM   1054 O O     . ASN A 1 122 ? 1.674   0.739   -12.520 1.00 21.74  ? 122  ASN A O     1 
ATOM   1055 C CB    . ASN A 1 122 ? 4.128   2.913   -13.148 1.00 23.81  ? 122  ASN A CB    1 
ATOM   1056 C CG    . ASN A 1 122 ? 5.457   3.002   -13.872 1.00 24.12  ? 122  ASN A CG    1 
ATOM   1057 O OD1   . ASN A 1 122 ? 6.190   1.947   -14.103 1.00 24.25  ? 122  ASN A OD1   1 
ATOM   1058 N ND2   . ASN A 1 122 ? 5.837   4.251   -14.199 1.00 23.63  ? 122  ASN A ND2   1 
ATOM   1059 N N     . VAL A 1 123 ? 0.945   2.826   -12.920 1.00 23.90  ? 123  VAL A N     1 
ATOM   1060 C CA    . VAL A 1 123 ? -0.232  2.680   -12.121 1.00 23.38  ? 123  VAL A CA    1 
ATOM   1061 C C     . VAL A 1 123 ? -1.170  1.701   -12.815 1.00 25.65  ? 123  VAL A C     1 
ATOM   1062 O O     . VAL A 1 123 ? -1.767  0.856   -12.169 1.00 22.78  ? 123  VAL A O     1 
ATOM   1063 C CB    . VAL A 1 123 ? -0.914  4.010   -11.884 1.00 24.21  ? 123  VAL A CB    1 
ATOM   1064 C CG1   . VAL A 1 123 ? -2.274  3.893   -11.272 1.00 23.29  ? 123  VAL A CG1   1 
ATOM   1065 C CG2   . VAL A 1 123 ? -0.141  4.840   -10.983 1.00 22.77  ? 123  VAL A CG2   1 
ATOM   1066 N N     . ARG A 1 124 ? -1.329  1.862   -14.127 1.00 25.76  ? 124  ARG A N     1 
ATOM   1067 C CA    . ARG A 1 124 ? -2.252  0.960   -14.859 1.00 26.17  ? 124  ARG A CA    1 
ATOM   1068 C C     . ARG A 1 124 ? -1.828  -0.492  -14.760 1.00 26.21  ? 124  ARG A C     1 
ATOM   1069 O O     . ARG A 1 124 ? -2.671  -1.386  -14.579 1.00 26.37  ? 124  ARG A O     1 
ATOM   1070 C CB    . ARG A 1 124 ? -2.301  1.378   -16.324 1.00 27.05  ? 124  ARG A CB    1 
ATOM   1071 C CG    . ARG A 1 124 ? -2.959  2.746   -16.508 1.00 28.42  ? 124  ARG A CG    1 
ATOM   1072 C CD    . ARG A 1 124 ? -3.325  3.174   -17.866 1.00 27.95  ? 124  ARG A CD    1 
ATOM   1073 N NE    . ARG A 1 124 ? -2.277  3.185   -18.858 1.00 26.57  ? 124  ARG A NE    1 
ATOM   1074 C CZ    . ARG A 1 124 ? -1.506  4.234   -19.104 1.00 25.85  ? 124  ARG A CZ    1 
ATOM   1075 N NH1   . ARG A 1 124 ? -1.581  5.329   -18.335 1.00 28.61  ? 124  ARG A NH1   1 
ATOM   1076 N NH2   . ARG A 1 124 ? -0.634  4.206   -20.080 1.00 27.58  ? 124  ARG A NH2   1 
ATOM   1077 N N     . GLU A 1 125 ? -0.526  -0.718  -14.919 1.00 26.09  ? 125  GLU A N     1 
ATOM   1078 C CA    . GLU A 1 125 ? 0.103   -2.032  -14.837 1.00 26.79  ? 125  GLU A CA    1 
ATOM   1079 C C     . GLU A 1 125 ? -0.145  -2.653  -13.462 1.00 25.80  ? 125  GLU A C     1 
ATOM   1080 O O     . GLU A 1 125 ? -0.683  -3.784  -13.314 1.00 21.68  ? 125  GLU A O     1 
ATOM   1081 C CB    . GLU A 1 125 ? 1.583   -1.925  -15.077 1.00 26.67  ? 125  GLU A CB    1 
ATOM   1082 C CG    . GLU A 1 125 ? 2.243   -3.224  -15.429 1.00 30.67  ? 125  GLU A CG    1 
ATOM   1083 C CD    . GLU A 1 125 ? 2.331   -4.209  -14.299 1.00 31.02  ? 125  GLU A CD    1 
ATOM   1084 O OE1   . GLU A 1 125 ? 2.569   -3.885  -13.132 1.00 30.34  ? 125  GLU A OE1   1 
ATOM   1085 O OE2   . GLU A 1 125 ? 2.044   -5.404  -14.576 1.00 28.92  ? 125  GLU A OE2   1 
ATOM   1086 N N     . LYS A 1 126 ? 0.191   -1.892  -12.405 1.00 22.46  ? 126  LYS A N     1 
ATOM   1087 C CA    . LYS A 1 126 ? -0.006  -2.446  -11.072 1.00 23.38  ? 126  LYS A CA    1 
ATOM   1088 C C     . LYS A 1 126 ? -1.483  -2.679  -10.689 1.00 21.54  ? 126  LYS A C     1 
ATOM   1089 O O     . LYS A 1 126 ? -1.771  -3.626  -9.928  1.00 21.10  ? 126  LYS A O     1 
ATOM   1090 C CB    . LYS A 1 126 ? 0.705   -1.497  -9.974  1.00 24.59  ? 126  LYS A CB    1 
ATOM   1091 C CG    . LYS A 1 126 ? 0.769   -2.133  -8.524  1.00 25.72  ? 126  LYS A CG    1 
ATOM   1092 C CD    . LYS A 1 126 ? 1.905   -3.200  -8.481  1.00 29.91  ? 126  LYS A CD    1 
ATOM   1093 C CE    . LYS A 1 126 ? 1.805   -4.088  -7.453  1.00 36.69  ? 126  LYS A CE    1 
ATOM   1094 N NZ    . LYS A 1 126 ? 3.093   -4.887  -7.498  1.00 35.23  ? 126  LYS A NZ    1 
ATOM   1095 N N     . ALA A 1 127 ? -2.384  -1.793  -11.163 1.00 22.45  ? 127  ALA A N     1 
ATOM   1096 C CA    . ALA A 1 127 ? -3.798  -1.850  -10.865 1.00 23.81  ? 127  ALA A CA    1 
ATOM   1097 C C     . ALA A 1 127 ? -4.386  -3.156  -11.463 1.00 25.16  ? 127  ALA A C     1 
ATOM   1098 O O     . ALA A 1 127 ? -5.117  -3.910  -10.792 1.00 23.89  ? 127  ALA A O     1 
ATOM   1099 C CB    . ALA A 1 127 ? -4.547  -0.622  -11.400 1.00 23.55  ? 127  ALA A CB    1 
ATOM   1100 N N     . LYS A 1 128 ? -3.987  -3.396  -12.709 1.00 24.32  ? 128  LYS A N     1 
ATOM   1101 C CA    . LYS A 1 128 ? -4.438  -4.691  -13.369 1.00 26.44  ? 128  LYS A CA    1 
ATOM   1102 C C     . LYS A 1 128 ? -3.978  -5.874  -12.552 1.00 23.31  ? 128  LYS A C     1 
ATOM   1103 O O     . LYS A 1 128 ? -4.739  -6.794  -12.293 1.00 23.75  ? 128  LYS A O     1 
ATOM   1104 C CB    . LYS A 1 128 ? -3.969  -4.800  -14.843 1.00 27.50  ? 128  LYS A CB    1 
ATOM   1105 C CG    . LYS A 1 128 ? -4.519  -3.679  -15.795 1.00 37.40  ? 128  LYS A CG    1 
ATOM   1106 C CD    . LYS A 1 128 ? -3.646  -3.496  -17.080 1.00 46.19  ? 128  LYS A CD    1 
ATOM   1107 C CE    . LYS A 1 128 ? -4.441  -2.937  -18.315 1.00 50.29  ? 128  LYS A CE    1 
ATOM   1108 N NZ    . LYS A 1 128 ? -5.147  -1.630  -18.069 1.00 54.75  ? 128  LYS A NZ    1 
ATOM   1109 N N     . GLN A 1 129 ? -2.737  -5.924  -12.083 1.00 21.85  ? 129  GLN A N     1 
ATOM   1110 C CA    . GLN A 1 129 ? -2.306  -7.012  -11.297 1.00 22.61  ? 129  GLN A CA    1 
ATOM   1111 C C     . GLN A 1 129 ? -3.015  -7.123  -9.951  1.00 22.56  ? 129  GLN A C     1 
ATOM   1112 O O     . GLN A 1 129 ? -3.205  -8.206  -9.458  1.00 23.03  ? 129  GLN A O     1 
ATOM   1113 C CB    . GLN A 1 129 ? -0.802  -6.980  -11.025 1.00 19.67  ? 129  GLN A CB    1 
ATOM   1114 C CG    . GLN A 1 129 ? 0.085   -6.977  -12.239 1.00 20.62  ? 129  GLN A CG    1 
ATOM   1115 C CD    . GLN A 1 129 ? -0.212  -8.298  -13.141 1.00 21.38  ? 129  GLN A CD    1 
ATOM   1116 O OE1   . GLN A 1 129 ? -0.216  -9.407  -12.592 1.00 23.96  ? 129  GLN A OE1   1 
ATOM   1117 N NE2   . GLN A 1 129 ? -0.614  -8.106  -14.436 1.00 25.04  ? 129  GLN A NE2   1 
ATOM   1118 N N     . LEU A 1 130 ? -3.225  -5.973  -9.241  1.00 22.17  ? 130  LEU A N     1 
ATOM   1119 C CA    . LEU A 1 130 ? -3.900  -6.043  -7.979  1.00 23.69  ? 130  LEU A CA    1 
ATOM   1120 C C     . LEU A 1 130 ? -5.325  -6.553  -8.078  1.00 23.53  ? 130  LEU A C     1 
ATOM   1121 O O     . LEU A 1 130 ? -5.720  -7.373  -7.239  1.00 24.60  ? 130  LEU A O     1 
ATOM   1122 C CB    . LEU A 1 130 ? -3.826  -4.669  -7.238  1.00 24.09  ? 130  LEU A CB    1 
ATOM   1123 C CG    . LEU A 1 130 ? -4.645  -4.577  -5.970  1.00 24.03  ? 130  LEU A CG    1 
ATOM   1124 C CD1   . LEU A 1 130 ? -4.204  -5.580  -4.942  1.00 24.72  ? 130  LEU A CD1   1 
ATOM   1125 C CD2   . LEU A 1 130 ? -4.383  -3.040  -5.487  1.00 27.16  ? 130  LEU A CD2   1 
ATOM   1126 N N     . VAL A 1 131 ? -6.049  -6.125  -9.131  1.00 24.62  ? 131  VAL A N     1 
ATOM   1127 C CA    . VAL A 1 131 ? -7.421  -6.573  -9.441  1.00 26.89  ? 131  VAL A CA    1 
ATOM   1128 C C     . VAL A 1 131 ? -7.401  -8.098  -9.761  1.00 26.48  ? 131  VAL A C     1 
ATOM   1129 O O     . VAL A 1 131 ? -8.240  -8.851  -9.274  1.00 25.24  ? 131  VAL A O     1 
ATOM   1130 C CB    . VAL A 1 131 ? -8.009  -5.796  -10.619 1.00 25.80  ? 131  VAL A CB    1 
ATOM   1131 C CG1   . VAL A 1 131 ? -9.258  -6.490  -11.172 1.00 28.28  ? 131  VAL A CG1   1 
ATOM   1132 C CG2   . VAL A 1 131 ? -8.398  -4.324  -10.297 1.00 27.42  ? 131  VAL A CG2   1 
ATOM   1133 N N     . ALA A 1 132 ? -6.373  -8.577  -10.483 1.00 26.91  ? 132  ALA A N     1 
ATOM   1134 C CA    . ALA A 1 132 ? -6.209  -10.028 -10.741 1.00 27.12  ? 132  ALA A CA    1 
ATOM   1135 C C     . ALA A 1 132 ? -5.906  -10.789 -9.462  1.00 27.58  ? 132  ALA A C     1 
ATOM   1136 O O     . ALA A 1 132 ? -6.397  -11.910 -9.241  1.00 28.06  ? 132  ALA A O     1 
ATOM   1137 C CB    . ALA A 1 132 ? -5.127  -10.259 -11.744 1.00 26.96  ? 132  ALA A CB    1 
ATOM   1138 N N     . LEU A 1 133 ? -5.241  -10.139 -8.517  1.00 26.45  ? 133  LEU A N     1 
ATOM   1139 C CA    . LEU A 1 133 ? -4.955  -10.784 -7.254  1.00 27.13  ? 133  LEU A CA    1 
ATOM   1140 C C     . LEU A 1 133 ? -6.257  -10.968 -6.414  1.00 27.47  ? 133  LEU A C     1 
ATOM   1141 O O     . LEU A 1 133 ? -6.467  -12.049 -5.820  1.00 27.53  ? 133  LEU A O     1 
ATOM   1142 C CB    . LEU A 1 133 ? -3.954  -9.986  -6.422  1.00 27.75  ? 133  LEU A CB    1 
ATOM   1143 C CG    . LEU A 1 133 ? -3.716  -10.428 -4.975  1.00 29.24  ? 133  LEU A CG    1 
ATOM   1144 C CD1   . LEU A 1 133 ? -3.380  -11.946 -4.830  1.00 32.02  ? 133  LEU A CD1   1 
ATOM   1145 C CD2   . LEU A 1 133 ? -2.640  -9.564  -4.344  1.00 30.89  ? 133  LEU A CD2   1 
ATOM   1146 N N     . LEU A 1 134 ? -7.098  -9.917  -6.407  1.00 25.82  ? 134  LEU A N     1 
ATOM   1147 C CA    . LEU A 1 134 ? -8.311  -9.820  -5.574  1.00 27.24  ? 134  LEU A CA    1 
ATOM   1148 C C     . LEU A 1 134 ? -9.443  -10.718 -6.057  1.00 29.91  ? 134  LEU A C     1 
ATOM   1149 O O     . LEU A 1 134 ? -10.213 -11.268 -5.258  1.00 31.29  ? 134  LEU A O     1 
ATOM   1150 C CB    . LEU A 1 134 ? -8.785  -8.389  -5.505  1.00 27.37  ? 134  LEU A CB    1 
ATOM   1151 C CG    . LEU A 1 134 ? -7.877  -7.499  -4.597  1.00 27.08  ? 134  LEU A CG    1 
ATOM   1152 C CD1   . LEU A 1 134 ? -8.294  -6.076  -4.871  1.00 31.43  ? 134  LEU A CD1   1 
ATOM   1153 C CD2   . LEU A 1 134 ? -8.002  -7.858  -3.112  1.00 27.92  ? 134  LEU A CD2   1 
ATOM   1154 N N     . ARG A 1 135 ? -9.525  -10.848 -7.377  1.00 31.28  ? 135  ARG A N     1 
ATOM   1155 C CA    . ARG A 1 135 ? -10.510 -11.688 -8.039  1.00 34.89  ? 135  ARG A CA    1 
ATOM   1156 C C     . ARG A 1 135 ? -10.237 -13.170 -7.944  1.00 35.82  ? 135  ARG A C     1 
ATOM   1157 O O     . ARG A 1 135 ? -11.041 -13.950 -8.387  1.00 38.31  ? 135  ARG A O     1 
ATOM   1158 C CB    . ARG A 1 135 ? -10.683 -11.306 -9.513  1.00 36.13  ? 135  ARG A CB    1 
ATOM   1159 C CG    . ARG A 1 135 ? -11.223 -9.943  -9.620  1.00 41.89  ? 135  ARG A CG    1 
ATOM   1160 C CD    . ARG A 1 135 ? -12.148 -9.592  -10.795 1.00 53.04  ? 135  ARG A CD    1 
ATOM   1161 N NE    . ARG A 1 135 ? -11.706 -10.061 -12.103 1.00 59.90  ? 135  ARG A NE    1 
ATOM   1162 C CZ    . ARG A 1 135 ? -12.348 -10.965 -12.846 1.00 65.98  ? 135  ARG A CZ    1 
ATOM   1163 N NH1   . ARG A 1 135 ? -13.470 -11.546 -12.416 1.00 68.21  ? 135  ARG A NH1   1 
ATOM   1164 N NH2   . ARG A 1 135 ? -11.859 -11.303 -14.030 1.00 66.70  ? 135  ARG A NH2   1 
ATOM   1165 N N     . ASP A 1 136 ? -9.146  -13.606 -7.363  1.00 34.71  ? 136  ASP A N     1 
ATOM   1166 C CA    . ASP A 1 136 ? -8.886  -15.007 -7.369  1.00 33.77  ? 136  ASP A CA    1 
ATOM   1167 C C     . ASP A 1 136 ? -8.683  -15.559 -5.941  1.00 31.98  ? 136  ASP A C     1 
ATOM   1168 O O     . ASP A 1 136 ? -7.573  -15.506 -5.395  1.00 30.19  ? 136  ASP A O     1 
ATOM   1169 C CB    . ASP A 1 136 ? -7.698  -15.249 -8.269  1.00 33.41  ? 136  ASP A CB    1 
ATOM   1170 C CG    . ASP A 1 136 ? -7.361  -16.737 -8.404  1.00 39.32  ? 136  ASP A CG    1 
ATOM   1171 O OD1   . ASP A 1 136 ? -7.917  -17.643 -7.726  1.00 37.49  ? 136  ASP A OD1   1 
ATOM   1172 O OD2   . ASP A 1 136 ? -6.507  -17.063 -9.183  1.00 44.84  ? 136  ASP A OD2   1 
ATOM   1173 N N     . GLU A 1 137 ? -9.760  -16.152 -5.390  1.00 30.85  ? 137  GLU A N     1 
ATOM   1174 C CA    . GLU A 1 137 ? -9.790  -16.674 -4.015  1.00 30.05  ? 137  GLU A CA    1 
ATOM   1175 C C     . GLU A 1 137 ? -8.727  -17.689 -3.757  1.00 26.01  ? 137  GLU A C     1 
ATOM   1176 O O     . GLU A 1 137 ? -8.019  -17.774 -2.662  1.00 27.32  ? 137  GLU A O     1 
ATOM   1177 C CB    . GLU A 1 137 ? -11.174 -17.288 -3.748  1.00 32.38  ? 137  GLU A CB    1 
ATOM   1178 C CG    . GLU A 1 137 ? -12.262 -16.293 -3.450  1.00 37.79  ? 137  GLU A CG    1 
ATOM   1179 C CD    . GLU A 1 137 ? -11.987 -15.524 -2.175  1.00 44.44  ? 137  GLU A CD    1 
ATOM   1180 O OE1   . GLU A 1 137 ? -12.174 -14.329 -2.218  1.00 50.53  ? 137  GLU A OE1   1 
ATOM   1181 O OE2   . GLU A 1 137 ? -11.550 -16.090 -1.141  1.00 47.12  ? 137  GLU A OE2   1 
ATOM   1182 N N     . ASP A 1 138 ? -8.511  -18.568 -4.787  1.00 25.98  ? 138  ASP A N     1 
ATOM   1183 C CA    . ASP A 1 138 ? -7.557  -19.630 -4.568  1.00 26.79  ? 138  ASP A CA    1 
ATOM   1184 C C     . ASP A 1 138 ? -6.170  -19.050 -4.511  1.00 24.34  ? 138  ASP A C     1 
ATOM   1185 O O     . ASP A 1 138 ? -5.328  -19.538 -3.772  1.00 25.82  ? 138  ASP A O     1 
ATOM   1186 C CB    . ASP A 1 138 ? -7.587  -20.671 -5.683  1.00 30.01  ? 138  ASP A CB    1 
ATOM   1187 C CG    . ASP A 1 138 ? -8.807  -21.568 -5.580  1.00 35.32  ? 138  ASP A CG    1 
ATOM   1188 O OD1   . ASP A 1 138 ? -9.550  -21.637 -6.578  1.00 41.07  ? 138  ASP A OD1   1 
ATOM   1189 O OD2   . ASP A 1 138 ? -9.082  -22.196 -4.520  1.00 35.65  ? 138  ASP A OD2   1 
ATOM   1190 N N     . ARG A 1 139 ? -5.891  -18.123 -5.401  1.00 24.88  ? 139  ARG A N     1 
ATOM   1191 C CA    . ARG A 1 139 ? -4.533  -17.512 -5.359  1.00 26.55  ? 139  ARG A CA    1 
ATOM   1192 C C     . ARG A 1 139 ? -4.332  -16.752 -4.003  1.00 23.32  ? 139  ARG A C     1 
ATOM   1193 O O     . ARG A 1 139 ? -3.273  -16.816 -3.423  1.00 25.07  ? 139  ARG A O     1 
ATOM   1194 C CB    . ARG A 1 139 ? -4.346  -16.545 -6.483  1.00 26.44  ? 139  ARG A CB    1 
ATOM   1195 C CG    . ARG A 1 139 ? -2.961  -15.833 -6.382  1.00 26.02  ? 139  ARG A CG    1 
ATOM   1196 C CD    . ARG A 1 139 ? -2.616  -15.159 -7.526  1.00 30.87  ? 139  ARG A CD    1 
ATOM   1197 N NE    . ARG A 1 139 ? -1.556  -14.176 -7.339  1.00 28.48  ? 139  ARG A NE    1 
ATOM   1198 C CZ    . ARG A 1 139 ? -1.473  -13.121 -8.083  1.00 28.67  ? 139  ARG A CZ    1 
ATOM   1199 N NH1   . ARG A 1 139 ? -2.323  -12.871 -9.078  1.00 30.33  ? 139  ARG A NH1   1 
ATOM   1200 N NH2   . ARG A 1 139 ? -0.518  -12.268 -7.832  1.00 26.81  ? 139  ARG A NH2   1 
ATOM   1201 N N     . LEU A 1 140 ? -5.364  -16.051 -3.614  1.00 25.37  ? 140  LEU A N     1 
ATOM   1202 C CA    . LEU A 1 140 ? -5.331  -15.292 -2.255  1.00 25.01  ? 140  LEU A CA    1 
ATOM   1203 C C     . LEU A 1 140 ? -4.992  -16.271 -1.183  1.00 25.54  ? 140  LEU A C     1 
ATOM   1204 O O     . LEU A 1 140 ? -4.025  -16.092 -0.437  1.00 23.14  ? 140  LEU A O     1 
ATOM   1205 C CB    . LEU A 1 140 ? -6.615  -14.544 -1.964  1.00 26.91  ? 140  LEU A CB    1 
ATOM   1206 C CG    . LEU A 1 140 ? -6.979  -13.290 -2.744  1.00 28.85  ? 140  LEU A CG    1 
ATOM   1207 C CD1   . LEU A 1 140 ? -8.416  -12.906 -2.615  1.00 32.36  ? 140  LEU A CD1   1 
ATOM   1208 C CD2   . LEU A 1 140 ? -6.067  -12.121 -2.162  1.00 30.58  ? 140  LEU A CD2   1 
ATOM   1209 N N     . ARG A 1 141 ? -5.641  -17.475 -1.166  1.00 23.16  ? 141  ARG A N     1 
ATOM   1210 C CA    . ARG A 1 141 ? -5.265  -18.424 -0.110  1.00 24.48  ? 141  ARG A CA    1 
ATOM   1211 C C     . ARG A 1 141 ? -3.882  -18.952 -0.235  1.00 22.58  ? 141  ARG A C     1 
ATOM   1212 O O     . ARG A 1 141 ? -3.104  -19.196 0.785   1.00 24.61  ? 141  ARG A O     1 
ATOM   1213 C CB    . ARG A 1 141 ? -6.346  -19.575 -0.171  1.00 24.65  ? 141  ARG A CB    1 
ATOM   1214 C CG    . ARG A 1 141 ? -6.410  -20.518 0.880   1.00 30.18  ? 141  ARG A CG    1 
ATOM   1215 C CD    . ARG A 1 141 ? -7.565  -21.621 0.662   1.00 35.22  ? 141  ARG A CD    1 
ATOM   1216 N NE    . ARG A 1 141 ? -8.682  -21.156 -0.176  1.00 37.88  ? 141  ARG A NE    1 
ATOM   1217 C CZ    . ARG A 1 141 ? -8.919  -21.563 -1.407  1.00 40.94  ? 141  ARG A CZ    1 
ATOM   1218 N NH1   . ARG A 1 141 ? -8.086  -22.438 -2.028  1.00 43.88  ? 141  ARG A NH1   1 
ATOM   1219 N NH2   . ARG A 1 141 ? -9.969  -21.050 -2.058  1.00 44.10  ? 141  ARG A NH2   1 
ATOM   1220 N N     . GLU A 1 142 ? -3.455  -19.207 -1.493  1.00 24.81  ? 142  GLU A N     1 
ATOM   1221 C CA    . GLU A 1 142 ? -2.128  -19.780 -1.713  1.00 24.08  ? 142  GLU A CA    1 
ATOM   1222 C C     . GLU A 1 142 ? -1.069  -18.732 -1.311  1.00 24.28  ? 142  GLU A C     1 
ATOM   1223 O O     . GLU A 1 142 ? -0.057  -19.109 -0.754  1.00 24.64  ? 142  GLU A O     1 
ATOM   1224 C CB    . GLU A 1 142 ? -1.836  -20.217 -3.142  1.00 24.98  ? 142  GLU A CB    1 
ATOM   1225 C CG    . GLU A 1 142 ? -2.537  -21.509 -3.501  1.00 24.62  ? 142  GLU A CG    1 
ATOM   1226 C CD    . GLU A 1 142 ? -2.266  -21.990 -4.927  1.00 32.25  ? 142  GLU A CD    1 
ATOM   1227 O OE1   . GLU A 1 142 ? -1.422  -21.424 -5.661  1.00 29.56  ? 142  GLU A OE1   1 
ATOM   1228 O OE2   . GLU A 1 142 ? -3.013  -22.925 -5.372  1.00 30.13  ? 142  GLU A OE2   1 
ATOM   1229 N N     . GLU A 1 143 ? -1.330  -17.484 -1.599  1.00 24.42  ? 143  GLU A N     1 
ATOM   1230 C CA    . GLU A 1 143 ? -0.300  -16.407 -1.217  1.00 25.02  ? 143  GLU A CA    1 
ATOM   1231 C C     . GLU A 1 143 ? -0.168  -16.226 0.335   1.00 25.02  ? 143  GLU A C     1 
ATOM   1232 O O     . GLU A 1 143 ? 0.931   -16.022 0.865   1.00 25.07  ? 143  GLU A O     1 
ATOM   1233 C CB    . GLU A 1 143 ? -0.725  -15.103 -1.833  1.00 24.02  ? 143  GLU A CB    1 
ATOM   1234 C CG    . GLU A 1 143 ? -0.721  -15.006 -3.341  1.00 30.43  ? 143  GLU A CG    1 
ATOM   1235 C CD    . GLU A 1 143 ? 0.673   -14.766 -3.918  1.00 30.87  ? 143  GLU A CD    1 
ATOM   1236 O OE1   . GLU A 1 143 ? 1.726   -14.752 -3.175  1.00 38.23  ? 143  GLU A OE1   1 
ATOM   1237 O OE2   . GLU A 1 143 ? 0.657   -14.600 -5.128  1.00 35.98  ? 143  GLU A OE2   1 
ATOM   1238 N N     . ARG A 1 144 ? -1.296  -16.334 1.052   1.00 24.39  ? 144  ARG A N     1 
ATOM   1239 C CA    . ARG A 1 144 ? -1.301  -16.186 2.477   1.00 24.40  ? 144  ARG A CA    1 
ATOM   1240 C C     . ARG A 1 144 ? -0.597  -17.386 3.137   1.00 24.25  ? 144  ARG A C     1 
ATOM   1241 O O     . ARG A 1 144 ? 0.140   -17.240 4.077   1.00 26.27  ? 144  ARG A O     1 
ATOM   1242 C CB    . ARG A 1 144 ? -2.709  -15.876 3.009   1.00 24.96  ? 144  ARG A CB    1 
ATOM   1243 C CG    . ARG A 1 144 ? -3.274  -14.483 2.658   1.00 25.17  ? 144  ARG A CG    1 
ATOM   1244 C CD    . ARG A 1 144 ? -4.571  -14.173 3.261   1.00 27.52  ? 144  ARG A CD    1 
ATOM   1245 N NE    . ARG A 1 144 ? -4.560  -14.204 4.692   1.00 25.30  ? 144  ARG A NE    1 
ATOM   1246 C CZ    . ARG A 1 144 ? -4.015  -13.248 5.474   1.00 28.67  ? 144  ARG A CZ    1 
ATOM   1247 N NH1   . ARG A 1 144 ? -3.576  -12.167 4.939   1.00 24.70  ? 144  ARG A NH1   1 
ATOM   1248 N NH2   . ARG A 1 144 ? -4.039  -13.379 6.783   1.00 23.71  ? 144  ARG A NH2   1 
ATOM   1249 N N     . ALA A 1 145 ? -0.767  -18.614 2.613   1.00 25.83  ? 145  ALA A N     1 
ATOM   1250 C CA    . ALA A 1 145 ? -0.020  -19.762 3.077   1.00 26.52  ? 145  ALA A CA    1 
ATOM   1251 C C     . ALA A 1 145 ? 1.524   -19.630 2.877   1.00 25.72  ? 145  ALA A C     1 
ATOM   1252 O O     . ALA A 1 145 ? 2.307   -19.985 3.732   1.00 28.49  ? 145  ALA A O     1 
ATOM   1253 C CB    . ALA A 1 145 ? -0.517  -21.061 2.262   1.00 28.12  ? 145  ALA A CB    1 
ATOM   1254 N N     . HIS A 1 146 ? 1.887   -19.134 1.722   1.00 26.75  ? 146  HIS A N     1 
ATOM   1255 C CA    . HIS A 1 146 ? 3.266   -19.000 1.300   1.00 27.76  ? 146  HIS A CA    1 
ATOM   1256 C C     . HIS A 1 146 ? 3.861   -17.941 2.201   1.00 28.01  ? 146  HIS A C     1 
ATOM   1257 O O     . HIS A 1 146 ? 4.925   -18.167 2.706   1.00 29.50  ? 146  HIS A O     1 
ATOM   1258 C CB    . HIS A 1 146 ? 3.372   -18.649 -0.150  1.00 28.87  ? 146  HIS A CB    1 
ATOM   1259 C CG    . HIS A 1 146 ? 4.764   -18.298 -0.569  1.00 33.23  ? 146  HIS A CG    1 
ATOM   1260 N ND1   . HIS A 1 146 ? 5.808   -19.197 -0.494  1.00 38.59  ? 146  HIS A ND1   1 
ATOM   1261 C CD2   . HIS A 1 146 ? 5.292   -17.142 -1.027  1.00 36.31  ? 146  HIS A CD2   1 
ATOM   1262 C CE1   . HIS A 1 146 ? 6.917   -18.609 -0.896  1.00 36.77  ? 146  HIS A CE1   1 
ATOM   1263 N NE2   . HIS A 1 146 ? 6.636   -17.364 -1.219  1.00 35.07  ? 146  HIS A NE2   1 
ATOM   1264 N N     . ALA A 1 147 ? 3.103   -16.899 2.530   1.00 29.15  ? 147  ALA A N     1 
ATOM   1265 C CA    . ALA A 1 147 ? 3.673   -15.888 3.500   1.00 28.94  ? 147  ALA A CA    1 
ATOM   1266 C C     . ALA A 1 147 ? 3.866   -16.495 4.829   1.00 30.84  ? 147  ALA A C     1 
ATOM   1267 O O     . ALA A 1 147 ? 4.840   -16.175 5.497   1.00 29.99  ? 147  ALA A O     1 
ATOM   1268 C CB    . ALA A 1 147 ? 2.823   -14.669 3.577   1.00 29.45  ? 147  ALA A CB    1 
ATOM   1269 N N     . LEU A 1 148 ? 2.958   -17.388 5.303   1.00 29.20  ? 148  LEU A N     1 
ATOM   1270 C CA    . LEU A 1 148 ? 3.191   -17.999 6.606   1.00 28.92  ? 148  LEU A CA    1 
ATOM   1271 C C     . LEU A 1 148 ? 4.354   -18.996 6.568   1.00 28.88  ? 148  LEU A C     1 
ATOM   1272 O O     . LEU A 1 148 ? 5.212   -19.061 7.494   1.00 30.79  ? 148  LEU A O     1 
ATOM   1273 C CB    . LEU A 1 148 ? 1.896   -18.648 7.109   1.00 28.35  ? 148  LEU A CB    1 
ATOM   1274 C CG    . LEU A 1 148 ? 2.045   -19.405 8.456   1.00 30.68  ? 148  LEU A CG    1 
ATOM   1275 C CD1   . LEU A 1 148 ? 2.519   -18.524 9.651   1.00 33.07  ? 148  LEU A CD1   1 
ATOM   1276 C CD2   . LEU A 1 148 ? 0.724   -20.084 8.934   1.00 27.92  ? 148  LEU A CD2   1 
ATOM   1277 N N     . LYS A 1 149 ? 4.453   -19.739 5.468   1.00 30.09  ? 149  LYS A N     1 
ATOM   1278 C CA    . LYS A 1 149 ? 5.545   -20.672 5.259   1.00 33.68  ? 149  LYS A CA    1 
ATOM   1279 C C     . LYS A 1 149 ? 6.934   -19.916 5.403   1.00 35.84  ? 149  LYS A C     1 
ATOM   1280 O O     . LYS A 1 149 ? 7.833   -20.390 6.092   1.00 34.02  ? 149  LYS A O     1 
ATOM   1281 C CB    . LYS A 1 149 ? 5.375   -21.388 3.877   1.00 33.90  ? 149  LYS A CB    1 
ATOM   1282 C CG    . LYS A 1 149 ? 4.814   -22.783 3.976   1.00 39.27  ? 149  LYS A CG    1 
ATOM   1283 C CD    . LYS A 1 149 ? 5.865   -23.628 4.688   1.00 42.88  ? 149  LYS A CD    1 
ATOM   1284 C CE    . LYS A 1 149 ? 6.042   -24.990 4.222   1.00 38.84  ? 149  LYS A CE    1 
ATOM   1285 N NZ    . LYS A 1 149 ? 6.473   -25.653 5.477   1.00 34.98  ? 149  LYS A NZ    1 
ATOM   1286 N N     . THR A 1 150 ? 6.991   -18.716 4.829   1.00 36.86  ? 150  THR A N     1 
ATOM   1287 C CA    . THR A 1 150 ? 8.175   -17.856 4.925   1.00 40.12  ? 150  THR A CA    1 
ATOM   1288 C C     . THR A 1 150 ? 8.420   -17.454 6.347   1.00 41.63  ? 150  THR A C     1 
ATOM   1289 O O     . THR A 1 150 ? 9.505   -17.684 6.879   1.00 44.47  ? 150  THR A O     1 
ATOM   1290 C CB    . THR A 1 150 ? 7.978   -16.657 4.047   1.00 40.15  ? 150  THR A CB    1 
ATOM   1291 O OG1   . THR A 1 150 ? 7.762   -17.144 2.729   1.00 38.57  ? 150  THR A OG1   1 
ATOM   1292 C CG2   . THR A 1 150 ? 9.236   -15.748 4.024   1.00 41.87  ? 150  THR A CG2   1 
ATOM   1293 N N     . LYS A 1 151 ? 7.407   -16.978 7.036   1.00 43.33  ? 151  LYS A N     1 
ATOM   1294 C CA    . LYS A 1 151 ? 7.614   -16.619 8.430   1.00 45.38  ? 151  LYS A CA    1 
ATOM   1295 C C     . LYS A 1 151 ? 8.068   -17.816 9.259   1.00 47.31  ? 151  LYS A C     1 
ATOM   1296 O O     . LYS A 1 151 ? 8.913   -17.675 10.139  1.00 47.65  ? 151  LYS A O     1 
ATOM   1297 C CB    . LYS A 1 151 ? 6.367   -16.047 9.073   1.00 45.57  ? 151  LYS A CB    1 
ATOM   1298 C CG    . LYS A 1 151 ? 6.040   -14.656 8.710   1.00 46.77  ? 151  LYS A CG    1 
ATOM   1299 C CD    . LYS A 1 151 ? 4.758   -14.205 9.402   1.00 49.51  ? 151  LYS A CD    1 
ATOM   1300 C CE    . LYS A 1 151 ? 4.726   -14.523 10.900  1.00 52.67  ? 151  LYS A CE    1 
ATOM   1301 N NZ    . LYS A 1 151 ? 5.327   -13.451 11.758  1.00 53.53  ? 151  LYS A NZ    1 
ATOM   1302 N N     . GLU A 1 152 ? 7.492   -18.991 9.001   1.00 48.57  ? 152  GLU A N     1 
ATOM   1303 C CA    . GLU A 1 152 ? 7.845   -20.174 9.784   1.00 49.77  ? 152  GLU A CA    1 
ATOM   1304 C C     . GLU A 1 152 ? 9.323   -20.535 9.593   1.00 52.35  ? 152  GLU A C     1 
ATOM   1305 O O     . GLU A 1 152 ? 9.978   -20.840 10.562  1.00 51.80  ? 152  GLU A O     1 
ATOM   1306 C CB    . GLU A 1 152 ? 6.940   -21.359 9.419   1.00 48.68  ? 152  GLU A CB    1 
ATOM   1307 C CG    . GLU A 1 152 ? 5.587   -21.281 10.091  1.00 45.91  ? 152  GLU A CG    1 
ATOM   1308 C CD    . GLU A 1 152 ? 4.541   -22.320 9.558   1.00 43.74  ? 152  GLU A CD    1 
ATOM   1309 O OE1   . GLU A 1 152 ? 4.781   -23.026 8.548   1.00 35.67  ? 152  GLU A OE1   1 
ATOM   1310 O OE2   . GLU A 1 152 ? 3.459   -22.401 10.165  1.00 41.98  ? 152  GLU A OE2   1 
ATOM   1311 N N     . LYS A 1 153 ? 9.813   -20.489 8.349   1.00 55.99  ? 153  LYS A N     1 
ATOM   1312 C CA    . LYS A 1 153 ? 11.221  -20.804 8.062   1.00 59.89  ? 153  LYS A CA    1 
ATOM   1313 C C     . LYS A 1 153 ? 12.186  -19.796 8.725   1.00 63.03  ? 153  LYS A C     1 
ATOM   1314 O O     . LYS A 1 153 ? 13.192  -20.208 9.330   1.00 63.38  ? 153  LYS A O     1 
ATOM   1315 C CB    . LYS A 1 153 ? 11.496  -20.888 6.575   1.00 59.72  ? 153  LYS A CB    1 
ATOM   1316 C CG    . LYS A 1 153 ? 12.968  -21.295 6.295   1.00 62.19  ? 153  LYS A CG    1 
ATOM   1317 C CD    . LYS A 1 153 ? 13.121  -22.042 4.949   1.00 66.65  ? 153  LYS A CD    1 
ATOM   1318 C CE    . LYS A 1 153 ? 14.310  -23.021 4.960   1.00 69.09  ? 153  LYS A CE    1 
ATOM   1319 N NZ    . LYS A 1 153 ? 15.628  -22.317 4.949   1.00 70.80  ? 153  LYS A NZ    1 
ATOM   1320 N N     . LEU A 1 154 ? 11.852  -18.503 8.654   1.00 66.06  ? 154  LEU A N     1 
ATOM   1321 C CA    . LEU A 1 154 ? 12.627  -17.450 9.341   1.00 68.58  ? 154  LEU A CA    1 
ATOM   1322 C C     . LEU A 1 154 ? 12.537  -17.502 10.871  1.00 70.89  ? 154  LEU A C     1 
ATOM   1323 O O     . LEU A 1 154 ? 13.118  -16.661 11.535  1.00 71.99  ? 154  LEU A O     1 
ATOM   1324 C CB    . LEU A 1 154 ? 12.178  -16.041 8.908   1.00 68.23  ? 154  LEU A CB    1 
ATOM   1325 C CG    . LEU A 1 154 ? 12.255  -15.694 7.421   1.00 69.49  ? 154  LEU A CG    1 
ATOM   1326 C CD1   . LEU A 1 154 ? 11.763  -14.282 7.200   1.00 71.07  ? 154  LEU A CD1   1 
ATOM   1327 C CD2   . LEU A 1 154 ? 13.663  -15.848 6.842   1.00 70.62  ? 154  LEU A CD2   1 
ATOM   1328 N N     . ALA A 1 155 ? 11.794  -18.438 11.445  1.00 73.72  ? 155  ALA A N     1 
ATOM   1329 C CA    . ALA A 1 155 ? 11.668  -18.521 12.904  1.00 75.87  ? 155  ALA A CA    1 
ATOM   1330 C C     . ALA A 1 155 ? 12.319  -19.792 13.483  1.00 78.30  ? 155  ALA A C     1 
ATOM   1331 O O     . ALA A 1 155 ? 12.795  -19.799 14.621  1.00 78.97  ? 155  ALA A O     1 
ATOM   1332 C CB    . ALA A 1 155 ? 10.241  -18.424 13.303  1.00 75.54  ? 155  ALA A CB    1 
ATOM   1333 N N     . GLN A 1 156 ? 12.343  -20.869 12.701  1.00 81.17  ? 156  GLN A N     1 
ATOM   1334 C CA    . GLN A 1 156 ? 13.082  -22.077 13.079  1.00 83.27  ? 156  GLN A CA    1 
ATOM   1335 C C     . GLN A 1 156 ? 14.586  -21.803 12.903  1.00 84.74  ? 156  GLN A C     1 
ATOM   1336 O O     . GLN A 1 156 ? 15.421  -22.485 13.504  1.00 85.44  ? 156  GLN A O     1 
ATOM   1337 C CB    . GLN A 1 156 ? 12.654  -23.282 12.221  1.00 83.73  ? 156  GLN A CB    1 
ATOM   1338 C CG    . GLN A 1 156 ? 13.278  -23.338 10.811  1.00 84.43  ? 156  GLN A CG    1 
ATOM   1339 C CD    . GLN A 1 156 ? 12.593  -24.335 9.880   1.00 86.82  ? 156  GLN A CD    1 
ATOM   1340 O OE1   . GLN A 1 156 ? 11.439  -24.732 10.122  1.00 89.13  ? 156  GLN A OE1   1 
ATOM   1341 N NE2   . GLN A 1 156 ? 13.291  -24.726 8.796   1.00 85.65  ? 156  GLN A NE2   1 
ATOM   1342 N N     . THR A 1 157 ? 14.908  -20.806 12.066  1.00 86.43  ? 157  THR A N     1 
ATOM   1343 C CA    . THR A 1 157 ? 16.286  -20.367 11.821  1.00 87.40  ? 157  THR A CA    1 
ATOM   1344 C C     . THR A 1 157 ? 16.503  -18.945 12.385  1.00 88.41  ? 157  THR A C     1 
ATOM   1345 O O     . THR A 1 157 ? 16.785  -17.976 11.660  1.00 88.55  ? 157  THR A O     1 
ATOM   1346 C CB    . THR A 1 157 ? 16.667  -20.454 10.311  1.00 87.64  ? 157  THR A CB    1 
ATOM   1347 O OG1   . THR A 1 157 ? 15.916  -19.519 9.520   1.00 86.75  ? 157  THR A OG1   1 
ATOM   1348 C CG2   . THR A 1 157 ? 16.303  -21.827 9.735   1.00 87.73  ? 157  THR A CG2   1 
ATOM   1349 N N     . ALA A 1 158 ? 16.337  -18.854 13.702  1.00 89.12  ? 158  ALA A N     1 
ATOM   1350 C CA    . ALA A 1 158 ? 16.589  -17.635 14.469  1.00 89.73  ? 158  ALA A CA    1 
ATOM   1351 C C     . ALA A 1 158 ? 16.667  -18.005 15.953  1.00 90.31  ? 158  ALA A C     1 
ATOM   1352 O O     . ALA A 1 158 ? 16.407  -19.157 16.341  1.00 90.83  ? 158  ALA A O     1 
ATOM   1353 C CB    . ALA A 1 158 ? 15.503  -16.601 14.239  1.00 89.75  ? 158  ALA A CB    1 
HETATM 1354 C C1    . DIO B 2 .   ? -9.315  -0.268  -1.630  1.00 55.17  ? 1159 DIO A C1    1 
HETATM 1355 C C2    . DIO B 2 .   ? -9.511  -0.212  0.771   1.00 60.16  ? 1159 DIO A C2    1 
HETATM 1356 C "C1'" . DIO B 2 .   ? -9.516  1.244   -1.684  1.00 56.38  ? 1159 DIO A "C1'" 1 
HETATM 1357 C "C2'" . DIO B 2 .   ? -9.656  1.310   0.701   1.00 58.87  ? 1159 DIO A "C2'" 1 
HETATM 1358 O O1    . DIO B 2 .   ? -9.844  -0.890  -0.450  1.00 57.79  ? 1159 DIO A O1    1 
HETATM 1359 O "O1'" . DIO B 2 .   ? -9.008  1.858   -0.465  1.00 56.88  ? 1159 DIO A "O1'" 1 
HETATM 1360 C C1    . DIO C 2 .   ? -9.912  -25.578 1.327   1.00 40.45  ? 1160 DIO A C1    1 
HETATM 1361 C C2    . DIO C 2 .   ? -11.883 -25.479 0.012   1.00 39.15  ? 1160 DIO A C2    1 
HETATM 1362 C "C1'" . DIO C 2 .   ? -9.489  -24.222 0.718   1.00 41.64  ? 1160 DIO A "C1'" 1 
HETATM 1363 C "C2'" . DIO C 2 .   ? -11.257 -24.390 -0.857  1.00 46.28  ? 1160 DIO A "C2'" 1 
HETATM 1364 O O1    . DIO C 2 .   ? -10.807 -26.304 0.485   1.00 39.97  ? 1160 DIO A O1    1 
HETATM 1365 O "O1'" . DIO C 2 .   ? -10.622 -23.534 0.098   1.00 42.09  ? 1160 DIO A "O1'" 1 
HETATM 1366 C C1    . DIO D 2 .   ? 1.618   -14.064 7.435   1.00 52.83  ? 1161 DIO A C1    1 
HETATM 1367 C C2    . DIO D 2 .   ? -0.307  -14.132 8.758   1.00 56.95  ? 1161 DIO A C2    1 
HETATM 1368 C "C1'" . DIO D 2 .   ? 0.886   -14.784 6.297   1.00 53.40  ? 1161 DIO A "C1'" 1 
HETATM 1369 C "C2'" . DIO D 2 .   ? -0.964  -15.018 7.688   1.00 56.93  ? 1161 DIO A "C2'" 1 
HETATM 1370 O O1    . DIO D 2 .   ? 1.127   -14.355 8.755   1.00 55.10  ? 1161 DIO A O1    1 
HETATM 1371 O "O1'" . DIO D 2 .   ? -0.548  -14.662 6.331   1.00 52.81  ? 1161 DIO A "O1'" 1 
HETATM 1372 C C1    . DIO E 2 .   ? -6.139  3.638   -21.372 1.00 70.25  ? 1162 DIO A C1    1 
HETATM 1373 C C2    . DIO E 2 .   ? -4.219  4.357   -22.600 1.00 68.94  ? 1162 DIO A C2    1 
HETATM 1374 C "C1'" . DIO E 2 .   ? -6.033  4.906   -20.506 1.00 70.00  ? 1162 DIO A "C1'" 1 
HETATM 1375 C "C2'" . DIO E 2 .   ? -3.848  5.264   -21.435 1.00 69.89  ? 1162 DIO A "C2'" 1 
HETATM 1376 O O1    . DIO E 2 .   ? -4.908  3.240   -22.034 1.00 70.12  ? 1162 DIO A O1    1 
HETATM 1377 O "O1'" . DIO E 2 .   ? -5.055  5.879   -20.947 1.00 71.25  ? 1162 DIO A "O1'" 1 
HETATM 1378 C C1    . DIO F 2 .   ? 5.741   -16.764 -4.694  1.00 62.07  ? 1163 DIO A C1    1 
HETATM 1379 C C2    . DIO F 2 .   ? 4.467   -18.709 -5.489  1.00 62.45  ? 1163 DIO A C2    1 
HETATM 1380 C "C1'" . DIO F 2 .   ? 4.501   -15.903 -4.970  1.00 64.19  ? 1163 DIO A "C1'" 1 
HETATM 1381 C "C2'" . DIO F 2 .   ? 3.400   -17.693 -5.903  1.00 64.82  ? 1163 DIO A "C2'" 1 
HETATM 1382 O O1    . DIO F 2 .   ? 5.745   -18.068 -5.307  1.00 64.09  ? 1163 DIO A O1    1 
HETATM 1383 O "O1'" . DIO F 2 .   ? 3.228   -16.609 -4.961  1.00 62.54  ? 1163 DIO A "O1'" 1 
HETATM 1384 C C1    . I3P G 3 .   ? 3.982   17.666  -1.898  1.00 26.91  ? 1164 I3P A C1    1 
HETATM 1385 C C2    . I3P G 3 .   ? 5.252   16.865  -2.208  1.00 26.99  ? 1164 I3P A C2    1 
HETATM 1386 C C3    . I3P G 3 .   ? 5.610   15.962  -1.040  1.00 27.40  ? 1164 I3P A C3    1 
HETATM 1387 C C4    . I3P G 3 .   ? 4.439   15.069  -0.713  1.00 24.84  ? 1164 I3P A C4    1 
HETATM 1388 C C5    . I3P G 3 .   ? 3.158   15.797  -0.492  1.00 21.66  ? 1164 I3P A C5    1 
HETATM 1389 C C6    . I3P G 3 .   ? 2.758   16.864  -1.567  1.00 24.49  ? 1164 I3P A C6    1 
HETATM 1390 O O1    . I3P G 3 .   ? 3.550   18.522  -3.034  1.00 28.50  ? 1164 I3P A O1    1 
HETATM 1391 O O2    . I3P G 3 .   ? 5.203   16.085  -3.426  1.00 30.55  ? 1164 I3P A O2    1 
HETATM 1392 O O3    . I3P G 3 .   ? 6.811   15.287  -1.408  1.00 26.36  ? 1164 I3P A O3    1 
HETATM 1393 O O4    . I3P G 3 .   ? 4.696   14.359  0.470   1.00 24.47  ? 1164 I3P A O4    1 
HETATM 1394 O O5    . I3P G 3 .   ? 2.120   14.792  -0.386  1.00 22.50  ? 1164 I3P A O5    1 
HETATM 1395 O O6    . I3P G 3 .   ? 1.553   17.620  -1.295  1.00 29.59  ? 1164 I3P A O6    1 
HETATM 1396 P P1    . I3P G 3 .   ? 4.177   20.051  -2.956  1.00 28.68  ? 1164 I3P A P1    1 
HETATM 1397 O O11   . I3P G 3 .   ? 3.492   20.660  -1.843  1.00 28.49  ? 1164 I3P A O11   1 
HETATM 1398 O O12   . I3P G 3 .   ? 3.697   20.512  -4.289  1.00 31.71  ? 1164 I3P A O12   1 
HETATM 1399 O O13   . I3P G 3 .   ? 5.585   20.056  -2.806  1.00 26.36  ? 1164 I3P A O13   1 
HETATM 1400 P P4    . I3P G 3 .   ? 5.526   12.997  0.678   1.00 23.60  ? 1164 I3P A P4    1 
HETATM 1401 O O41   . I3P G 3 .   ? 5.097   12.015  -0.481  1.00 23.97  ? 1164 I3P A O41   1 
HETATM 1402 O O42   . I3P G 3 .   ? 6.963   13.301  0.496   1.00 27.90  ? 1164 I3P A O42   1 
HETATM 1403 O O43   . I3P G 3 .   ? 5.046   12.591  1.972   1.00 23.19  ? 1164 I3P A O43   1 
HETATM 1404 P P5    . I3P G 3 .   ? 0.947   14.765  0.641   1.00 30.99  ? 1164 I3P A P5    1 
HETATM 1405 O O51   . I3P G 3 .   ? -0.103  13.746  0.281   1.00 35.96  ? 1164 I3P A O51   1 
HETATM 1406 O O52   . I3P G 3 .   ? 0.080   15.999  0.411   1.00 41.05  ? 1164 I3P A O52   1 
HETATM 1407 O O53   . I3P G 3 .   ? 1.458   14.530  2.040   1.00 36.82  ? 1164 I3P A O53   1 
HETATM 1408 O O     . HOH H 4 .   ? 13.344  16.926  -1.379  1.00 76.17  ? 2001 HOH A O     1 
HETATM 1409 O O     . HOH H 4 .   ? 16.484  11.291  1.461   1.00 65.90  ? 2002 HOH A O     1 
HETATM 1410 O O     . HOH H 4 .   ? 16.199  16.876  -1.782  1.00 91.86  ? 2003 HOH A O     1 
HETATM 1411 O O     . HOH H 4 .   ? 13.465  12.567  -1.619  1.00 53.88  ? 2004 HOH A O     1 
HETATM 1412 O O     . HOH H 4 .   ? 13.248  14.891  -2.677  1.00 58.82  ? 2005 HOH A O     1 
HETATM 1413 O O     . HOH H 4 .   ? 15.725  20.303  -1.166  1.00 56.04  ? 2006 HOH A O     1 
HETATM 1414 O O     . HOH H 4 .   ? 20.873  16.169  6.424   1.00 49.98  ? 2007 HOH A O     1 
HETATM 1415 O O     . HOH H 4 .   ? 18.956  15.401  8.020   1.00 55.57  ? 2008 HOH A O     1 
HETATM 1416 O O     A HOH H 4 .   ? 19.050  20.980  2.488   0.50 70.63  ? 2009 HOH A O     1 
HETATM 1417 O O     . HOH H 4 .   ? 17.810  22.835  1.650   1.00 69.22  ? 2010 HOH A O     1 
HETATM 1418 O O     . HOH H 4 .   ? 7.490   15.808  1.782   1.00 26.66  ? 2011 HOH A O     1 
HETATM 1419 O O     . HOH H 4 .   ? -5.793  15.974  4.364   1.00 62.90  ? 2012 HOH A O     1 
HETATM 1420 O O     . HOH H 4 .   ? 11.927  9.545   7.195   1.00 52.65  ? 2013 HOH A O     1 
HETATM 1421 O O     . HOH H 4 .   ? 9.795   10.820  7.949   1.00 57.05  ? 2014 HOH A O     1 
HETATM 1422 O O     . HOH H 4 .   ? 8.008   9.828   12.382  1.00 62.56  ? 2015 HOH A O     1 
HETATM 1423 O O     . HOH H 4 .   ? -3.337  8.420   17.700  1.00 53.00  ? 2016 HOH A O     1 
HETATM 1424 O O     . HOH H 4 .   ? 3.426   22.063  2.641   1.00 30.73  ? 2017 HOH A O     1 
HETATM 1425 O O     . HOH H 4 .   ? 6.426   21.988  4.282   1.00 37.36  ? 2018 HOH A O     1 
HETATM 1426 O O     . HOH H 4 .   ? 8.585   17.720  -0.094  1.00 38.59  ? 2019 HOH A O     1 
HETATM 1427 O O     . HOH H 4 .   ? 4.950   19.457  4.581   1.00 37.47  ? 2020 HOH A O     1 
HETATM 1428 O O     . HOH H 4 .   ? -2.409  0.646   17.804  1.00 49.20  ? 2021 HOH A O     1 
HETATM 1429 O O     . HOH H 4 .   ? -9.234  7.891   9.925   1.00 53.82  ? 2022 HOH A O     1 
HETATM 1430 O O     . HOH H 4 .   ? -0.385  20.118  -8.258  1.00 72.74  ? 2023 HOH A O     1 
HETATM 1431 O O     . HOH H 4 .   ? 7.837   5.762   9.919   1.00 58.15  ? 2024 HOH A O     1 
HETATM 1432 O O     . HOH H 4 .   ? 11.649  2.780   5.344   1.00 54.61  ? 2025 HOH A O     1 
HETATM 1433 O O     . HOH H 4 .   ? 11.249  3.834   7.410   1.00 55.87  ? 2026 HOH A O     1 
HETATM 1434 O O     . HOH H 4 .   ? -3.612  15.578  3.241   1.00 41.81  ? 2027 HOH A O     1 
HETATM 1435 O O     . HOH H 4 .   ? 6.556   11.964  11.903  1.00 33.87  ? 2028 HOH A O     1 
HETATM 1436 O O     . HOH H 4 .   ? -1.897  21.004  15.072  1.00 56.65  ? 2029 HOH A O     1 
HETATM 1437 O O     . HOH H 4 .   ? 1.544   -3.644  16.921  1.00 57.47  ? 2030 HOH A O     1 
HETATM 1438 O O     . HOH H 4 .   ? -6.385  15.286  8.454   1.00 45.51  ? 2031 HOH A O     1 
HETATM 1439 O O     . HOH H 4 .   ? -6.032  13.281  13.103  1.00 53.36  ? 2032 HOH A O     1 
HETATM 1440 O O     . HOH H 4 .   ? -6.553  14.035  10.930  1.00 51.02  ? 2033 HOH A O     1 
HETATM 1441 O O     . HOH H 4 .   ? -3.132  -5.765  18.395  1.00 48.59  ? 2034 HOH A O     1 
HETATM 1442 O O     . HOH H 4 .   ? -5.011  10.214  16.468  1.00 56.90  ? 2035 HOH A O     1 
HETATM 1443 O O     . HOH H 4 .   ? 1.655   13.007  14.784  1.00 38.75  ? 2036 HOH A O     1 
HETATM 1444 O O     . HOH H 4 .   ? -11.720 3.064   4.358   1.00 62.94  ? 2037 HOH A O     1 
HETATM 1445 O O     . HOH H 4 .   ? -0.510  6.730   17.587  1.00 43.38  ? 2038 HOH A O     1 
HETATM 1446 O O     . HOH H 4 .   ? 1.543   9.884   16.792  1.00 49.88  ? 2039 HOH A O     1 
HETATM 1447 O O     . HOH H 4 .   ? 4.544   -0.394  15.656  1.00 54.26  ? 2040 HOH A O     1 
HETATM 1448 O O     . HOH H 4 .   ? 0.189   2.082   17.324  1.00 51.80  ? 2041 HOH A O     1 
HETATM 1449 O O     . HOH H 4 .   ? -8.245  12.623  -2.714  1.00 54.07  ? 2042 HOH A O     1 
HETATM 1450 O O     . HOH H 4 .   ? -1.404  4.004   15.657  1.00 28.50  ? 2043 HOH A O     1 
HETATM 1451 O O     . HOH H 4 .   ? -12.175 11.306  -2.880  1.00 101.25 ? 2044 HOH A O     1 
HETATM 1452 O O     . HOH H 4 .   ? -6.438  7.681   8.208   1.00 29.18  ? 2045 HOH A O     1 
HETATM 1453 O O     . HOH H 4 .   ? -5.475  10.399  13.895  1.00 49.57  ? 2046 HOH A O     1 
HETATM 1454 O O     . HOH H 4 .   ? -6.904  11.043  9.576   1.00 58.33  ? 2047 HOH A O     1 
HETATM 1455 O O     . HOH H 4 .   ? 0.644   19.822  -10.721 1.00 98.65  ? 2048 HOH A O     1 
HETATM 1456 O O     . HOH H 4 .   ? 5.219   9.850   7.676   1.00 20.69  ? 2049 HOH A O     1 
HETATM 1457 O O     . HOH H 4 .   ? 7.360   5.347   12.079  1.00 51.93  ? 2050 HOH A O     1 
HETATM 1458 O O     . HOH H 4 .   ? 9.502   1.804   16.211  1.00 82.58  ? 2051 HOH A O     1 
HETATM 1459 O O     . HOH H 4 .   ? 6.140   -4.533  -11.621 1.00 41.58  ? 2052 HOH A O     1 
HETATM 1460 O O     . HOH H 4 .   ? -1.631  11.619  3.551   1.00 44.26  ? 2053 HOH A O     1 
HETATM 1461 O O     . HOH H 4 .   ? 7.759   9.401   7.853   1.00 33.70  ? 2054 HOH A O     1 
HETATM 1462 O O     . HOH H 4 .   ? 12.301  8.826   5.075   1.00 42.43  ? 2055 HOH A O     1 
HETATM 1463 O O     . HOH H 4 .   ? 8.555   5.051   0.885   1.00 30.05  ? 2056 HOH A O     1 
HETATM 1464 O O     . HOH H 4 .   ? 11.034  4.734   4.176   1.00 43.32  ? 2057 HOH A O     1 
HETATM 1465 O O     . HOH H 4 .   ? 6.405   -9.078  -0.819  1.00 62.83  ? 2058 HOH A O     1 
HETATM 1466 O O     . HOH H 4 .   ? 4.947   -10.268 0.567   1.00 62.21  ? 2059 HOH A O     1 
HETATM 1467 O O     . HOH H 4 .   ? 9.817   7.525   1.808   1.00 30.07  ? 2060 HOH A O     1 
HETATM 1468 O O     . HOH H 4 .   ? 4.944   10.725  -7.488  1.00 24.43  ? 2061 HOH A O     1 
HETATM 1469 O O     . HOH H 4 .   ? 9.658   12.284  -6.112  1.00 47.84  ? 2062 HOH A O     1 
HETATM 1470 O O     . HOH H 4 .   ? -7.960  -15.685 1.284   1.00 48.60  ? 2063 HOH A O     1 
HETATM 1471 O O     . HOH H 4 .   ? 12.359  10.769  3.194   1.00 33.60  ? 2064 HOH A O     1 
HETATM 1472 O O     . HOH H 4 .   ? 13.317  4.233   -8.487  1.00 67.23  ? 2065 HOH A O     1 
HETATM 1473 O O     . HOH H 4 .   ? 14.125  2.913   -6.721  1.00 59.50  ? 2066 HOH A O     1 
HETATM 1474 O O     . HOH H 4 .   ? 10.739  5.155   1.370   1.00 69.28  ? 2067 HOH A O     1 
HETATM 1475 O O     . HOH H 4 .   ? 13.872  3.750   3.607   1.00 72.32  ? 2068 HOH A O     1 
HETATM 1476 O O     . HOH H 4 .   ? 13.522  0.736   -3.169  1.00 56.27  ? 2069 HOH A O     1 
HETATM 1477 O O     . HOH H 4 .   ? -0.527  9.298   -23.430 1.00 57.99  ? 2070 HOH A O     1 
HETATM 1478 O O     . HOH H 4 .   ? 12.755  -6.017  10.124  1.00 87.84  ? 2071 HOH A O     1 
HETATM 1479 O O     . HOH H 4 .   ? 6.221   6.617   -24.544 1.00 61.36  ? 2072 HOH A O     1 
HETATM 1480 O O     . HOH H 4 .   ? 10.162  6.639   -21.263 1.00 61.03  ? 2073 HOH A O     1 
HETATM 1481 O O     . HOH H 4 .   ? 8.882   5.507   -17.840 1.00 66.94  ? 2074 HOH A O     1 
HETATM 1482 O O     . HOH H 4 .   ? 3.716   -2.500  14.614  1.00 44.08  ? 2075 HOH A O     1 
HETATM 1483 O O     . HOH H 4 .   ? 9.584   1.985   11.644  1.00 56.33  ? 2076 HOH A O     1 
HETATM 1484 O O     . HOH H 4 .   ? -4.724  -8.319  -16.403 1.00 68.95  ? 2077 HOH A O     1 
HETATM 1485 O O     . HOH H 4 .   ? -4.356  -3.106  -22.494 1.00 61.98  ? 2078 HOH A O     1 
HETATM 1486 O O     . HOH H 4 .   ? -7.368  -12.229 -13.768 1.00 58.38  ? 2079 HOH A O     1 
HETATM 1487 O O     . HOH H 4 .   ? 1.771   -9.579  11.438  1.00 45.81  ? 2080 HOH A O     1 
HETATM 1488 O O     . HOH H 4 .   ? 5.401   -4.421  15.061  1.00 48.67  ? 2081 HOH A O     1 
HETATM 1489 O O     . HOH H 4 .   ? 6.785   -6.051  12.756  1.00 60.51  ? 2082 HOH A O     1 
HETATM 1490 O O     . HOH H 4 .   ? -2.239  -4.716  16.422  1.00 40.59  ? 2083 HOH A O     1 
HETATM 1491 O O     . HOH H 4 .   ? 4.082   -8.842  10.105  1.00 43.22  ? 2084 HOH A O     1 
HETATM 1492 O O     . HOH H 4 .   ? -9.195  -23.214 -10.917 1.00 66.66  ? 2085 HOH A O     1 
HETATM 1493 O O     . HOH H 4 .   ? 0.113   -9.669  15.653  1.00 81.16  ? 2086 HOH A O     1 
HETATM 1494 O O     . HOH H 4 .   ? 1.950   -22.593 -7.111  1.00 45.25  ? 2087 HOH A O     1 
HETATM 1495 O O     . HOH H 4 .   ? -6.781  -25.388 -6.770  1.00 57.18  ? 2088 HOH A O     1 
HETATM 1496 O O     . HOH H 4 .   ? -7.280  -7.740  18.448  1.00 83.21  ? 2089 HOH A O     1 
HETATM 1497 O O     . HOH H 4 .   ? -4.575  1.834   17.647  1.00 50.00  ? 2090 HOH A O     1 
HETATM 1498 O O     . HOH H 4 .   ? -10.426 5.811   10.758  1.00 47.69  ? 2091 HOH A O     1 
HETATM 1499 O O     . HOH H 4 .   ? -11.391 2.803   7.148   1.00 38.85  ? 2092 HOH A O     1 
HETATM 1500 O O     . HOH H 4 .   ? -5.068  6.565   17.151  1.00 43.69  ? 2093 HOH A O     1 
HETATM 1501 O O     . HOH H 4 .   ? -8.672  7.374   14.538  1.00 47.08  ? 2094 HOH A O     1 
HETATM 1502 O O     . HOH H 4 .   ? -3.965  3.978   15.694  1.00 41.33  ? 2095 HOH A O     1 
HETATM 1503 O O     . HOH H 4 .   ? -12.348 6.548   4.643   1.00 51.04  ? 2096 HOH A O     1 
HETATM 1504 O O     . HOH H 4 .   ? -9.799  5.219   -3.873  1.00 59.45  ? 2097 HOH A O     1 
HETATM 1505 O O     . HOH H 4 .   ? -6.179  12.214  -2.251  1.00 45.99  ? 2098 HOH A O     1 
HETATM 1506 O O     . HOH H 4 .   ? -7.212  8.962   6.527   1.00 43.96  ? 2099 HOH A O     1 
HETATM 1507 O O     . HOH H 4 .   ? -6.136  13.873  6.406   1.00 45.80  ? 2100 HOH A O     1 
HETATM 1508 O O     . HOH H 4 .   ? -1.980  11.479  -0.247  1.00 33.23  ? 2101 HOH A O     1 
HETATM 1509 O O     . HOH H 4 .   ? -6.150  8.052   -8.332  1.00 27.87  ? 2102 HOH A O     1 
HETATM 1510 O O     . HOH H 4 .   ? -13.066 9.170   -4.841  1.00 73.83  ? 2103 HOH A O     1 
HETATM 1511 O O     . HOH H 4 .   ? -1.663  14.821  -2.296  1.00 41.02  ? 2104 HOH A O     1 
HETATM 1512 O O     . HOH H 4 .   ? -5.339  10.999  -12.647 1.00 60.95  ? 2105 HOH A O     1 
HETATM 1513 O O     . HOH H 4 .   ? 5.760   16.953  -6.293  1.00 67.54  ? 2106 HOH A O     1 
HETATM 1514 O O     . HOH H 4 .   ? 0.254   17.315  -11.172 1.00 44.76  ? 2107 HOH A O     1 
HETATM 1515 O O     . HOH H 4 .   ? 6.185   13.118  -10.330 1.00 46.52  ? 2108 HOH A O     1 
HETATM 1516 O O     . HOH H 4 .   ? 0.498   17.566  -4.017  1.00 33.16  ? 2109 HOH A O     1 
HETATM 1517 O O     . HOH H 4 .   ? 7.252   11.561  -11.900 1.00 43.29  ? 2110 HOH A O     1 
HETATM 1518 O O     . HOH H 4 .   ? 11.039  4.388   -7.942  1.00 106.51 ? 2111 HOH A O     1 
HETATM 1519 O O     . HOH H 4 .   ? 4.607   -2.220  -12.103 1.00 25.36  ? 2112 HOH A O     1 
HETATM 1520 O O     . HOH H 4 .   ? 4.156   0.903   -0.030  1.00 58.55  ? 2113 HOH A O     1 
HETATM 1521 O O     . HOH H 4 .   ? 6.490   0.110   -4.945  1.00 38.54  ? 2114 HOH A O     1 
HETATM 1522 O O     . HOH H 4 .   ? 4.002   -5.683  -2.200  1.00 37.08  ? 2115 HOH A O     1 
HETATM 1523 O O     . HOH H 4 .   ? 4.657   -5.656  -4.672  1.00 62.74  ? 2116 HOH A O     1 
HETATM 1524 O O     . HOH H 4 .   ? 8.693   -8.055  5.076   1.00 62.03  ? 2117 HOH A O     1 
HETATM 1525 O O     . HOH H 4 .   ? 3.938   -8.918  7.331   1.00 54.52  ? 2118 HOH A O     1 
HETATM 1526 O O     . HOH H 4 .   ? 4.433   -11.305 -2.666  1.00 78.44  ? 2119 HOH A O     1 
HETATM 1527 O O     . HOH H 4 .   ? 1.219   -8.982  -5.171  1.00 62.47  ? 2120 HOH A O     1 
HETATM 1528 O O     . HOH H 4 .   ? 4.261   -8.743  -1.248  1.00 60.27  ? 2121 HOH A O     1 
HETATM 1529 O O     . HOH H 4 .   ? -0.189  -10.875 10.145  1.00 35.00  ? 2122 HOH A O     1 
HETATM 1530 O O     . HOH H 4 .   ? -7.943  -7.528  11.947  1.00 37.53  ? 2123 HOH A O     1 
HETATM 1531 O O     . HOH H 4 .   ? -9.286  -5.229  13.157  1.00 32.91  ? 2124 HOH A O     1 
HETATM 1532 O O     . HOH H 4 .   ? -5.671  -9.705  4.018   1.00 29.39  ? 2125 HOH A O     1 
HETATM 1533 O O     . HOH H 4 .   ? -12.544 -10.381 7.379   1.00 58.55  ? 2126 HOH A O     1 
HETATM 1534 O O     . HOH H 4 .   ? -19.613 -9.884  6.209   1.00 46.44  ? 2127 HOH A O     1 
HETATM 1535 O O     . HOH H 4 .   ? -9.659  -13.188 2.009   1.00 43.85  ? 2128 HOH A O     1 
HETATM 1536 O O     . HOH H 4 .   ? -12.491 -14.322 3.521   1.00 76.23  ? 2129 HOH A O     1 
HETATM 1537 O O     . HOH H 4 .   ? -14.902 -1.475  7.863   1.00 57.20  ? 2130 HOH A O     1 
HETATM 1538 O O     . HOH H 4 .   ? -12.083 0.518   7.228   1.00 32.27  ? 2131 HOH A O     1 
HETATM 1539 O O     . HOH H 4 .   ? -12.422 1.306   2.455   1.00 64.75  ? 2132 HOH A O     1 
HETATM 1540 O O     . HOH H 4 .   ? -16.990 -2.623  2.373   1.00 59.52  ? 2133 HOH A O     1 
HETATM 1541 O O     . HOH H 4 .   ? -16.415 -3.777  -5.693  1.00 69.40  ? 2134 HOH A O     1 
HETATM 1542 O O     . HOH H 4 .   ? -15.747 -0.816  2.827   1.00 66.88  ? 2135 HOH A O     1 
HETATM 1543 O O     . HOH H 4 .   ? -9.179  5.185   -6.438  1.00 49.66  ? 2136 HOH A O     1 
HETATM 1544 O O     . HOH H 4 .   ? -8.508  -5.123  -14.776 1.00 54.26  ? 2137 HOH A O     1 
HETATM 1545 O O     . HOH H 4 .   ? -7.940  6.566   -12.803 1.00 47.68  ? 2138 HOH A O     1 
HETATM 1546 O O     . HOH H 4 .   ? -12.082 4.325   -14.579 1.00 61.92  ? 2139 HOH A O     1 
HETATM 1547 O O     . HOH H 4 .   ? -8.900  0.911   -20.819 1.00 71.86  ? 2140 HOH A O     1 
HETATM 1548 O O     . HOH H 4 .   ? -3.245  11.790  -13.161 1.00 41.80  ? 2141 HOH A O     1 
HETATM 1549 O O     . HOH H 4 .   ? -1.292  8.982   -20.834 1.00 49.78  ? 2142 HOH A O     1 
HETATM 1550 O O     . HOH H 4 .   ? -5.924  9.900   -14.673 1.00 38.28  ? 2143 HOH A O     1 
HETATM 1551 O O     . HOH H 4 .   ? 2.793   18.483  -13.181 1.00 56.55  ? 2144 HOH A O     1 
HETATM 1552 O O     . HOH H 4 .   ? -0.691  13.747  -17.943 1.00 38.22  ? 2145 HOH A O     1 
HETATM 1553 O O     . HOH H 4 .   ? 3.144   17.668  -17.101 1.00 62.74  ? 2146 HOH A O     1 
HETATM 1554 O O     . HOH H 4 .   ? 8.746   12.008  -13.843 1.00 55.32  ? 2147 HOH A O     1 
HETATM 1555 O O     . HOH H 4 .   ? 11.133  12.389  -16.693 1.00 54.51  ? 2148 HOH A O     1 
HETATM 1556 O O     . HOH H 4 .   ? 3.983   16.205  -22.177 1.00 65.84  ? 2149 HOH A O     1 
HETATM 1557 O O     . HOH H 4 .   ? 7.765   16.347  -14.860 1.00 52.30  ? 2150 HOH A O     1 
HETATM 1558 O O     . HOH H 4 .   ? 4.870   12.320  -24.542 1.00 67.59  ? 2151 HOH A O     1 
HETATM 1559 O O     . HOH H 4 .   ? 6.469   4.705   -20.119 1.00 41.36  ? 2152 HOH A O     1 
HETATM 1560 O O     . HOH H 4 .   ? 7.234   6.931   -21.850 1.00 43.25  ? 2153 HOH A O     1 
HETATM 1561 O O     . HOH H 4 .   ? -0.329  7.919   -18.735 1.00 33.21  ? 2154 HOH A O     1 
HETATM 1562 O O     . HOH H 4 .   ? 9.329   5.719   -13.121 1.00 39.32  ? 2155 HOH A O     1 
HETATM 1563 O O     . HOH H 4 .   ? 8.349   4.932   -15.536 1.00 40.15  ? 2156 HOH A O     1 
HETATM 1564 O O     . HOH H 4 .   ? 8.934   1.967   -14.351 1.00 43.75  ? 2157 HOH A O     1 
HETATM 1565 O O     . HOH H 4 .   ? 8.442   2.919   -16.532 1.00 60.85  ? 2158 HOH A O     1 
HETATM 1566 O O     . HOH H 4 .   ? -0.523  -5.588  -15.594 1.00 32.68  ? 2159 HOH A O     1 
HETATM 1567 O O     . HOH H 4 .   ? 3.698   -5.830  -11.786 1.00 32.55  ? 2160 HOH A O     1 
HETATM 1568 O O     . HOH H 4 .   ? 5.264   -3.466  -6.503  1.00 57.51  ? 2161 HOH A O     1 
HETATM 1569 O O     . HOH H 4 .   ? -4.200  -0.481  -20.285 1.00 39.02  ? 2162 HOH A O     1 
HETATM 1570 O O     . HOH H 4 .   ? -7.084  -4.423  -17.679 1.00 68.02  ? 2163 HOH A O     1 
HETATM 1571 O O     . HOH H 4 .   ? -7.012  -7.289  -14.093 1.00 38.30  ? 2164 HOH A O     1 
HETATM 1572 O O     . HOH H 4 .   ? -6.401  -13.619 -11.710 1.00 42.23  ? 2165 HOH A O     1 
HETATM 1573 O O     . HOH H 4 .   ? -12.340 -16.600 -7.229  1.00 44.03  ? 2166 HOH A O     1 
HETATM 1574 O O     . HOH H 4 .   ? -13.672 -14.357 -10.444 1.00 75.53  ? 2167 HOH A O     1 
HETATM 1575 O O     . HOH H 4 .   ? -12.273 -7.701  -13.509 1.00 70.86  ? 2168 HOH A O     1 
HETATM 1576 O O     . HOH H 4 .   ? -8.506  -9.552  -13.472 1.00 55.06  ? 2169 HOH A O     1 
HETATM 1577 O O     . HOH H 4 .   ? -7.018  -19.534 -10.167 1.00 37.52  ? 2170 HOH A O     1 
HETATM 1578 O O     . HOH H 4 .   ? -10.125 -19.018 -7.577  1.00 45.99  ? 2171 HOH A O     1 
HETATM 1579 O O     . HOH H 4 .   ? -4.730  -16.812 -9.954  1.00 45.92  ? 2172 HOH A O     1 
HETATM 1580 O O     . HOH H 4 .   ? -9.311  -16.868 -0.494  1.00 41.85  ? 2173 HOH A O     1 
HETATM 1581 O O     . HOH H 4 .   ? -15.100 -13.724 -1.868  1.00 78.40  ? 2174 HOH A O     1 
HETATM 1582 O O     . HOH H 4 .   ? -12.022 -12.964 -4.259  1.00 60.86  ? 2175 HOH A O     1 
HETATM 1583 O O     . HOH H 4 .   ? -9.230  -21.061 -9.439  1.00 46.14  ? 2176 HOH A O     1 
HETATM 1584 O O     . HOH H 4 .   ? -4.224  -14.641 -10.555 1.00 42.97  ? 2177 HOH A O     1 
HETATM 1585 O O     . HOH H 4 .   ? -1.432  -10.425 -10.040 1.00 31.17  ? 2178 HOH A O     1 
HETATM 1586 O O     . HOH H 4 .   ? -3.918  -20.475 3.020   1.00 30.41  ? 2179 HOH A O     1 
HETATM 1587 O O     . HOH H 4 .   ? -5.661  -23.495 -1.687  1.00 51.32  ? 2180 HOH A O     1 
HETATM 1588 O O     . HOH H 4 .   ? -11.227 -19.811 1.743   1.00 73.52  ? 2181 HOH A O     1 
HETATM 1589 O O     . HOH H 4 .   ? -5.433  -23.544 -4.702  1.00 33.98  ? 2182 HOH A O     1 
HETATM 1590 O O     . HOH H 4 .   ? 1.093   -21.627 -1.135  1.00 35.32  ? 2183 HOH A O     1 
HETATM 1591 O O     . HOH H 4 .   ? -1.394  -25.252 -6.433  1.00 56.35  ? 2184 HOH A O     1 
HETATM 1592 O O     . HOH H 4 .   ? -3.122  -25.120 -7.640  1.00 49.07  ? 2185 HOH A O     1 
HETATM 1593 O O     . HOH H 4 .   ? -0.545  -21.963 -8.025  1.00 27.15  ? 2186 HOH A O     1 
HETATM 1594 O O     . HOH H 4 .   ? 2.771   -14.701 -0.577  1.00 31.39  ? 2187 HOH A O     1 
HETATM 1595 O O     . HOH H 4 .   ? 2.711   -22.427 0.752   1.00 42.72  ? 2188 HOH A O     1 
HETATM 1596 O O     . HOH H 4 .   ? 5.021   -21.945 -0.319  1.00 50.73  ? 2189 HOH A O     1 
HETATM 1597 O O     . HOH H 4 .   ? 5.887   -13.553 5.191   1.00 57.95  ? 2190 HOH A O     1 
HETATM 1598 O O     . HOH H 4 .   ? 7.028   -24.490 7.637   1.00 47.04  ? 2191 HOH A O     1 
HETATM 1599 O O     . HOH H 4 .   ? 7.198   -14.836 1.609   1.00 56.71  ? 2192 HOH A O     1 
HETATM 1600 O O     . HOH H 4 .   ? 3.640   -11.734 10.684  1.00 62.09  ? 2193 HOH A O     1 
HETATM 1601 O O     . HOH H 4 .   ? 3.704   14.556  3.326   1.00 23.38  ? 2194 HOH A O     1 
HETATM 1602 O O     . HOH H 4 .   ? 8.831   12.674  -1.422  1.00 27.02  ? 2195 HOH A O     1 
HETATM 1603 O O     . HOH H 4 .   ? 3.505   10.785  2.631   1.00 40.55  ? 2196 HOH A O     1 
HETATM 1604 O O     . HOH H 4 .   ? 1.094   20.278  -4.851  1.00 48.79  ? 2197 HOH A O     1 
HETATM 1605 O O     . HOH H 4 .   ? 5.107   16.817  2.857   1.00 30.20  ? 2198 HOH A O     1 
HETATM 1606 O O     . HOH H 4 .   ? 7.254   15.082  -4.876  1.00 37.63  ? 2199 HOH A O     1 
HETATM 1607 O O     . HOH H 4 .   ? 7.478   18.594  -4.353  1.00 37.00  ? 2200 HOH A O     1 
HETATM 1608 O O     . HOH H 4 .   ? 9.346   14.271  -3.475  1.00 40.38  ? 2201 HOH A O     1 
HETATM 1609 O O     . HOH H 4 .   ? 5.924   19.580  -7.017  1.00 66.72  ? 2202 HOH A O     1 
HETATM 1610 O O     . HOH H 4 .   ? -1.965  13.122  1.745   1.00 50.67  ? 2203 HOH A O     1 
HETATM 1611 O O     . HOH H 4 .   ? 8.812   17.143  -2.662  1.00 41.23  ? 2204 HOH A O     1 
# 
loop_
_pdbx_poly_seq_scheme.asym_id 
_pdbx_poly_seq_scheme.entity_id 
_pdbx_poly_seq_scheme.seq_id 
_pdbx_poly_seq_scheme.mon_id 
_pdbx_poly_seq_scheme.ndb_seq_num 
_pdbx_poly_seq_scheme.pdb_seq_num 
_pdbx_poly_seq_scheme.auth_seq_num 
_pdbx_poly_seq_scheme.pdb_mon_id 
_pdbx_poly_seq_scheme.auth_mon_id 
_pdbx_poly_seq_scheme.pdb_strand_id 
_pdbx_poly_seq_scheme.pdb_ins_code 
_pdbx_poly_seq_scheme.hetero 
A 1 1   MET 1   1   1   MET MET A . n 
A 1 2   SER 2   2   2   SER SER A . n 
A 1 3   THR 3   3   3   THR THR A . n 
A 1 4   SER 4   4   4   SER SER A . n 
A 1 5   SER 5   5   5   SER SER A . n 
A 1 6   LEU 6   6   6   LEU LEU A . n 
A 1 7   ARG 7   7   7   ARG ARG A . n 
A 1 8   ARG 8   8   8   ARG ARG A . n 
A 1 9   GLN 9   9   9   GLN GLN A . n 
A 1 10  MET 10  10  10  MET MET A . n 
A 1 11  LYS 11  11  11  LYS LYS A . n 
A 1 12  ASN 12  12  12  ASN ASN A . n 
A 1 13  ILE 13  13  13  ILE ILE A . n 
A 1 14  VAL 14  14  14  VAL VAL A . n 
A 1 15  HIS 15  15  15  HIS HIS A . n 
A 1 16  ASN 16  16  16  ASN ASN A . n 
A 1 17  TYR 17  17  17  TYR TYR A . n 
A 1 18  SER 18  18  18  SER SER A . n 
A 1 19  GLU 19  19  19  GLU GLU A . n 
A 1 20  ALA 20  20  20  ALA ALA A . n 
A 1 21  GLU 21  21  21  GLU GLU A . n 
A 1 22  ILE 22  22  22  ILE ILE A . n 
A 1 23  LYS 23  23  23  LYS LYS A . n 
A 1 24  VAL 24  24  24  VAL VAL A . n 
A 1 25  ARG 25  25  25  ARG ARG A . n 
A 1 26  GLU 26  26  26  GLU GLU A . n 
A 1 27  ALA 27  27  27  ALA ALA A . n 
A 1 28  THR 28  28  28  THR THR A . n 
A 1 29  SER 29  29  29  SER SER A . n 
A 1 30  ASN 30  30  30  ASN ASN A . n 
A 1 31  ASP 31  31  31  ASP ASP A . n 
A 1 32  PRO 32  32  32  PRO PRO A . n 
A 1 33  TRP 33  33  33  TRP TRP A . n 
A 1 34  GLY 34  34  34  GLY GLY A . n 
A 1 35  PRO 35  35  35  PRO PRO A . n 
A 1 36  SER 36  36  36  SER SER A . n 
A 1 37  SER 37  37  37  SER SER A . n 
A 1 38  SER 38  38  38  SER SER A . n 
A 1 39  LEU 39  39  39  LEU LEU A . n 
A 1 40  MET 40  40  40  MET MET A . n 
A 1 41  SER 41  41  41  SER SER A . n 
A 1 42  GLU 42  42  42  GLU GLU A . n 
A 1 43  ILE 43  43  43  ILE ILE A . n 
A 1 44  ALA 44  44  44  ALA ALA A . n 
A 1 45  ASP 45  45  45  ASP ASP A . n 
A 1 46  LEU 46  46  46  LEU LEU A . n 
A 1 47  THR 47  47  47  THR THR A . n 
A 1 48  TYR 48  48  48  TYR TYR A . n 
A 1 49  ASN 49  49  49  ASN ASN A . n 
A 1 50  VAL 50  50  50  VAL VAL A . n 
A 1 51  VAL 51  51  51  VAL VAL A . n 
A 1 52  ALA 52  52  52  ALA ALA A . n 
A 1 53  PHE 53  53  53  PHE PHE A . n 
A 1 54  SER 54  54  54  SER SER A . n 
A 1 55  GLU 55  55  55  GLU GLU A . n 
A 1 56  ILE 56  56  56  ILE ILE A . n 
A 1 57  MET 57  57  57  MET MET A . n 
A 1 58  SER 58  58  58  SER SER A . n 
A 1 59  MET 59  59  59  MET MET A . n 
A 1 60  ILE 60  60  60  ILE ILE A . n 
A 1 61  TRP 61  61  61  TRP TRP A . n 
A 1 62  LYS 62  62  62  LYS LYS A . n 
A 1 63  ARG 63  63  63  ARG ARG A . n 
A 1 64  LEU 64  64  64  LEU LEU A . n 
A 1 65  ASN 65  65  65  ASN ASN A . n 
A 1 66  ASP 66  66  66  ASP ASP A . n 
A 1 67  HIS 67  67  67  HIS HIS A . n 
A 1 68  GLY 68  68  68  GLY GLY A . n 
A 1 69  LYS 69  69  69  LYS LYS A . n 
A 1 70  ASN 70  70  70  ASN ASN A . n 
A 1 71  TRP 71  71  71  TRP TRP A . n 
A 1 72  ARG 72  72  72  ARG ARG A . n 
A 1 73  HIS 73  73  73  HIS HIS A . n 
A 1 74  VAL 74  74  74  VAL VAL A . n 
A 1 75  TYR 75  75  75  TYR TYR A . n 
A 1 76  LYS 76  76  76  LYS LYS A . n 
A 1 77  ALA 77  77  77  ALA ALA A . n 
A 1 78  MET 78  78  78  MET MET A . n 
A 1 79  THR 79  79  79  THR THR A . n 
A 1 80  LEU 80  80  80  LEU LEU A . n 
A 1 81  MET 81  81  81  MET MET A . n 
A 1 82  GLU 82  82  82  GLU GLU A . n 
A 1 83  TYR 83  83  83  TYR TYR A . n 
A 1 84  LEU 84  84  84  LEU LEU A . n 
A 1 85  ILE 85  85  85  ILE ILE A . n 
A 1 86  LYS 86  86  86  LYS LYS A . n 
A 1 87  THR 87  87  87  THR THR A . n 
A 1 88  GLY 88  88  88  GLY GLY A . n 
A 1 89  SER 89  89  89  SER SER A . n 
A 1 90  GLU 90  90  90  GLU GLU A . n 
A 1 91  ARG 91  91  91  ARG ARG A . n 
A 1 92  VAL 92  92  92  VAL VAL A . n 
A 1 93  SER 93  93  93  SER SER A . n 
A 1 94  GLN 94  94  94  GLN GLN A . n 
A 1 95  GLN 95  95  95  GLN GLN A . n 
A 1 96  CYS 96  96  96  CYS CYS A . n 
A 1 97  LYS 97  97  97  LYS LYS A . n 
A 1 98  GLU 98  98  98  GLU GLU A . n 
A 1 99  ASN 99  99  99  ASN ASN A . n 
A 1 100 MET 100 100 100 MET MET A . n 
A 1 101 TYR 101 101 101 TYR TYR A . n 
A 1 102 ALA 102 102 102 ALA ALA A . n 
A 1 103 VAL 103 103 103 VAL VAL A . n 
A 1 104 GLN 104 104 104 GLN GLN A . n 
A 1 105 THR 105 105 105 THR THR A . n 
A 1 106 LEU 106 106 106 LEU LEU A . n 
A 1 107 LYS 107 107 107 LYS LYS A . n 
A 1 108 ASP 108 108 108 ASP ASP A . n 
A 1 109 PHE 109 109 109 PHE PHE A . n 
A 1 110 GLN 110 110 110 GLN GLN A . n 
A 1 111 TYR 111 111 111 TYR TYR A . n 
A 1 112 VAL 112 112 112 VAL VAL A . n 
A 1 113 ASP 113 113 113 ASP ASP A . n 
A 1 114 ARG 114 114 114 ARG ARG A . n 
A 1 115 ASP 115 115 115 ASP ASP A . n 
A 1 116 GLY 116 116 116 GLY GLY A . n 
A 1 117 LYS 117 117 117 LYS LYS A . n 
A 1 118 ASP 118 118 118 ASP ASP A . n 
A 1 119 GLN 119 119 119 GLN GLN A . n 
A 1 120 GLY 120 120 120 GLY GLY A . n 
A 1 121 VAL 121 121 121 VAL VAL A . n 
A 1 122 ASN 122 122 122 ASN ASN A . n 
A 1 123 VAL 123 123 123 VAL VAL A . n 
A 1 124 ARG 124 124 124 ARG ARG A . n 
A 1 125 GLU 125 125 125 GLU GLU A . n 
A 1 126 LYS 126 126 126 LYS LYS A . n 
A 1 127 ALA 127 127 127 ALA ALA A . n 
A 1 128 LYS 128 128 128 LYS LYS A . n 
A 1 129 GLN 129 129 129 GLN GLN A . n 
A 1 130 LEU 130 130 130 LEU LEU A . n 
A 1 131 VAL 131 131 131 VAL VAL A . n 
A 1 132 ALA 132 132 132 ALA ALA A . n 
A 1 133 LEU 133 133 133 LEU LEU A . n 
A 1 134 LEU 134 134 134 LEU LEU A . n 
A 1 135 ARG 135 135 135 ARG ARG A . n 
A 1 136 ASP 136 136 136 ASP ASP A . n 
A 1 137 GLU 137 137 137 GLU GLU A . n 
A 1 138 ASP 138 138 138 ASP ASP A . n 
A 1 139 ARG 139 139 139 ARG ARG A . n 
A 1 140 LEU 140 140 140 LEU LEU A . n 
A 1 141 ARG 141 141 141 ARG ARG A . n 
A 1 142 GLU 142 142 142 GLU GLU A . n 
A 1 143 GLU 143 143 143 GLU GLU A . n 
A 1 144 ARG 144 144 144 ARG ARG A . n 
A 1 145 ALA 145 145 145 ALA ALA A . n 
A 1 146 HIS 146 146 146 HIS HIS A . n 
A 1 147 ALA 147 147 147 ALA ALA A . n 
A 1 148 LEU 148 148 148 LEU LEU A . n 
A 1 149 LYS 149 149 149 LYS LYS A . n 
A 1 150 THR 150 150 150 THR THR A . n 
A 1 151 LYS 151 151 151 LYS LYS A . n 
A 1 152 GLU 152 152 152 GLU GLU A . n 
A 1 153 LYS 153 153 153 LYS LYS A . n 
A 1 154 LEU 154 154 154 LEU LEU A . n 
A 1 155 ALA 155 155 155 ALA ALA A . n 
A 1 156 GLN 156 156 156 GLN GLN A . n 
A 1 157 THR 157 157 157 THR THR A . n 
A 1 158 ALA 158 158 158 ALA ALA A . n 
# 
loop_
_pdbx_nonpoly_scheme.asym_id 
_pdbx_nonpoly_scheme.entity_id 
_pdbx_nonpoly_scheme.mon_id 
_pdbx_nonpoly_scheme.ndb_seq_num 
_pdbx_nonpoly_scheme.pdb_seq_num 
_pdbx_nonpoly_scheme.auth_seq_num 
_pdbx_nonpoly_scheme.pdb_mon_id 
_pdbx_nonpoly_scheme.auth_mon_id 
_pdbx_nonpoly_scheme.pdb_strand_id 
_pdbx_nonpoly_scheme.pdb_ins_code 
B 2 DIO 1   1159 1159 DIO DIO A . 
C 2 DIO 1   1160 1160 DIO DIO A . 
D 2 DIO 1   1161 1161 DIO DIO A . 
E 2 DIO 1   1162 1162 DIO DIO A . 
F 2 DIO 1   1163 1163 DIO DIO A . 
G 3 I3P 1   1164 1164 I3P I3P A . 
H 4 HOH 1   2001 2001 HOH HOH A . 
H 4 HOH 2   2002 2002 HOH HOH A . 
H 4 HOH 3   2003 2003 HOH HOH A . 
H 4 HOH 4   2004 2004 HOH HOH A . 
H 4 HOH 5   2005 2005 HOH HOH A . 
H 4 HOH 6   2006 2006 HOH HOH A . 
H 4 HOH 7   2007 2007 HOH HOH A . 
H 4 HOH 8   2008 2008 HOH HOH A . 
H 4 HOH 9   2009 2009 HOH HOH A . 
H 4 HOH 10  2010 2010 HOH HOH A . 
H 4 HOH 11  2011 2011 HOH HOH A . 
H 4 HOH 12  2012 2012 HOH HOH A . 
H 4 HOH 13  2013 2013 HOH HOH A . 
H 4 HOH 14  2014 2014 HOH HOH A . 
H 4 HOH 15  2015 2015 HOH HOH A . 
H 4 HOH 16  2016 2016 HOH HOH A . 
H 4 HOH 17  2017 2017 HOH HOH A . 
H 4 HOH 18  2018 2018 HOH HOH A . 
H 4 HOH 19  2019 2019 HOH HOH A . 
H 4 HOH 20  2020 2020 HOH HOH A . 
H 4 HOH 21  2021 2021 HOH HOH A . 
H 4 HOH 22  2022 2022 HOH HOH A . 
H 4 HOH 23  2023 2023 HOH HOH A . 
H 4 HOH 24  2024 2024 HOH HOH A . 
H 4 HOH 25  2025 2025 HOH HOH A . 
H 4 HOH 26  2026 2026 HOH HOH A . 
H 4 HOH 27  2027 2027 HOH HOH A . 
H 4 HOH 28  2028 2028 HOH HOH A . 
H 4 HOH 29  2029 2029 HOH HOH A . 
H 4 HOH 30  2030 2030 HOH HOH A . 
H 4 HOH 31  2031 2031 HOH HOH A . 
H 4 HOH 32  2032 2032 HOH HOH A . 
H 4 HOH 33  2033 2033 HOH HOH A . 
H 4 HOH 34  2034 2034 HOH HOH A . 
H 4 HOH 35  2035 2035 HOH HOH A . 
H 4 HOH 36  2036 2036 HOH HOH A . 
H 4 HOH 37  2037 2037 HOH HOH A . 
H 4 HOH 38  2038 2038 HOH HOH A . 
H 4 HOH 39  2039 2039 HOH HOH A . 
H 4 HOH 40  2040 2040 HOH HOH A . 
H 4 HOH 41  2041 2041 HOH HOH A . 
H 4 HOH 42  2042 2042 HOH HOH A . 
H 4 HOH 43  2043 2043 HOH HOH A . 
H 4 HOH 44  2044 2044 HOH HOH A . 
H 4 HOH 45  2045 2045 HOH HOH A . 
H 4 HOH 46  2046 2046 HOH HOH A . 
H 4 HOH 47  2047 2047 HOH HOH A . 
H 4 HOH 48  2048 2048 HOH HOH A . 
H 4 HOH 49  2049 2049 HOH HOH A . 
H 4 HOH 50  2050 2050 HOH HOH A . 
H 4 HOH 51  2051 2051 HOH HOH A . 
H 4 HOH 52  2052 2052 HOH HOH A . 
H 4 HOH 53  2053 2053 HOH HOH A . 
H 4 HOH 54  2054 2054 HOH HOH A . 
H 4 HOH 55  2055 2055 HOH HOH A . 
H 4 HOH 56  2056 2056 HOH HOH A . 
H 4 HOH 57  2057 2057 HOH HOH A . 
H 4 HOH 58  2058 2058 HOH HOH A . 
H 4 HOH 59  2059 2059 HOH HOH A . 
H 4 HOH 60  2060 2060 HOH HOH A . 
H 4 HOH 61  2061 2061 HOH HOH A . 
H 4 HOH 62  2062 2062 HOH HOH A . 
H 4 HOH 63  2063 2063 HOH HOH A . 
H 4 HOH 64  2064 2064 HOH HOH A . 
H 4 HOH 65  2065 2065 HOH HOH A . 
H 4 HOH 66  2066 2066 HOH HOH A . 
H 4 HOH 67  2067 2067 HOH HOH A . 
H 4 HOH 68  2068 2068 HOH HOH A . 
H 4 HOH 69  2069 2069 HOH HOH A . 
H 4 HOH 70  2070 2070 HOH HOH A . 
H 4 HOH 71  2071 2071 HOH HOH A . 
H 4 HOH 72  2072 2072 HOH HOH A . 
H 4 HOH 73  2073 2073 HOH HOH A . 
H 4 HOH 74  2074 2074 HOH HOH A . 
H 4 HOH 75  2075 2075 HOH HOH A . 
H 4 HOH 76  2076 2076 HOH HOH A . 
H 4 HOH 77  2077 2077 HOH HOH A . 
H 4 HOH 78  2078 2078 HOH HOH A . 
H 4 HOH 79  2079 2079 HOH HOH A . 
H 4 HOH 80  2080 2080 HOH HOH A . 
H 4 HOH 81  2081 2081 HOH HOH A . 
H 4 HOH 82  2082 2082 HOH HOH A . 
H 4 HOH 83  2083 2083 HOH HOH A . 
H 4 HOH 84  2084 2084 HOH HOH A . 
H 4 HOH 85  2085 2085 HOH HOH A . 
H 4 HOH 86  2086 2086 HOH HOH A . 
H 4 HOH 87  2087 2087 HOH HOH A . 
H 4 HOH 88  2088 2088 HOH HOH A . 
H 4 HOH 89  2089 2089 HOH HOH A . 
H 4 HOH 90  2090 2090 HOH HOH A . 
H 4 HOH 91  2091 2091 HOH HOH A . 
H 4 HOH 92  2092 2092 HOH HOH A . 
H 4 HOH 93  2093 2093 HOH HOH A . 
H 4 HOH 94  2094 2094 HOH HOH A . 
H 4 HOH 95  2095 2095 HOH HOH A . 
H 4 HOH 96  2096 2096 HOH HOH A . 
H 4 HOH 97  2097 2097 HOH HOH A . 
H 4 HOH 98  2098 2098 HOH HOH A . 
H 4 HOH 99  2099 2099 HOH HOH A . 
H 4 HOH 100 2100 2100 HOH HOH A . 
H 4 HOH 101 2101 2101 HOH HOH A . 
H 4 HOH 102 2102 2102 HOH HOH A . 
H 4 HOH 103 2103 2103 HOH HOH A . 
H 4 HOH 104 2104 2104 HOH HOH A . 
H 4 HOH 105 2105 2105 HOH HOH A . 
H 4 HOH 106 2106 2106 HOH HOH A . 
H 4 HOH 107 2107 2107 HOH HOH A . 
H 4 HOH 108 2108 2108 HOH HOH A . 
H 4 HOH 109 2109 2109 HOH HOH A . 
H 4 HOH 110 2110 2110 HOH HOH A . 
H 4 HOH 111 2111 2111 HOH HOH A . 
H 4 HOH 112 2112 2112 HOH HOH A . 
H 4 HOH 113 2113 2113 HOH HOH A . 
H 4 HOH 114 2114 2114 HOH HOH A . 
H 4 HOH 115 2115 2115 HOH HOH A . 
H 4 HOH 116 2116 2116 HOH HOH A . 
H 4 HOH 117 2117 2117 HOH HOH A . 
H 4 HOH 118 2118 2118 HOH HOH A . 
H 4 HOH 119 2119 2119 HOH HOH A . 
H 4 HOH 120 2120 2120 HOH HOH A . 
H 4 HOH 121 2121 2121 HOH HOH A . 
H 4 HOH 122 2122 2122 HOH HOH A . 
H 4 HOH 123 2123 2123 HOH HOH A . 
H 4 HOH 124 2124 2124 HOH HOH A . 
H 4 HOH 125 2125 2125 HOH HOH A . 
H 4 HOH 126 2126 2126 HOH HOH A . 
H 4 HOH 127 2127 2127 HOH HOH A . 
H 4 HOH 128 2128 2128 HOH HOH A . 
H 4 HOH 129 2129 2129 HOH HOH A . 
H 4 HOH 130 2130 2130 HOH HOH A . 
H 4 HOH 131 2131 2131 HOH HOH A . 
H 4 HOH 132 2132 2132 HOH HOH A . 
H 4 HOH 133 2133 2133 HOH HOH A . 
H 4 HOH 134 2134 2134 HOH HOH A . 
H 4 HOH 135 2135 2135 HOH HOH A . 
H 4 HOH 136 2136 2136 HOH HOH A . 
H 4 HOH 137 2137 2137 HOH HOH A . 
H 4 HOH 138 2138 2138 HOH HOH A . 
H 4 HOH 139 2139 2139 HOH HOH A . 
H 4 HOH 140 2140 2140 HOH HOH A . 
H 4 HOH 141 2141 2141 HOH HOH A . 
H 4 HOH 142 2142 2142 HOH HOH A . 
H 4 HOH 143 2143 2143 HOH HOH A . 
H 4 HOH 144 2144 2144 HOH HOH A . 
H 4 HOH 145 2145 2145 HOH HOH A . 
H 4 HOH 146 2146 2146 HOH HOH A . 
H 4 HOH 147 2147 2147 HOH HOH A . 
H 4 HOH 148 2148 2148 HOH HOH A . 
H 4 HOH 149 2149 2149 HOH HOH A . 
H 4 HOH 150 2150 2150 HOH HOH A . 
H 4 HOH 151 2151 2151 HOH HOH A . 
H 4 HOH 152 2152 2152 HOH HOH A . 
H 4 HOH 153 2153 2153 HOH HOH A . 
H 4 HOH 154 2154 2154 HOH HOH A . 
H 4 HOH 155 2155 2155 HOH HOH A . 
H 4 HOH 156 2156 2156 HOH HOH A . 
H 4 HOH 157 2157 2157 HOH HOH A . 
H 4 HOH 158 2158 2158 HOH HOH A . 
H 4 HOH 159 2159 2159 HOH HOH A . 
H 4 HOH 160 2160 2160 HOH HOH A . 
H 4 HOH 161 2161 2161 HOH HOH A . 
H 4 HOH 162 2162 2162 HOH HOH A . 
H 4 HOH 163 2163 2163 HOH HOH A . 
H 4 HOH 164 2164 2164 HOH HOH A . 
H 4 HOH 165 2165 2165 HOH HOH A . 
H 4 HOH 166 2166 2166 HOH HOH A . 
H 4 HOH 167 2167 2167 HOH HOH A . 
H 4 HOH 168 2168 2168 HOH HOH A . 
H 4 HOH 169 2169 2169 HOH HOH A . 
H 4 HOH 170 2170 2170 HOH HOH A . 
H 4 HOH 171 2171 2171 HOH HOH A . 
H 4 HOH 172 2172 2172 HOH HOH A . 
H 4 HOH 173 2173 2173 HOH HOH A . 
H 4 HOH 174 2174 2174 HOH HOH A . 
H 4 HOH 175 2175 2175 HOH HOH A . 
H 4 HOH 176 2176 2176 HOH HOH A . 
H 4 HOH 177 2177 2177 HOH HOH A . 
H 4 HOH 178 2178 2178 HOH HOH A . 
H 4 HOH 179 2179 2179 HOH HOH A . 
H 4 HOH 180 2180 2180 HOH HOH A . 
H 4 HOH 181 2181 2181 HOH HOH A . 
H 4 HOH 182 2182 2182 HOH HOH A . 
H 4 HOH 183 2183 2183 HOH HOH A . 
H 4 HOH 184 2184 2184 HOH HOH A . 
H 4 HOH 185 2185 2185 HOH HOH A . 
H 4 HOH 186 2186 2186 HOH HOH A . 
H 4 HOH 187 2187 2187 HOH HOH A . 
H 4 HOH 188 2188 2188 HOH HOH A . 
H 4 HOH 189 2189 2189 HOH HOH A . 
H 4 HOH 190 2190 2190 HOH HOH A . 
H 4 HOH 191 2191 2191 HOH HOH A . 
H 4 HOH 192 2192 2192 HOH HOH A . 
H 4 HOH 193 2193 2193 HOH HOH A . 
H 4 HOH 194 2194 2194 HOH HOH A . 
H 4 HOH 195 2195 2195 HOH HOH A . 
H 4 HOH 196 2196 2196 HOH HOH A . 
H 4 HOH 197 2197 2197 HOH HOH A . 
H 4 HOH 198 2198 2198 HOH HOH A . 
H 4 HOH 199 2199 2199 HOH HOH A . 
H 4 HOH 200 2200 2200 HOH HOH A . 
H 4 HOH 201 2201 2201 HOH HOH A . 
H 4 HOH 202 2202 2202 HOH HOH A . 
H 4 HOH 203 2203 2203 HOH HOH A . 
H 4 HOH 204 2204 2204 HOH HOH A . 
# 
_pdbx_struct_assembly.id                   1 
_pdbx_struct_assembly.details              author_and_software_defined_assembly 
_pdbx_struct_assembly.method_details       PQS 
_pdbx_struct_assembly.oligomeric_details   monomeric 
_pdbx_struct_assembly.oligomeric_count     1 
# 
_pdbx_struct_assembly_gen.assembly_id       1 
_pdbx_struct_assembly_gen.oper_expression   1 
_pdbx_struct_assembly_gen.asym_id_list      A,B,C,D,E,F,G,H 
# 
_pdbx_struct_oper_list.id                   1 
_pdbx_struct_oper_list.type                 'identity operation' 
_pdbx_struct_oper_list.name                 1_555 
_pdbx_struct_oper_list.symmetry_operation   x,y,z 
_pdbx_struct_oper_list.matrix[1][1]         1.0000000000 
_pdbx_struct_oper_list.matrix[1][2]         0.0000000000 
_pdbx_struct_oper_list.matrix[1][3]         0.0000000000 
_pdbx_struct_oper_list.vector[1]            0.0000000000 
_pdbx_struct_oper_list.matrix[2][1]         0.0000000000 
_pdbx_struct_oper_list.matrix[2][2]         1.0000000000 
_pdbx_struct_oper_list.matrix[2][3]         0.0000000000 
_pdbx_struct_oper_list.vector[2]            0.0000000000 
_pdbx_struct_oper_list.matrix[3][1]         0.0000000000 
_pdbx_struct_oper_list.matrix[3][2]         0.0000000000 
_pdbx_struct_oper_list.matrix[3][3]         1.0000000000 
_pdbx_struct_oper_list.vector[3]            0.0000000000 
# 
loop_
_pdbx_audit_revision_history.ordinal 
_pdbx_audit_revision_history.data_content_type 
_pdbx_audit_revision_history.major_revision 
_pdbx_audit_revision_history.minor_revision 
_pdbx_audit_revision_history.revision_date 
1 'Structure model' 1 0 2002-10-03 
2 'Structure model' 1 1 2011-05-08 
3 'Structure model' 1 2 2011-07-13 
4 'Structure model' 1 3 2023-12-13 
# 
_pdbx_audit_revision_details.ordinal             1 
_pdbx_audit_revision_details.revision_ordinal    1 
_pdbx_audit_revision_details.data_content_type   'Structure model' 
_pdbx_audit_revision_details.provider            repository 
_pdbx_audit_revision_details.type                'Initial release' 
_pdbx_audit_revision_details.description         ? 
_pdbx_audit_revision_details.details             ? 
# 
loop_
_pdbx_audit_revision_group.ordinal 
_pdbx_audit_revision_group.revision_ordinal 
_pdbx_audit_revision_group.data_content_type 
_pdbx_audit_revision_group.group 
1 2 'Structure model' 'Version format compliance' 
2 3 'Structure model' 'Version format compliance' 
3 4 'Structure model' 'Data collection'           
4 4 'Structure model' 'Database references'       
5 4 'Structure model' Other                       
6 4 'Structure model' 'Refinement description'    
# 
loop_
_pdbx_audit_revision_category.ordinal 
_pdbx_audit_revision_category.revision_ordinal 
_pdbx_audit_revision_category.data_content_type 
_pdbx_audit_revision_category.category 
1 4 'Structure model' chem_comp_atom                
2 4 'Structure model' chem_comp_bond                
3 4 'Structure model' database_2                    
4 4 'Structure model' pdbx_database_status          
5 4 'Structure model' pdbx_initial_refinement_model 
# 
loop_
_pdbx_audit_revision_item.ordinal 
_pdbx_audit_revision_item.revision_ordinal 
_pdbx_audit_revision_item.data_content_type 
_pdbx_audit_revision_item.item 
1 4 'Structure model' '_database_2.pdbx_DOI'                 
2 4 'Structure model' '_database_2.pdbx_database_accession'  
3 4 'Structure model' '_pdbx_database_status.status_code_sf' 
# 
loop_
_software.name 
_software.classification 
_software.version 
_software.citation_id 
_software.pdbx_ordinal 
REFMAC refinement       5.0 ? 1 
MOSFLM 'data reduction' .   ? 2 
SCALA  'data scaling'   .   ? 3 
AMoRE  phasing          .   ? 4 
# 
loop_
_pdbx_validate_close_contact.id 
_pdbx_validate_close_contact.PDB_model_num 
_pdbx_validate_close_contact.auth_atom_id_1 
_pdbx_validate_close_contact.auth_asym_id_1 
_pdbx_validate_close_contact.auth_comp_id_1 
_pdbx_validate_close_contact.auth_seq_id_1 
_pdbx_validate_close_contact.PDB_ins_code_1 
_pdbx_validate_close_contact.label_alt_id_1 
_pdbx_validate_close_contact.auth_atom_id_2 
_pdbx_validate_close_contact.auth_asym_id_2 
_pdbx_validate_close_contact.auth_comp_id_2 
_pdbx_validate_close_contact.auth_seq_id_2 
_pdbx_validate_close_contact.PDB_ins_code_2 
_pdbx_validate_close_contact.label_alt_id_2 
_pdbx_validate_close_contact.dist 
1 1 OD2 A ASP 136  ? ? O A HOH 2172 ? ? 1.95 
2 1 O   A HOH 2184 ? ? O A HOH 2185 ? ? 2.11 
3 1 O   A HOH 2042 ? ? O A HOH 2098 ? ? 2.16 
# 
loop_
_pdbx_validate_symm_contact.id 
_pdbx_validate_symm_contact.PDB_model_num 
_pdbx_validate_symm_contact.auth_atom_id_1 
_pdbx_validate_symm_contact.auth_asym_id_1 
_pdbx_validate_symm_contact.auth_comp_id_1 
_pdbx_validate_symm_contact.auth_seq_id_1 
_pdbx_validate_symm_contact.PDB_ins_code_1 
_pdbx_validate_symm_contact.label_alt_id_1 
_pdbx_validate_symm_contact.site_symmetry_1 
_pdbx_validate_symm_contact.auth_atom_id_2 
_pdbx_validate_symm_contact.auth_asym_id_2 
_pdbx_validate_symm_contact.auth_comp_id_2 
_pdbx_validate_symm_contact.auth_seq_id_2 
_pdbx_validate_symm_contact.PDB_ins_code_2 
_pdbx_validate_symm_contact.label_alt_id_2 
_pdbx_validate_symm_contact.site_symmetry_2 
_pdbx_validate_symm_contact.dist 
1 1 O A HOH 2018 ? ? 1_555 O A HOH 2020 ? ? 3_655 1.82 
2 1 O A HOH 2017 ? ? 1_555 O A HOH 2020 ? ? 3_655 1.94 
# 
_pdbx_validate_rmsd_bond.id                        1 
_pdbx_validate_rmsd_bond.PDB_model_num             1 
_pdbx_validate_rmsd_bond.auth_atom_id_1            CE 
_pdbx_validate_rmsd_bond.auth_asym_id_1            A 
_pdbx_validate_rmsd_bond.auth_comp_id_1            LYS 
_pdbx_validate_rmsd_bond.auth_seq_id_1             62 
_pdbx_validate_rmsd_bond.PDB_ins_code_1            ? 
_pdbx_validate_rmsd_bond.label_alt_id_1            ? 
_pdbx_validate_rmsd_bond.auth_atom_id_2            NZ 
_pdbx_validate_rmsd_bond.auth_asym_id_2            A 
_pdbx_validate_rmsd_bond.auth_comp_id_2            LYS 
_pdbx_validate_rmsd_bond.auth_seq_id_2             62 
_pdbx_validate_rmsd_bond.PDB_ins_code_2            ? 
_pdbx_validate_rmsd_bond.label_alt_id_2            ? 
_pdbx_validate_rmsd_bond.bond_value                1.640 
_pdbx_validate_rmsd_bond.bond_target_value         1.486 
_pdbx_validate_rmsd_bond.bond_deviation            0.154 
_pdbx_validate_rmsd_bond.bond_standard_deviation   0.025 
_pdbx_validate_rmsd_bond.linker_flag               N 
# 
loop_
_pdbx_validate_rmsd_angle.id 
_pdbx_validate_rmsd_angle.PDB_model_num 
_pdbx_validate_rmsd_angle.auth_atom_id_1 
_pdbx_validate_rmsd_angle.auth_asym_id_1 
_pdbx_validate_rmsd_angle.auth_comp_id_1 
_pdbx_validate_rmsd_angle.auth_seq_id_1 
_pdbx_validate_rmsd_angle.PDB_ins_code_1 
_pdbx_validate_rmsd_angle.label_alt_id_1 
_pdbx_validate_rmsd_angle.auth_atom_id_2 
_pdbx_validate_rmsd_angle.auth_asym_id_2 
_pdbx_validate_rmsd_angle.auth_comp_id_2 
_pdbx_validate_rmsd_angle.auth_seq_id_2 
_pdbx_validate_rmsd_angle.PDB_ins_code_2 
_pdbx_validate_rmsd_angle.label_alt_id_2 
_pdbx_validate_rmsd_angle.auth_atom_id_3 
_pdbx_validate_rmsd_angle.auth_asym_id_3 
_pdbx_validate_rmsd_angle.auth_comp_id_3 
_pdbx_validate_rmsd_angle.auth_seq_id_3 
_pdbx_validate_rmsd_angle.PDB_ins_code_3 
_pdbx_validate_rmsd_angle.label_alt_id_3 
_pdbx_validate_rmsd_angle.angle_value 
_pdbx_validate_rmsd_angle.angle_target_value 
_pdbx_validate_rmsd_angle.angle_deviation 
_pdbx_validate_rmsd_angle.angle_standard_deviation 
_pdbx_validate_rmsd_angle.linker_flag 
1 1 NE A ARG 8   ? ? CZ A ARG 8   ? ? NH2 A ARG 8   ? ? 116.25 120.30 -4.05 0.50 N 
2 1 CB A ASP 45  ? ? CG A ASP 45  ? ? OD2 A ASP 45  ? ? 123.95 118.30 5.65  0.90 N 
3 1 CB A ASP 115 ? ? CG A ASP 115 ? ? OD2 A ASP 115 ? ? 124.51 118.30 6.21  0.90 N 
# 
_pdbx_validate_torsion.id              1 
_pdbx_validate_torsion.PDB_model_num   1 
_pdbx_validate_torsion.auth_comp_id    THR 
_pdbx_validate_torsion.auth_asym_id    A 
_pdbx_validate_torsion.auth_seq_id     157 
_pdbx_validate_torsion.PDB_ins_code    ? 
_pdbx_validate_torsion.label_alt_id    ? 
_pdbx_validate_torsion.phi             -112.44 
_pdbx_validate_torsion.psi             61.98 
# 
loop_
_chem_comp_atom.comp_id 
_chem_comp_atom.atom_id 
_chem_comp_atom.type_symbol 
_chem_comp_atom.pdbx_aromatic_flag 
_chem_comp_atom.pdbx_stereo_config 
_chem_comp_atom.pdbx_ordinal 
ALA N      N N N 1   
ALA CA     C N S 2   
ALA C      C N N 3   
ALA O      O N N 4   
ALA CB     C N N 5   
ALA OXT    O N N 6   
ALA H      H N N 7   
ALA H2     H N N 8   
ALA HA     H N N 9   
ALA HB1    H N N 10  
ALA HB2    H N N 11  
ALA HB3    H N N 12  
ALA HXT    H N N 13  
ARG N      N N N 14  
ARG CA     C N S 15  
ARG C      C N N 16  
ARG O      O N N 17  
ARG CB     C N N 18  
ARG CG     C N N 19  
ARG CD     C N N 20  
ARG NE     N N N 21  
ARG CZ     C N N 22  
ARG NH1    N N N 23  
ARG NH2    N N N 24  
ARG OXT    O N N 25  
ARG H      H N N 26  
ARG H2     H N N 27  
ARG HA     H N N 28  
ARG HB2    H N N 29  
ARG HB3    H N N 30  
ARG HG2    H N N 31  
ARG HG3    H N N 32  
ARG HD2    H N N 33  
ARG HD3    H N N 34  
ARG HE     H N N 35  
ARG HH11   H N N 36  
ARG HH12   H N N 37  
ARG HH21   H N N 38  
ARG HH22   H N N 39  
ARG HXT    H N N 40  
ASN N      N N N 41  
ASN CA     C N S 42  
ASN C      C N N 43  
ASN O      O N N 44  
ASN CB     C N N 45  
ASN CG     C N N 46  
ASN OD1    O N N 47  
ASN ND2    N N N 48  
ASN OXT    O N N 49  
ASN H      H N N 50  
ASN H2     H N N 51  
ASN HA     H N N 52  
ASN HB2    H N N 53  
ASN HB3    H N N 54  
ASN HD21   H N N 55  
ASN HD22   H N N 56  
ASN HXT    H N N 57  
ASP N      N N N 58  
ASP CA     C N S 59  
ASP C      C N N 60  
ASP O      O N N 61  
ASP CB     C N N 62  
ASP CG     C N N 63  
ASP OD1    O N N 64  
ASP OD2    O N N 65  
ASP OXT    O N N 66  
ASP H      H N N 67  
ASP H2     H N N 68  
ASP HA     H N N 69  
ASP HB2    H N N 70  
ASP HB3    H N N 71  
ASP HD2    H N N 72  
ASP HXT    H N N 73  
CYS N      N N N 74  
CYS CA     C N R 75  
CYS C      C N N 76  
CYS O      O N N 77  
CYS CB     C N N 78  
CYS SG     S N N 79  
CYS OXT    O N N 80  
CYS H      H N N 81  
CYS H2     H N N 82  
CYS HA     H N N 83  
CYS HB2    H N N 84  
CYS HB3    H N N 85  
CYS HG     H N N 86  
CYS HXT    H N N 87  
DIO C1     C N N 88  
DIO C2     C N N 89  
DIO "C1'"  C N N 90  
DIO "C2'"  C N N 91  
DIO O1     O N N 92  
DIO "O1'"  O N N 93  
DIO H11    H N N 94  
DIO H12    H N N 95  
DIO H21    H N N 96  
DIO H22    H N N 97  
DIO "H1'1" H N N 98  
DIO "H1'2" H N N 99  
DIO "H2'1" H N N 100 
DIO "H2'2" H N N 101 
GLN N      N N N 102 
GLN CA     C N S 103 
GLN C      C N N 104 
GLN O      O N N 105 
GLN CB     C N N 106 
GLN CG     C N N 107 
GLN CD     C N N 108 
GLN OE1    O N N 109 
GLN NE2    N N N 110 
GLN OXT    O N N 111 
GLN H      H N N 112 
GLN H2     H N N 113 
GLN HA     H N N 114 
GLN HB2    H N N 115 
GLN HB3    H N N 116 
GLN HG2    H N N 117 
GLN HG3    H N N 118 
GLN HE21   H N N 119 
GLN HE22   H N N 120 
GLN HXT    H N N 121 
GLU N      N N N 122 
GLU CA     C N S 123 
GLU C      C N N 124 
GLU O      O N N 125 
GLU CB     C N N 126 
GLU CG     C N N 127 
GLU CD     C N N 128 
GLU OE1    O N N 129 
GLU OE2    O N N 130 
GLU OXT    O N N 131 
GLU H      H N N 132 
GLU H2     H N N 133 
GLU HA     H N N 134 
GLU HB2    H N N 135 
GLU HB3    H N N 136 
GLU HG2    H N N 137 
GLU HG3    H N N 138 
GLU HE2    H N N 139 
GLU HXT    H N N 140 
GLY N      N N N 141 
GLY CA     C N N 142 
GLY C      C N N 143 
GLY O      O N N 144 
GLY OXT    O N N 145 
GLY H      H N N 146 
GLY H2     H N N 147 
GLY HA2    H N N 148 
GLY HA3    H N N 149 
GLY HXT    H N N 150 
HIS N      N N N 151 
HIS CA     C N S 152 
HIS C      C N N 153 
HIS O      O N N 154 
HIS CB     C N N 155 
HIS CG     C Y N 156 
HIS ND1    N Y N 157 
HIS CD2    C Y N 158 
HIS CE1    C Y N 159 
HIS NE2    N Y N 160 
HIS OXT    O N N 161 
HIS H      H N N 162 
HIS H2     H N N 163 
HIS HA     H N N 164 
HIS HB2    H N N 165 
HIS HB3    H N N 166 
HIS HD1    H N N 167 
HIS HD2    H N N 168 
HIS HE1    H N N 169 
HIS HE2    H N N 170 
HIS HXT    H N N 171 
HOH O      O N N 172 
HOH H1     H N N 173 
HOH H2     H N N 174 
I3P C1     C N R 175 
I3P C2     C N R 176 
I3P C3     C N S 177 
I3P C4     C N R 178 
I3P C5     C N R 179 
I3P C6     C N S 180 
I3P O1     O N N 181 
I3P O2     O N N 182 
I3P O3     O N N 183 
I3P O4     O N N 184 
I3P O5     O N N 185 
I3P O6     O N N 186 
I3P P1     P N N 187 
I3P O11    O N N 188 
I3P O12    O N N 189 
I3P O13    O N N 190 
I3P P4     P N N 191 
I3P O41    O N N 192 
I3P O42    O N N 193 
I3P O43    O N N 194 
I3P P5     P N N 195 
I3P O51    O N N 196 
I3P O52    O N N 197 
I3P O53    O N N 198 
I3P H1     H N N 199 
I3P H2     H N N 200 
I3P H3     H N N 201 
I3P H4     H N N 202 
I3P H5     H N N 203 
I3P H6     H N N 204 
I3P HO2    H N N 205 
I3P HO3    H N N 206 
I3P HO6    H N N 207 
I3P HO12   H N N 208 
I3P HO13   H N N 209 
I3P HO42   H N N 210 
I3P HO43   H N N 211 
I3P HO52   H N N 212 
I3P HO53   H N N 213 
ILE N      N N N 214 
ILE CA     C N S 215 
ILE C      C N N 216 
ILE O      O N N 217 
ILE CB     C N S 218 
ILE CG1    C N N 219 
ILE CG2    C N N 220 
ILE CD1    C N N 221 
ILE OXT    O N N 222 
ILE H      H N N 223 
ILE H2     H N N 224 
ILE HA     H N N 225 
ILE HB     H N N 226 
ILE HG12   H N N 227 
ILE HG13   H N N 228 
ILE HG21   H N N 229 
ILE HG22   H N N 230 
ILE HG23   H N N 231 
ILE HD11   H N N 232 
ILE HD12   H N N 233 
ILE HD13   H N N 234 
ILE HXT    H N N 235 
LEU N      N N N 236 
LEU CA     C N S 237 
LEU C      C N N 238 
LEU O      O N N 239 
LEU CB     C N N 240 
LEU CG     C N N 241 
LEU CD1    C N N 242 
LEU CD2    C N N 243 
LEU OXT    O N N 244 
LEU H      H N N 245 
LEU H2     H N N 246 
LEU HA     H N N 247 
LEU HB2    H N N 248 
LEU HB3    H N N 249 
LEU HG     H N N 250 
LEU HD11   H N N 251 
LEU HD12   H N N 252 
LEU HD13   H N N 253 
LEU HD21   H N N 254 
LEU HD22   H N N 255 
LEU HD23   H N N 256 
LEU HXT    H N N 257 
LYS N      N N N 258 
LYS CA     C N S 259 
LYS C      C N N 260 
LYS O      O N N 261 
LYS CB     C N N 262 
LYS CG     C N N 263 
LYS CD     C N N 264 
LYS CE     C N N 265 
LYS NZ     N N N 266 
LYS OXT    O N N 267 
LYS H      H N N 268 
LYS H2     H N N 269 
LYS HA     H N N 270 
LYS HB2    H N N 271 
LYS HB3    H N N 272 
LYS HG2    H N N 273 
LYS HG3    H N N 274 
LYS HD2    H N N 275 
LYS HD3    H N N 276 
LYS HE2    H N N 277 
LYS HE3    H N N 278 
LYS HZ1    H N N 279 
LYS HZ2    H N N 280 
LYS HZ3    H N N 281 
LYS HXT    H N N 282 
MET N      N N N 283 
MET CA     C N S 284 
MET C      C N N 285 
MET O      O N N 286 
MET CB     C N N 287 
MET CG     C N N 288 
MET SD     S N N 289 
MET CE     C N N 290 
MET OXT    O N N 291 
MET H      H N N 292 
MET H2     H N N 293 
MET HA     H N N 294 
MET HB2    H N N 295 
MET HB3    H N N 296 
MET HG2    H N N 297 
MET HG3    H N N 298 
MET HE1    H N N 299 
MET HE2    H N N 300 
MET HE3    H N N 301 
MET HXT    H N N 302 
PHE N      N N N 303 
PHE CA     C N S 304 
PHE C      C N N 305 
PHE O      O N N 306 
PHE CB     C N N 307 
PHE CG     C Y N 308 
PHE CD1    C Y N 309 
PHE CD2    C Y N 310 
PHE CE1    C Y N 311 
PHE CE2    C Y N 312 
PHE CZ     C Y N 313 
PHE OXT    O N N 314 
PHE H      H N N 315 
PHE H2     H N N 316 
PHE HA     H N N 317 
PHE HB2    H N N 318 
PHE HB3    H N N 319 
PHE HD1    H N N 320 
PHE HD2    H N N 321 
PHE HE1    H N N 322 
PHE HE2    H N N 323 
PHE HZ     H N N 324 
PHE HXT    H N N 325 
PRO N      N N N 326 
PRO CA     C N S 327 
PRO C      C N N 328 
PRO O      O N N 329 
PRO CB     C N N 330 
PRO CG     C N N 331 
PRO CD     C N N 332 
PRO OXT    O N N 333 
PRO H      H N N 334 
PRO HA     H N N 335 
PRO HB2    H N N 336 
PRO HB3    H N N 337 
PRO HG2    H N N 338 
PRO HG3    H N N 339 
PRO HD2    H N N 340 
PRO HD3    H N N 341 
PRO HXT    H N N 342 
SER N      N N N 343 
SER CA     C N S 344 
SER C      C N N 345 
SER O      O N N 346 
SER CB     C N N 347 
SER OG     O N N 348 
SER OXT    O N N 349 
SER H      H N N 350 
SER H2     H N N 351 
SER HA     H N N 352 
SER HB2    H N N 353 
SER HB3    H N N 354 
SER HG     H N N 355 
SER HXT    H N N 356 
THR N      N N N 357 
THR CA     C N S 358 
THR C      C N N 359 
THR O      O N N 360 
THR CB     C N R 361 
THR OG1    O N N 362 
THR CG2    C N N 363 
THR OXT    O N N 364 
THR H      H N N 365 
THR H2     H N N 366 
THR HA     H N N 367 
THR HB     H N N 368 
THR HG1    H N N 369 
THR HG21   H N N 370 
THR HG22   H N N 371 
THR HG23   H N N 372 
THR HXT    H N N 373 
TRP N      N N N 374 
TRP CA     C N S 375 
TRP C      C N N 376 
TRP O      O N N 377 
TRP CB     C N N 378 
TRP CG     C Y N 379 
TRP CD1    C Y N 380 
TRP CD2    C Y N 381 
TRP NE1    N Y N 382 
TRP CE2    C Y N 383 
TRP CE3    C Y N 384 
TRP CZ2    C Y N 385 
TRP CZ3    C Y N 386 
TRP CH2    C Y N 387 
TRP OXT    O N N 388 
TRP H      H N N 389 
TRP H2     H N N 390 
TRP HA     H N N 391 
TRP HB2    H N N 392 
TRP HB3    H N N 393 
TRP HD1    H N N 394 
TRP HE1    H N N 395 
TRP HE3    H N N 396 
TRP HZ2    H N N 397 
TRP HZ3    H N N 398 
TRP HH2    H N N 399 
TRP HXT    H N N 400 
TYR N      N N N 401 
TYR CA     C N S 402 
TYR C      C N N 403 
TYR O      O N N 404 
TYR CB     C N N 405 
TYR CG     C Y N 406 
TYR CD1    C Y N 407 
TYR CD2    C Y N 408 
TYR CE1    C Y N 409 
TYR CE2    C Y N 410 
TYR CZ     C Y N 411 
TYR OH     O N N 412 
TYR OXT    O N N 413 
TYR H      H N N 414 
TYR H2     H N N 415 
TYR HA     H N N 416 
TYR HB2    H N N 417 
TYR HB3    H N N 418 
TYR HD1    H N N 419 
TYR HD2    H N N 420 
TYR HE1    H N N 421 
TYR HE2    H N N 422 
TYR HH     H N N 423 
TYR HXT    H N N 424 
VAL N      N N N 425 
VAL CA     C N S 426 
VAL C      C N N 427 
VAL O      O N N 428 
VAL CB     C N N 429 
VAL CG1    C N N 430 
VAL CG2    C N N 431 
VAL OXT    O N N 432 
VAL H      H N N 433 
VAL H2     H N N 434 
VAL HA     H N N 435 
VAL HB     H N N 436 
VAL HG11   H N N 437 
VAL HG12   H N N 438 
VAL HG13   H N N 439 
VAL HG21   H N N 440 
VAL HG22   H N N 441 
VAL HG23   H N N 442 
VAL HXT    H N N 443 
# 
loop_
_chem_comp_bond.comp_id 
_chem_comp_bond.atom_id_1 
_chem_comp_bond.atom_id_2 
_chem_comp_bond.value_order 
_chem_comp_bond.pdbx_aromatic_flag 
_chem_comp_bond.pdbx_stereo_config 
_chem_comp_bond.pdbx_ordinal 
ALA N     CA     sing N N 1   
ALA N     H      sing N N 2   
ALA N     H2     sing N N 3   
ALA CA    C      sing N N 4   
ALA CA    CB     sing N N 5   
ALA CA    HA     sing N N 6   
ALA C     O      doub N N 7   
ALA C     OXT    sing N N 8   
ALA CB    HB1    sing N N 9   
ALA CB    HB2    sing N N 10  
ALA CB    HB3    sing N N 11  
ALA OXT   HXT    sing N N 12  
ARG N     CA     sing N N 13  
ARG N     H      sing N N 14  
ARG N     H2     sing N N 15  
ARG CA    C      sing N N 16  
ARG CA    CB     sing N N 17  
ARG CA    HA     sing N N 18  
ARG C     O      doub N N 19  
ARG C     OXT    sing N N 20  
ARG CB    CG     sing N N 21  
ARG CB    HB2    sing N N 22  
ARG CB    HB3    sing N N 23  
ARG CG    CD     sing N N 24  
ARG CG    HG2    sing N N 25  
ARG CG    HG3    sing N N 26  
ARG CD    NE     sing N N 27  
ARG CD    HD2    sing N N 28  
ARG CD    HD3    sing N N 29  
ARG NE    CZ     sing N N 30  
ARG NE    HE     sing N N 31  
ARG CZ    NH1    sing N N 32  
ARG CZ    NH2    doub N N 33  
ARG NH1   HH11   sing N N 34  
ARG NH1   HH12   sing N N 35  
ARG NH2   HH21   sing N N 36  
ARG NH2   HH22   sing N N 37  
ARG OXT   HXT    sing N N 38  
ASN N     CA     sing N N 39  
ASN N     H      sing N N 40  
ASN N     H2     sing N N 41  
ASN CA    C      sing N N 42  
ASN CA    CB     sing N N 43  
ASN CA    HA     sing N N 44  
ASN C     O      doub N N 45  
ASN C     OXT    sing N N 46  
ASN CB    CG     sing N N 47  
ASN CB    HB2    sing N N 48  
ASN CB    HB3    sing N N 49  
ASN CG    OD1    doub N N 50  
ASN CG    ND2    sing N N 51  
ASN ND2   HD21   sing N N 52  
ASN ND2   HD22   sing N N 53  
ASN OXT   HXT    sing N N 54  
ASP N     CA     sing N N 55  
ASP N     H      sing N N 56  
ASP N     H2     sing N N 57  
ASP CA    C      sing N N 58  
ASP CA    CB     sing N N 59  
ASP CA    HA     sing N N 60  
ASP C     O      doub N N 61  
ASP C     OXT    sing N N 62  
ASP CB    CG     sing N N 63  
ASP CB    HB2    sing N N 64  
ASP CB    HB3    sing N N 65  
ASP CG    OD1    doub N N 66  
ASP CG    OD2    sing N N 67  
ASP OD2   HD2    sing N N 68  
ASP OXT   HXT    sing N N 69  
CYS N     CA     sing N N 70  
CYS N     H      sing N N 71  
CYS N     H2     sing N N 72  
CYS CA    C      sing N N 73  
CYS CA    CB     sing N N 74  
CYS CA    HA     sing N N 75  
CYS C     O      doub N N 76  
CYS C     OXT    sing N N 77  
CYS CB    SG     sing N N 78  
CYS CB    HB2    sing N N 79  
CYS CB    HB3    sing N N 80  
CYS SG    HG     sing N N 81  
CYS OXT   HXT    sing N N 82  
DIO C1    "C1'"  sing N N 83  
DIO C1    O1     sing N N 84  
DIO C1    H11    sing N N 85  
DIO C1    H12    sing N N 86  
DIO C2    "C2'"  sing N N 87  
DIO C2    O1     sing N N 88  
DIO C2    H21    sing N N 89  
DIO C2    H22    sing N N 90  
DIO "C1'" "O1'"  sing N N 91  
DIO "C1'" "H1'1" sing N N 92  
DIO "C1'" "H1'2" sing N N 93  
DIO "C2'" "O1'"  sing N N 94  
DIO "C2'" "H2'1" sing N N 95  
DIO "C2'" "H2'2" sing N N 96  
GLN N     CA     sing N N 97  
GLN N     H      sing N N 98  
GLN N     H2     sing N N 99  
GLN CA    C      sing N N 100 
GLN CA    CB     sing N N 101 
GLN CA    HA     sing N N 102 
GLN C     O      doub N N 103 
GLN C     OXT    sing N N 104 
GLN CB    CG     sing N N 105 
GLN CB    HB2    sing N N 106 
GLN CB    HB3    sing N N 107 
GLN CG    CD     sing N N 108 
GLN CG    HG2    sing N N 109 
GLN CG    HG3    sing N N 110 
GLN CD    OE1    doub N N 111 
GLN CD    NE2    sing N N 112 
GLN NE2   HE21   sing N N 113 
GLN NE2   HE22   sing N N 114 
GLN OXT   HXT    sing N N 115 
GLU N     CA     sing N N 116 
GLU N     H      sing N N 117 
GLU N     H2     sing N N 118 
GLU CA    C      sing N N 119 
GLU CA    CB     sing N N 120 
GLU CA    HA     sing N N 121 
GLU C     O      doub N N 122 
GLU C     OXT    sing N N 123 
GLU CB    CG     sing N N 124 
GLU CB    HB2    sing N N 125 
GLU CB    HB3    sing N N 126 
GLU CG    CD     sing N N 127 
GLU CG    HG2    sing N N 128 
GLU CG    HG3    sing N N 129 
GLU CD    OE1    doub N N 130 
GLU CD    OE2    sing N N 131 
GLU OE2   HE2    sing N N 132 
GLU OXT   HXT    sing N N 133 
GLY N     CA     sing N N 134 
GLY N     H      sing N N 135 
GLY N     H2     sing N N 136 
GLY CA    C      sing N N 137 
GLY CA    HA2    sing N N 138 
GLY CA    HA3    sing N N 139 
GLY C     O      doub N N 140 
GLY C     OXT    sing N N 141 
GLY OXT   HXT    sing N N 142 
HIS N     CA     sing N N 143 
HIS N     H      sing N N 144 
HIS N     H2     sing N N 145 
HIS CA    C      sing N N 146 
HIS CA    CB     sing N N 147 
HIS CA    HA     sing N N 148 
HIS C     O      doub N N 149 
HIS C     OXT    sing N N 150 
HIS CB    CG     sing N N 151 
HIS CB    HB2    sing N N 152 
HIS CB    HB3    sing N N 153 
HIS CG    ND1    sing Y N 154 
HIS CG    CD2    doub Y N 155 
HIS ND1   CE1    doub Y N 156 
HIS ND1   HD1    sing N N 157 
HIS CD2   NE2    sing Y N 158 
HIS CD2   HD2    sing N N 159 
HIS CE1   NE2    sing Y N 160 
HIS CE1   HE1    sing N N 161 
HIS NE2   HE2    sing N N 162 
HIS OXT   HXT    sing N N 163 
HOH O     H1     sing N N 164 
HOH O     H2     sing N N 165 
I3P C1    C2     sing N N 166 
I3P C1    C6     sing N N 167 
I3P C1    O1     sing N N 168 
I3P C1    H1     sing N N 169 
I3P C2    C3     sing N N 170 
I3P C2    O2     sing N N 171 
I3P C2    H2     sing N N 172 
I3P C3    C4     sing N N 173 
I3P C3    O3     sing N N 174 
I3P C3    H3     sing N N 175 
I3P C4    C5     sing N N 176 
I3P C4    O4     sing N N 177 
I3P C4    H4     sing N N 178 
I3P C5    C6     sing N N 179 
I3P C5    O5     sing N N 180 
I3P C5    H5     sing N N 181 
I3P C6    O6     sing N N 182 
I3P C6    H6     sing N N 183 
I3P O1    P1     sing N N 184 
I3P O2    HO2    sing N N 185 
I3P O3    HO3    sing N N 186 
I3P O4    P4     sing N N 187 
I3P O5    P5     sing N N 188 
I3P O6    HO6    sing N N 189 
I3P P1    O11    doub N N 190 
I3P P1    O12    sing N N 191 
I3P P1    O13    sing N N 192 
I3P O12   HO12   sing N N 193 
I3P O13   HO13   sing N N 194 
I3P P4    O41    doub N N 195 
I3P P4    O42    sing N N 196 
I3P P4    O43    sing N N 197 
I3P O42   HO42   sing N N 198 
I3P O43   HO43   sing N N 199 
I3P P5    O51    doub N N 200 
I3P P5    O52    sing N N 201 
I3P P5    O53    sing N N 202 
I3P O52   HO52   sing N N 203 
I3P O53   HO53   sing N N 204 
ILE N     CA     sing N N 205 
ILE N     H      sing N N 206 
ILE N     H2     sing N N 207 
ILE CA    C      sing N N 208 
ILE CA    CB     sing N N 209 
ILE CA    HA     sing N N 210 
ILE C     O      doub N N 211 
ILE C     OXT    sing N N 212 
ILE CB    CG1    sing N N 213 
ILE CB    CG2    sing N N 214 
ILE CB    HB     sing N N 215 
ILE CG1   CD1    sing N N 216 
ILE CG1   HG12   sing N N 217 
ILE CG1   HG13   sing N N 218 
ILE CG2   HG21   sing N N 219 
ILE CG2   HG22   sing N N 220 
ILE CG2   HG23   sing N N 221 
ILE CD1   HD11   sing N N 222 
ILE CD1   HD12   sing N N 223 
ILE CD1   HD13   sing N N 224 
ILE OXT   HXT    sing N N 225 
LEU N     CA     sing N N 226 
LEU N     H      sing N N 227 
LEU N     H2     sing N N 228 
LEU CA    C      sing N N 229 
LEU CA    CB     sing N N 230 
LEU CA    HA     sing N N 231 
LEU C     O      doub N N 232 
LEU C     OXT    sing N N 233 
LEU CB    CG     sing N N 234 
LEU CB    HB2    sing N N 235 
LEU CB    HB3    sing N N 236 
LEU CG    CD1    sing N N 237 
LEU CG    CD2    sing N N 238 
LEU CG    HG     sing N N 239 
LEU CD1   HD11   sing N N 240 
LEU CD1   HD12   sing N N 241 
LEU CD1   HD13   sing N N 242 
LEU CD2   HD21   sing N N 243 
LEU CD2   HD22   sing N N 244 
LEU CD2   HD23   sing N N 245 
LEU OXT   HXT    sing N N 246 
LYS N     CA     sing N N 247 
LYS N     H      sing N N 248 
LYS N     H2     sing N N 249 
LYS CA    C      sing N N 250 
LYS CA    CB     sing N N 251 
LYS CA    HA     sing N N 252 
LYS C     O      doub N N 253 
LYS C     OXT    sing N N 254 
LYS CB    CG     sing N N 255 
LYS CB    HB2    sing N N 256 
LYS CB    HB3    sing N N 257 
LYS CG    CD     sing N N 258 
LYS CG    HG2    sing N N 259 
LYS CG    HG3    sing N N 260 
LYS CD    CE     sing N N 261 
LYS CD    HD2    sing N N 262 
LYS CD    HD3    sing N N 263 
LYS CE    NZ     sing N N 264 
LYS CE    HE2    sing N N 265 
LYS CE    HE3    sing N N 266 
LYS NZ    HZ1    sing N N 267 
LYS NZ    HZ2    sing N N 268 
LYS NZ    HZ3    sing N N 269 
LYS OXT   HXT    sing N N 270 
MET N     CA     sing N N 271 
MET N     H      sing N N 272 
MET N     H2     sing N N 273 
MET CA    C      sing N N 274 
MET CA    CB     sing N N 275 
MET CA    HA     sing N N 276 
MET C     O      doub N N 277 
MET C     OXT    sing N N 278 
MET CB    CG     sing N N 279 
MET CB    HB2    sing N N 280 
MET CB    HB3    sing N N 281 
MET CG    SD     sing N N 282 
MET CG    HG2    sing N N 283 
MET CG    HG3    sing N N 284 
MET SD    CE     sing N N 285 
MET CE    HE1    sing N N 286 
MET CE    HE2    sing N N 287 
MET CE    HE3    sing N N 288 
MET OXT   HXT    sing N N 289 
PHE N     CA     sing N N 290 
PHE N     H      sing N N 291 
PHE N     H2     sing N N 292 
PHE CA    C      sing N N 293 
PHE CA    CB     sing N N 294 
PHE CA    HA     sing N N 295 
PHE C     O      doub N N 296 
PHE C     OXT    sing N N 297 
PHE CB    CG     sing N N 298 
PHE CB    HB2    sing N N 299 
PHE CB    HB3    sing N N 300 
PHE CG    CD1    doub Y N 301 
PHE CG    CD2    sing Y N 302 
PHE CD1   CE1    sing Y N 303 
PHE CD1   HD1    sing N N 304 
PHE CD2   CE2    doub Y N 305 
PHE CD2   HD2    sing N N 306 
PHE CE1   CZ     doub Y N 307 
PHE CE1   HE1    sing N N 308 
PHE CE2   CZ     sing Y N 309 
PHE CE2   HE2    sing N N 310 
PHE CZ    HZ     sing N N 311 
PHE OXT   HXT    sing N N 312 
PRO N     CA     sing N N 313 
PRO N     CD     sing N N 314 
PRO N     H      sing N N 315 
PRO CA    C      sing N N 316 
PRO CA    CB     sing N N 317 
PRO CA    HA     sing N N 318 
PRO C     O      doub N N 319 
PRO C     OXT    sing N N 320 
PRO CB    CG     sing N N 321 
PRO CB    HB2    sing N N 322 
PRO CB    HB3    sing N N 323 
PRO CG    CD     sing N N 324 
PRO CG    HG2    sing N N 325 
PRO CG    HG3    sing N N 326 
PRO CD    HD2    sing N N 327 
PRO CD    HD3    sing N N 328 
PRO OXT   HXT    sing N N 329 
SER N     CA     sing N N 330 
SER N     H      sing N N 331 
SER N     H2     sing N N 332 
SER CA    C      sing N N 333 
SER CA    CB     sing N N 334 
SER CA    HA     sing N N 335 
SER C     O      doub N N 336 
SER C     OXT    sing N N 337 
SER CB    OG     sing N N 338 
SER CB    HB2    sing N N 339 
SER CB    HB3    sing N N 340 
SER OG    HG     sing N N 341 
SER OXT   HXT    sing N N 342 
THR N     CA     sing N N 343 
THR N     H      sing N N 344 
THR N     H2     sing N N 345 
THR CA    C      sing N N 346 
THR CA    CB     sing N N 347 
THR CA    HA     sing N N 348 
THR C     O      doub N N 349 
THR C     OXT    sing N N 350 
THR CB    OG1    sing N N 351 
THR CB    CG2    sing N N 352 
THR CB    HB     sing N N 353 
THR OG1   HG1    sing N N 354 
THR CG2   HG21   sing N N 355 
THR CG2   HG22   sing N N 356 
THR CG2   HG23   sing N N 357 
THR OXT   HXT    sing N N 358 
TRP N     CA     sing N N 359 
TRP N     H      sing N N 360 
TRP N     H2     sing N N 361 
TRP CA    C      sing N N 362 
TRP CA    CB     sing N N 363 
TRP CA    HA     sing N N 364 
TRP C     O      doub N N 365 
TRP C     OXT    sing N N 366 
TRP CB    CG     sing N N 367 
TRP CB    HB2    sing N N 368 
TRP CB    HB3    sing N N 369 
TRP CG    CD1    doub Y N 370 
TRP CG    CD2    sing Y N 371 
TRP CD1   NE1    sing Y N 372 
TRP CD1   HD1    sing N N 373 
TRP CD2   CE2    doub Y N 374 
TRP CD2   CE3    sing Y N 375 
TRP NE1   CE2    sing Y N 376 
TRP NE1   HE1    sing N N 377 
TRP CE2   CZ2    sing Y N 378 
TRP CE3   CZ3    doub Y N 379 
TRP CE3   HE3    sing N N 380 
TRP CZ2   CH2    doub Y N 381 
TRP CZ2   HZ2    sing N N 382 
TRP CZ3   CH2    sing Y N 383 
TRP CZ3   HZ3    sing N N 384 
TRP CH2   HH2    sing N N 385 
TRP OXT   HXT    sing N N 386 
TYR N     CA     sing N N 387 
TYR N     H      sing N N 388 
TYR N     H2     sing N N 389 
TYR CA    C      sing N N 390 
TYR CA    CB     sing N N 391 
TYR CA    HA     sing N N 392 
TYR C     O      doub N N 393 
TYR C     OXT    sing N N 394 
TYR CB    CG     sing N N 395 
TYR CB    HB2    sing N N 396 
TYR CB    HB3    sing N N 397 
TYR CG    CD1    doub Y N 398 
TYR CG    CD2    sing Y N 399 
TYR CD1   CE1    sing Y N 400 
TYR CD1   HD1    sing N N 401 
TYR CD2   CE2    doub Y N 402 
TYR CD2   HD2    sing N N 403 
TYR CE1   CZ     doub Y N 404 
TYR CE1   HE1    sing N N 405 
TYR CE2   CZ     sing Y N 406 
TYR CE2   HE2    sing N N 407 
TYR CZ    OH     sing N N 408 
TYR OH    HH     sing N N 409 
TYR OXT   HXT    sing N N 410 
VAL N     CA     sing N N 411 
VAL N     H      sing N N 412 
VAL N     H2     sing N N 413 
VAL CA    C      sing N N 414 
VAL CA    CB     sing N N 415 
VAL CA    HA     sing N N 416 
VAL C     O      doub N N 417 
VAL C     OXT    sing N N 418 
VAL CB    CG1    sing N N 419 
VAL CB    CG2    sing N N 420 
VAL CB    HB     sing N N 421 
VAL CG1   HG11   sing N N 422 
VAL CG1   HG12   sing N N 423 
VAL CG1   HG13   sing N N 424 
VAL CG2   HG21   sing N N 425 
VAL CG2   HG22   sing N N 426 
VAL CG2   HG23   sing N N 427 
VAL OXT   HXT    sing N N 428 
# 
loop_
_pdbx_entity_nonpoly.entity_id 
_pdbx_entity_nonpoly.name 
_pdbx_entity_nonpoly.comp_id 
2 '1,4-DIETHYLENE DIOXIDE'          DIO 
3 D-MYO-INOSITOL-1,4,5-TRIPHOSPHATE I3P 
4 water                             HOH 
# 
_pdbx_initial_refinement_model.id               1 
_pdbx_initial_refinement_model.entity_id_list   ? 
_pdbx_initial_refinement_model.type             'experimental model' 
_pdbx_initial_refinement_model.source_name      PDB 
_pdbx_initial_refinement_model.accession_code   1EDU 
_pdbx_initial_refinement_model.details          'PDB ENTRY 1EDU' 
# 
